data_9EK7
#
_entry.id   9EK7
#
_cell.length_a   217.587
_cell.length_b   70.528
_cell.length_c   144.227
_cell.angle_alpha   90.000
_cell.angle_beta   104.680
_cell.angle_gamma   90.000
#
_symmetry.space_group_name_H-M   'C 1 2 1'
#
loop_
_entity.id
_entity.type
_entity.pdbx_description
1 polymer 'Major histocompatibility complex class I-related gene protein'
2 polymer 'TCR alpha'
3 polymer 'TCR beta'
4 polymer Beta-2-microglobulin
5 non-polymer 1-(2-deoxy-alpha-D-erythro-pentofuranosyl)-5-methylpyrimidine-2,4(1H,3H)-dione
6 non-polymer GLYCEROL
7 non-polymer 'ACETATE ION'
8 non-polymer 'CHLORIDE ION'
9 non-polymer THYMIDINE
10 non-polymer 'SODIUM ION'
11 water water
#
loop_
_entity_poly.entity_id
_entity_poly.type
_entity_poly.pdbx_seq_one_letter_code
_entity_poly.pdbx_strand_id
1 'polypeptide(L)'
;MRTHSLRYFRLGVSDPIHGVPEFISVGYVDSHPITTYDSVTRQKEPRAPWMAENLAPDHWERYTQLLRGWQQMFKVELKR
LQRHYNHSGSHTYQRMIGCELLEDGSTTGFLQYAYDGQDFLIFNKDTLSWLAVDNVAHTIKQAWEANQHELLYQKNWLEE
ECIAWLKRFLEYGKDTLQRTEPPLVRVNRKETFPGVTALFCKAHGFYPPEIYMTWMKNGEEIVQEIDYGDILPSGDGTYQ
AWASIELDPQSSNLYSCHVEHSGVHMVLQVP
;
A,C
2 'polypeptide(L)'
;MGQNIDQPTEMTATEGAIVQINCTYQTSGFNGLFWYQQHAGEAPTFLSYNVLDGLEEKGRFSSFLSRSKGYSYLLLKELQ
MKDSASYLCAVKDSNYQLIWGAGTKLIIKPDIQNPDPAVYQLRDSKSSDKSVCLFTDFDSQTNVSQSKDSDVYITDKCVL
DMRSMDFKSNSAVAWSNKSDFACANAFNNSIIPEDTFFPSPESS
;
B,D
3 'polypeptide(L)'
;MNAGVTQTPKFQVLKTGQSMTLQCAQDMNHNSMYWYRQDPGMGLRLIYYSASEGTTDKGEVPNGYNVSRLNKREFSLRLE
SAAPSQTSVYFCASSVWTGEGSGELFFGEGSRLTVLEDLKNVFPPEVAVFEPSEAEISHTQKATLVCLATGFYPDHVELS
WWVNGKEVHSGVCTDPQPLKEQPALNDSRYALSSRLRVSATFWQNPRNHFRCQVQFYGLSENDEWTQDRAKPVTQIVSAE
AWGRAD
;
E,G
4 'polypeptide(L)'
;MIQRTPKIQVYSRHPAENGKSNFLNCYVSGFHPSDIEVDLLKNGERIEKVEHSDLSFSKDWSFYLLYYTEFTPTEKDEYA
CRVNHVTLSQPKIVKWDRDM
;
F,H
#
loop_
_chem_comp.id
_chem_comp.type
_chem_comp.name
_chem_comp.formula
ACT non-polymer 'ACETATE ION' 'C2 H3 O2 -1'
CL non-polymer 'CHLORIDE ION' 'Cl -1'
GOL non-polymer GLYCEROL 'C3 H8 O3'
NA non-polymer 'SODIUM ION' 'Na 1'
THM DNA OH 5 prime terminus THYMIDINE 'C10 H14 N2 O5'
YC6 non-polymer 1-(2-deoxy-alpha-D-erythro-pentofuranosyl)-5-methylpyrimidine-2,4(1H,3H)-dione 'C10 H12 N2 O6'
#
# COMPACT_ATOMS: atom_id res chain seq x y z
N MET A 1 -58.28 10.69 30.65
CA MET A 1 -58.57 10.74 29.22
C MET A 1 -59.47 9.58 28.81
N ARG A 2 -59.97 9.65 27.58
CA ARG A 2 -60.68 8.53 26.98
C ARG A 2 -59.67 7.48 26.53
N THR A 3 -60.18 6.38 25.98
CA THR A 3 -59.32 5.37 25.39
C THR A 3 -58.75 5.87 24.07
N HIS A 4 -57.44 5.72 23.89
CA HIS A 4 -56.76 6.13 22.67
C HIS A 4 -55.93 4.97 22.13
N SER A 5 -55.69 4.99 20.82
CA SER A 5 -54.95 3.91 20.18
C SER A 5 -54.01 4.48 19.13
N LEU A 6 -52.93 3.73 18.89
CA LEU A 6 -51.99 4.01 17.82
C LEU A 6 -51.87 2.74 16.98
N ARG A 7 -52.03 2.86 15.67
CA ARG A 7 -51.99 1.70 14.78
CA ARG A 7 -51.99 1.70 14.79
C ARG A 7 -51.23 2.04 13.51
N TYR A 8 -50.46 1.08 13.02
CA TYR A 8 -49.74 1.19 11.76
C TYR A 8 -50.12 0.02 10.87
N PHE A 9 -50.50 0.33 9.64
CA PHE A 9 -50.89 -0.67 8.65
C PHE A 9 -49.85 -0.71 7.53
N ARG A 10 -49.71 -1.88 6.93
CA ARG A 10 -48.92 -2.04 5.71
C ARG A 10 -49.74 -2.84 4.70
N LEU A 11 -49.64 -2.45 3.43
CA LEU A 11 -50.30 -3.16 2.34
C LEU A 11 -49.29 -3.43 1.24
N GLY A 12 -49.18 -4.69 0.84
CA GLY A 12 -48.35 -5.07 -0.29
C GLY A 12 -49.17 -5.79 -1.34
N VAL A 13 -48.96 -5.40 -2.60
CA VAL A 13 -49.69 -5.98 -3.73
C VAL A 13 -48.66 -6.59 -4.68
N SER A 14 -48.90 -7.83 -5.10
CA SER A 14 -47.88 -8.58 -5.83
C SER A 14 -47.76 -8.14 -7.28
N ASP A 15 -48.89 -7.93 -7.97
CA ASP A 15 -48.89 -7.49 -9.36
C ASP A 15 -49.89 -6.37 -9.54
N PRO A 16 -49.57 -5.17 -9.05
CA PRO A 16 -50.50 -4.05 -9.16
C PRO A 16 -50.58 -3.53 -10.59
N ILE A 17 -51.69 -2.83 -10.87
CA ILE A 17 -51.87 -2.21 -12.17
C ILE A 17 -50.94 -1.01 -12.27
N HIS A 18 -50.95 -0.33 -13.43
CA HIS A 18 -49.90 0.63 -13.76
C HIS A 18 -49.75 1.72 -12.70
N GLY A 19 -50.86 2.35 -12.31
CA GLY A 19 -50.77 3.48 -11.39
C GLY A 19 -50.66 3.10 -9.93
N VAL A 20 -51.16 1.93 -9.56
CA VAL A 20 -51.30 1.57 -8.14
C VAL A 20 -49.93 1.24 -7.56
N PRO A 21 -49.61 1.70 -6.34
CA PRO A 21 -48.34 1.33 -5.72
C PRO A 21 -48.36 -0.09 -5.19
N GLU A 22 -47.18 -0.71 -5.16
CA GLU A 22 -47.07 -2.05 -4.63
C GLU A 22 -46.97 -2.08 -3.11
N PHE A 23 -46.62 -0.95 -2.47
CA PHE A 23 -46.46 -0.92 -1.03
C PHE A 23 -46.98 0.39 -0.47
N ILE A 24 -47.76 0.31 0.61
CA ILE A 24 -48.31 1.47 1.31
C ILE A 24 -48.22 1.22 2.80
N SER A 25 -47.83 2.25 3.56
CA SER A 25 -47.84 2.19 5.01
C SER A 25 -48.44 3.48 5.56
N VAL A 26 -49.43 3.35 6.44
CA VAL A 26 -50.13 4.50 7.04
CA VAL A 26 -50.06 4.52 7.05
C VAL A 26 -50.26 4.27 8.53
N GLY A 27 -50.09 5.34 9.32
CA GLY A 27 -50.27 5.29 10.76
C GLY A 27 -51.50 6.07 11.17
N TYR A 28 -52.14 5.62 12.25
CA TYR A 28 -53.34 6.27 12.77
C TYR A 28 -53.22 6.47 14.28
N VAL A 29 -53.68 7.62 14.75
CA VAL A 29 -54.03 7.82 16.15
C VAL A 29 -55.55 7.95 16.21
N ASP A 30 -56.19 6.99 16.86
CA ASP A 30 -57.65 6.85 16.86
C ASP A 30 -58.08 6.70 15.41
N SER A 31 -58.93 7.57 14.87
CA SER A 31 -59.34 7.51 13.49
CA SER A 31 -59.34 7.52 13.48
C SER A 31 -58.60 8.52 12.62
N HIS A 32 -57.57 9.18 13.14
CA HIS A 32 -56.87 10.23 12.42
C HIS A 32 -55.61 9.68 11.78
N PRO A 33 -55.47 9.75 10.45
CA PRO A 33 -54.17 9.43 9.85
C PRO A 33 -53.11 10.42 10.31
N ILE A 34 -51.95 9.89 10.66
CA ILE A 34 -50.84 10.72 11.12
C ILE A 34 -49.66 10.70 10.16
N THR A 35 -49.38 9.57 9.51
CA THR A 35 -48.21 9.44 8.65
C THR A 35 -48.58 8.58 7.45
N THR A 36 -47.77 8.68 6.39
CA THR A 36 -47.99 7.87 5.20
C THR A 36 -46.69 7.68 4.45
N TYR A 37 -46.60 6.54 3.76
CA TYR A 37 -45.48 6.21 2.90
C TYR A 37 -46.00 5.30 1.80
N ASP A 38 -45.44 5.43 0.59
CA ASP A 38 -45.74 4.49 -0.47
C ASP A 38 -44.53 4.32 -1.38
N SER A 39 -44.57 3.24 -2.17
CA SER A 39 -43.47 2.90 -3.06
C SER A 39 -43.36 3.82 -4.27
N VAL A 40 -44.30 4.74 -4.46
CA VAL A 40 -44.21 5.70 -5.55
C VAL A 40 -43.48 6.96 -5.11
N THR A 41 -43.88 7.54 -3.98
CA THR A 41 -43.18 8.71 -3.46
C THR A 41 -41.87 8.34 -2.79
N ARG A 42 -41.80 7.16 -2.17
CA ARG A 42 -40.61 6.71 -1.44
CA ARG A 42 -40.62 6.71 -1.43
C ARG A 42 -40.20 7.74 -0.39
N GLN A 43 -41.18 8.44 0.18
CA GLN A 43 -40.95 9.44 1.22
C GLN A 43 -41.91 9.22 2.37
N LYS A 44 -41.42 9.45 3.59
CA LYS A 44 -42.25 9.42 4.79
C LYS A 44 -42.80 10.82 5.03
N GLU A 45 -44.12 10.95 5.02
CA GLU A 45 -44.75 12.26 5.10
C GLU A 45 -45.82 12.27 6.19
N PRO A 46 -45.99 13.41 6.86
CA PRO A 46 -47.10 13.54 7.80
C PRO A 46 -48.43 13.71 7.09
N ARG A 47 -49.48 13.22 7.73
CA ARG A 47 -50.84 13.39 7.25
C ARG A 47 -51.72 14.15 8.23
N ALA A 48 -51.18 14.56 9.39
CA ALA A 48 -51.85 15.42 10.33
C ALA A 48 -50.99 16.66 10.58
N PRO A 49 -51.60 17.85 10.63
CA PRO A 49 -50.79 19.07 10.81
C PRO A 49 -50.05 19.11 12.12
N TRP A 50 -50.65 18.61 13.20
CA TRP A 50 -49.97 18.59 14.49
C TRP A 50 -48.83 17.57 14.53
N MET A 51 -48.75 16.66 13.55
CA MET A 51 -47.57 15.80 13.44
C MET A 51 -46.44 16.52 12.75
N ALA A 52 -46.74 17.27 11.69
CA ALA A 52 -45.71 17.98 10.94
C ALA A 52 -45.04 19.05 11.81
N GLU A 53 -45.81 19.71 12.66
CA GLU A 53 -45.31 20.85 13.42
C GLU A 53 -44.54 20.45 14.68
N ASN A 54 -44.53 19.17 15.05
CA ASN A 54 -43.88 18.74 16.28
C ASN A 54 -42.74 17.75 16.06
N LEU A 55 -42.49 17.32 14.83
CA LEU A 55 -41.41 16.38 14.53
C LEU A 55 -40.45 17.02 13.54
N ALA A 56 -39.18 17.11 13.93
CA ALA A 56 -38.16 17.75 13.11
C ALA A 56 -37.93 16.95 11.83
N PRO A 57 -37.35 17.59 10.81
CA PRO A 57 -37.10 16.87 9.55
C PRO A 57 -36.23 15.63 9.71
N ASP A 58 -35.39 15.56 10.75
CA ASP A 58 -34.58 14.37 10.97
C ASP A 58 -35.45 13.14 11.23
N HIS A 59 -36.62 13.33 11.85
CA HIS A 59 -37.53 12.20 12.06
C HIS A 59 -38.04 11.65 10.73
N TRP A 60 -38.46 12.54 9.82
CA TRP A 60 -38.99 12.09 8.54
C TRP A 60 -37.88 11.52 7.65
N GLU A 61 -36.67 12.07 7.75
CA GLU A 61 -35.55 11.51 6.99
C GLU A 61 -35.21 10.10 7.45
N ARG A 62 -35.21 9.88 8.76
CA ARG A 62 -34.83 8.57 9.30
C ARG A 62 -35.85 7.50 8.91
N TYR A 63 -37.14 7.79 9.06
CA TYR A 63 -38.15 6.78 8.76
C TYR A 63 -38.38 6.60 7.27
N THR A 64 -38.04 7.60 6.44
CA THR A 64 -38.01 7.39 5.01
C THR A 64 -37.03 6.27 4.65
N GLN A 65 -35.85 6.29 5.26
CA GLN A 65 -34.87 5.22 5.03
C GLN A 65 -35.38 3.90 5.59
N LEU A 66 -35.97 3.92 6.78
CA LEU A 66 -36.48 2.68 7.38
C LEU A 66 -37.59 2.07 6.53
N LEU A 67 -38.53 2.90 6.07
CA LEU A 67 -39.65 2.39 5.29
C LEU A 67 -39.18 1.81 3.96
N ARG A 68 -38.18 2.44 3.34
CA ARG A 68 -37.62 1.87 2.11
C ARG A 68 -37.08 0.46 2.35
N GLY A 69 -36.43 0.25 3.50
CA GLY A 69 -36.01 -1.10 3.84
C GLY A 69 -37.19 -2.02 4.10
N TRP A 70 -38.18 -1.53 4.86
CA TRP A 70 -39.35 -2.34 5.17
C TRP A 70 -40.17 -2.65 3.92
N GLN A 71 -40.20 -1.72 2.95
CA GLN A 71 -40.87 -1.98 1.68
C GLN A 71 -40.29 -3.22 1.00
N GLN A 72 -38.95 -3.29 0.93
CA GLN A 72 -38.30 -4.43 0.29
C GLN A 72 -38.55 -5.71 1.06
N MET A 73 -38.51 -5.65 2.39
CA MET A 73 -38.78 -6.83 3.21
C MET A 73 -40.19 -7.34 2.98
N PHE A 74 -41.15 -6.42 2.88
CA PHE A 74 -42.55 -6.82 2.64
C PHE A 74 -42.69 -7.50 1.29
N LYS A 75 -41.99 -7.00 0.27
CA LYS A 75 -42.02 -7.63 -1.05
C LYS A 75 -41.47 -9.05 -1.00
N VAL A 76 -40.35 -9.24 -0.29
CA VAL A 76 -39.76 -10.57 -0.18
C VAL A 76 -40.70 -11.52 0.52
N GLU A 77 -41.37 -11.05 1.58
CA GLU A 77 -42.29 -11.92 2.31
C GLU A 77 -43.50 -12.30 1.45
N LEU A 78 -44.02 -11.33 0.69
CA LEU A 78 -45.16 -11.61 -0.19
C LEU A 78 -44.78 -12.59 -1.29
N LYS A 79 -43.57 -12.45 -1.84
CA LYS A 79 -43.11 -13.40 -2.85
C LYS A 79 -43.04 -14.82 -2.28
N ARG A 80 -42.60 -14.93 -1.03
CA ARG A 80 -42.51 -16.25 -0.40
C ARG A 80 -43.89 -16.85 -0.16
N LEU A 81 -44.84 -16.04 0.29
CA LEU A 81 -46.18 -16.56 0.58
C LEU A 81 -46.87 -17.03 -0.69
N GLN A 82 -46.86 -16.20 -1.73
CA GLN A 82 -47.58 -16.55 -2.96
C GLN A 82 -46.92 -17.73 -3.67
N ARG A 83 -45.63 -17.93 -3.46
CA ARG A 83 -44.97 -19.11 -4.01
C ARG A 83 -45.38 -20.37 -3.27
N HIS A 84 -45.48 -20.29 -1.94
CA HIS A 84 -45.88 -21.46 -1.15
C HIS A 84 -47.37 -21.74 -1.29
N TYR A 85 -48.19 -20.71 -1.53
CA TYR A 85 -49.59 -20.92 -1.83
C TYR A 85 -49.82 -21.45 -3.24
N ASN A 86 -48.81 -21.34 -4.12
CA ASN A 86 -48.96 -21.70 -5.54
C ASN A 86 -50.09 -20.91 -6.19
N HIS A 87 -50.12 -19.61 -5.90
CA HIS A 87 -51.15 -18.70 -6.39
C HIS A 87 -50.59 -17.85 -7.52
N SER A 88 -51.36 -17.72 -8.59
CA SER A 88 -51.02 -16.82 -9.69
C SER A 88 -51.82 -15.54 -9.57
N GLY A 89 -51.48 -14.57 -10.42
CA GLY A 89 -52.17 -13.30 -10.40
C GLY A 89 -51.68 -12.38 -9.30
N SER A 90 -52.50 -11.38 -9.00
CA SER A 90 -52.18 -10.37 -7.99
C SER A 90 -52.81 -10.75 -6.66
N HIS A 91 -52.02 -10.64 -5.59
CA HIS A 91 -52.48 -10.98 -4.25
C HIS A 91 -51.95 -9.95 -3.26
N THR A 92 -52.63 -9.83 -2.13
CA THR A 92 -52.33 -8.80 -1.15
C THR A 92 -51.74 -9.40 0.12
N TYR A 93 -50.90 -8.61 0.77
CA TYR A 93 -50.28 -8.95 2.04
C TYR A 93 -50.40 -7.73 2.95
N GLN A 94 -50.90 -7.95 4.17
CA GLN A 94 -51.20 -6.85 5.06
C GLN A 94 -50.64 -7.10 6.44
N ARG A 95 -50.26 -6.01 7.10
CA ARG A 95 -49.73 -6.04 8.46
C ARG A 95 -50.43 -4.99 9.29
N MET A 96 -50.73 -5.31 10.54
CA MET A 96 -51.29 -4.34 11.46
C MET A 96 -50.63 -4.50 12.82
N ILE A 97 -50.11 -3.39 13.35
CA ILE A 97 -49.50 -3.36 14.65
C ILE A 97 -50.05 -2.14 15.38
N GLY A 98 -50.11 -2.23 16.71
CA GLY A 98 -50.57 -1.08 17.46
C GLY A 98 -50.80 -1.42 18.92
N CYS A 99 -51.30 -0.41 19.63
CA CYS A 99 -51.52 -0.49 21.06
C CYS A 99 -52.67 0.42 21.45
N GLU A 100 -53.20 0.20 22.65
CA GLU A 100 -54.28 1.00 23.20
C GLU A 100 -53.92 1.41 24.62
N LEU A 101 -54.09 2.69 24.92
CA LEU A 101 -53.99 3.20 26.29
C LEU A 101 -55.42 3.38 26.79
N LEU A 102 -55.88 2.44 27.60
CA LEU A 102 -57.27 2.43 28.03
C LEU A 102 -57.55 3.52 29.07
N GLU A 103 -58.83 3.71 29.36
CA GLU A 103 -59.24 4.80 30.24
C GLU A 103 -58.76 4.60 31.67
N ASP A 104 -58.86 3.37 32.18
CA ASP A 104 -58.46 3.09 33.56
C ASP A 104 -56.94 3.11 33.74
N GLY A 105 -56.17 3.16 32.66
CA GLY A 105 -54.72 3.16 32.73
C GLY A 105 -54.07 1.92 32.20
N SER A 106 -54.83 0.84 32.01
CA SER A 106 -54.26 -0.39 31.47
C SER A 106 -53.97 -0.22 29.98
N THR A 107 -53.23 -1.18 29.43
CA THR A 107 -52.79 -1.13 28.04
C THR A 107 -53.04 -2.45 27.35
N THR A 108 -53.20 -2.39 26.04
CA THR A 108 -53.25 -3.57 25.18
C THR A 108 -52.27 -3.38 24.04
N GLY A 109 -51.89 -4.50 23.42
CA GLY A 109 -50.98 -4.47 22.28
C GLY A 109 -51.26 -5.63 21.37
N PHE A 110 -51.05 -5.43 20.07
CA PHE A 110 -51.45 -6.41 19.08
C PHE A 110 -50.57 -6.29 17.84
N LEU A 111 -50.43 -7.41 17.13
CA LEU A 111 -49.68 -7.49 15.89
C LEU A 111 -50.22 -8.65 15.06
N GLN A 112 -50.65 -8.37 13.84
CA GLN A 112 -51.30 -9.35 12.98
C GLN A 112 -50.86 -9.16 11.53
N TYR A 113 -50.96 -10.25 10.78
CA TYR A 113 -50.71 -10.25 9.33
C TYR A 113 -51.89 -10.88 8.62
N ALA A 114 -52.09 -10.49 7.37
CA ALA A 114 -53.18 -11.03 6.56
C ALA A 114 -52.69 -11.29 5.14
N TYR A 115 -53.26 -12.33 4.53
CA TYR A 115 -53.04 -12.65 3.13
C TYR A 115 -54.38 -12.63 2.43
N ASP A 116 -54.50 -11.83 1.36
CA ASP A 116 -55.76 -11.67 0.62
C ASP A 116 -56.91 -11.28 1.55
N GLY A 117 -56.62 -10.41 2.52
CA GLY A 117 -57.66 -9.88 3.38
C GLY A 117 -58.17 -10.83 4.45
N GLN A 118 -57.51 -11.96 4.67
CA GLN A 118 -57.90 -12.90 5.71
C GLN A 118 -56.76 -13.10 6.68
N ASP A 119 -57.11 -13.31 7.96
CA ASP A 119 -56.11 -13.53 9.00
C ASP A 119 -55.09 -14.57 8.57
N PHE A 120 -53.81 -14.27 8.81
CA PHE A 120 -52.72 -15.15 8.44
C PHE A 120 -51.88 -15.56 9.66
N LEU A 121 -51.30 -14.60 10.37
CA LEU A 121 -50.56 -14.84 11.58
C LEU A 121 -50.96 -13.80 12.63
N ILE A 122 -51.15 -14.25 13.87
CA ILE A 122 -51.57 -13.39 14.96
C ILE A 122 -50.62 -13.61 16.14
N PHE A 123 -50.06 -12.52 16.66
CA PHE A 123 -49.07 -12.59 17.71
C PHE A 123 -49.74 -12.60 19.08
N ASN A 124 -49.23 -13.45 19.97
CA ASN A 124 -49.65 -13.51 21.37
C ASN A 124 -48.44 -13.11 22.20
N LYS A 125 -48.44 -11.86 22.69
CA LYS A 125 -47.29 -11.35 23.43
C LYS A 125 -47.23 -11.85 24.86
N ASP A 126 -48.24 -12.58 25.34
CA ASP A 126 -48.19 -13.15 26.68
C ASP A 126 -47.63 -14.56 26.67
N THR A 127 -47.97 -15.37 25.66
CA THR A 127 -47.36 -16.68 25.50
C THR A 127 -46.15 -16.65 24.57
N LEU A 128 -45.88 -15.52 23.93
CA LEU A 128 -44.73 -15.35 23.04
C LEU A 128 -44.75 -16.40 21.92
N SER A 129 -45.84 -16.37 21.15
CA SER A 129 -46.06 -17.36 20.11
C SER A 129 -46.92 -16.73 19.01
N TRP A 130 -46.94 -17.41 17.86
CA TRP A 130 -47.71 -16.99 16.70
C TRP A 130 -48.79 -18.02 16.41
N LEU A 131 -50.01 -17.53 16.17
CA LEU A 131 -51.13 -18.37 15.79
C LEU A 131 -51.24 -18.42 14.27
N ALA A 132 -51.17 -19.63 13.71
CA ALA A 132 -51.18 -19.84 12.27
C ALA A 132 -52.53 -20.38 11.82
N VAL A 133 -53.05 -19.85 10.73
CA VAL A 133 -54.36 -20.26 10.23
C VAL A 133 -54.29 -21.41 9.22
N ASP A 134 -53.16 -21.61 8.57
CA ASP A 134 -52.99 -22.71 7.63
C ASP A 134 -51.52 -23.14 7.64
N ASN A 135 -51.17 -24.06 6.75
CA ASN A 135 -49.83 -24.65 6.77
C ASN A 135 -48.78 -23.76 6.12
N VAL A 136 -49.17 -22.84 5.24
CA VAL A 136 -48.22 -21.82 4.78
C VAL A 136 -47.82 -20.94 5.96
N ALA A 137 -48.81 -20.50 6.75
CA ALA A 137 -48.51 -19.71 7.94
C ALA A 137 -47.76 -20.54 8.97
N HIS A 138 -48.06 -21.83 9.06
CA HIS A 138 -47.38 -22.70 10.02
C HIS A 138 -45.88 -22.74 9.74
N THR A 139 -45.49 -22.74 8.46
CA THR A 139 -44.08 -22.71 8.12
C THR A 139 -43.43 -21.41 8.58
N ILE A 140 -44.11 -20.28 8.35
CA ILE A 140 -43.59 -18.99 8.80
C ILE A 140 -43.53 -18.96 10.33
N LYS A 141 -44.55 -19.49 10.98
CA LYS A 141 -44.60 -19.50 12.44
C LYS A 141 -43.37 -20.19 13.02
N GLN A 142 -42.99 -21.33 12.46
CA GLN A 142 -41.84 -22.07 12.98
C GLN A 142 -40.54 -21.30 12.79
N ALA A 143 -40.42 -20.57 11.67
CA ALA A 143 -39.22 -19.80 11.43
C ALA A 143 -39.15 -18.58 12.36
N TRP A 144 -40.28 -17.92 12.60
CA TRP A 144 -40.28 -16.76 13.47
C TRP A 144 -40.08 -17.15 14.93
N GLU A 145 -40.64 -18.28 15.34
CA GLU A 145 -40.52 -18.72 16.73
C GLU A 145 -39.16 -19.35 17.04
N ALA A 146 -38.37 -19.70 16.02
CA ALA A 146 -37.01 -20.15 16.26
C ALA A 146 -36.11 -19.01 16.72
N ASN A 147 -36.54 -17.76 16.53
CA ASN A 147 -35.77 -16.59 16.93
C ASN A 147 -36.42 -16.02 18.19
N GLN A 148 -36.03 -16.58 19.33
CA GLN A 148 -36.64 -16.18 20.61
C GLN A 148 -36.43 -14.70 20.89
N HIS A 149 -35.26 -14.16 20.52
CA HIS A 149 -34.96 -12.76 20.81
C HIS A 149 -35.93 -11.83 20.08
N GLU A 150 -36.34 -12.20 18.86
CA GLU A 150 -37.25 -11.36 18.11
C GLU A 150 -38.65 -11.33 18.73
N LEU A 151 -39.07 -12.45 19.33
CA LEU A 151 -40.33 -12.46 20.06
C LEU A 151 -40.27 -11.53 21.27
N LEU A 152 -39.17 -11.58 22.02
CA LEU A 152 -39.01 -10.70 23.18
C LEU A 152 -38.96 -9.24 22.74
N TYR A 153 -38.34 -8.96 21.60
CA TYR A 153 -38.28 -7.59 21.11
C TYR A 153 -39.67 -7.07 20.76
N GLN A 154 -40.49 -7.90 20.11
CA GLN A 154 -41.84 -7.46 19.75
C GLN A 154 -42.69 -7.22 20.99
N LYS A 155 -42.54 -8.06 22.02
CA LYS A 155 -43.27 -7.85 23.25
C LYS A 155 -42.90 -6.52 23.90
N ASN A 156 -41.59 -6.23 23.99
CA ASN A 156 -41.16 -4.98 24.58
C ASN A 156 -41.64 -3.79 23.77
N TRP A 157 -41.63 -3.89 22.44
CA TRP A 157 -42.09 -2.78 21.63
C TRP A 157 -43.58 -2.51 21.83
N LEU A 158 -44.39 -3.58 21.86
CA LEU A 158 -45.82 -3.41 22.00
C LEU A 158 -46.20 -2.85 23.37
N GLU A 159 -45.51 -3.27 24.42
CA GLU A 159 -45.89 -2.90 25.77
C GLU A 159 -45.20 -1.63 26.26
N GLU A 160 -44.04 -1.27 25.72
CA GLU A 160 -43.29 -0.11 26.18
C GLU A 160 -43.16 0.97 25.12
N GLU A 161 -42.63 0.63 23.94
CA GLU A 161 -42.34 1.64 22.93
C GLU A 161 -43.63 2.20 22.31
N CYS A 162 -44.56 1.32 21.95
CA CYS A 162 -45.80 1.76 21.31
C CYS A 162 -46.57 2.71 22.23
N ILE A 163 -46.68 2.36 23.50
CA ILE A 163 -47.41 3.22 24.44
C ILE A 163 -46.69 4.56 24.58
N ALA A 164 -45.36 4.54 24.59
CA ALA A 164 -44.61 5.79 24.69
C ALA A 164 -44.83 6.68 23.48
N TRP A 165 -44.85 6.10 22.28
CA TRP A 165 -45.16 6.88 21.09
C TRP A 165 -46.57 7.45 21.16
N LEU A 166 -47.52 6.63 21.64
CA LEU A 166 -48.92 7.08 21.71
C LEU A 166 -49.07 8.30 22.61
N LYS A 167 -48.48 8.25 23.81
CA LYS A 167 -48.57 9.39 24.72
C LYS A 167 -47.94 10.63 24.10
N ARG A 168 -46.84 10.45 23.37
CA ARG A 168 -46.19 11.58 22.70
C ARG A 168 -47.11 12.21 21.66
N PHE A 169 -47.67 11.38 20.77
CA PHE A 169 -48.58 11.91 19.75
C PHE A 169 -49.87 12.45 20.38
N LEU A 170 -50.29 11.87 21.50
CA LEU A 170 -51.49 12.36 22.18
CA LEU A 170 -51.49 12.36 22.18
C LEU A 170 -51.30 13.79 22.67
N GLU A 171 -50.09 14.12 23.10
CA GLU A 171 -49.81 15.50 23.54
C GLU A 171 -49.73 16.43 22.34
N TYR A 172 -49.11 15.98 21.25
CA TYR A 172 -48.98 16.81 20.05
C TYR A 172 -50.35 17.26 19.55
N GLY A 173 -51.30 16.33 19.45
CA GLY A 173 -52.60 16.66 18.89
C GLY A 173 -53.72 16.72 19.90
N LYS A 174 -53.43 17.19 21.12
CA LYS A 174 -54.44 17.19 22.17
C LYS A 174 -55.61 18.10 21.85
N ASP A 175 -55.37 19.20 21.11
CA ASP A 175 -56.46 20.08 20.72
C ASP A 175 -57.48 19.36 19.86
N THR A 176 -57.04 18.38 19.06
CA THR A 176 -57.92 17.61 18.20
C THR A 176 -58.43 16.35 18.88
N LEU A 177 -57.52 15.58 19.49
CA LEU A 177 -57.85 14.23 19.95
C LEU A 177 -58.62 14.24 21.27
N GLN A 178 -58.37 15.21 22.14
CA GLN A 178 -58.95 15.22 23.48
C GLN A 178 -60.14 16.18 23.60
N ARG A 179 -60.65 16.70 22.49
CA ARG A 179 -61.78 17.61 22.52
C ARG A 179 -63.09 16.83 22.50
N THR A 180 -64.19 17.54 22.74
CA THR A 180 -65.51 16.94 22.74
C THR A 180 -66.48 17.88 22.06
N GLU A 181 -67.19 17.36 21.07
CA GLU A 181 -68.31 18.08 20.44
C GLU A 181 -69.56 17.25 20.63
N PRO A 182 -70.53 17.70 21.43
CA PRO A 182 -71.70 16.87 21.70
C PRO A 182 -72.56 16.73 20.46
N PRO A 183 -73.29 15.63 20.32
CA PRO A 183 -74.14 15.45 19.14
C PRO A 183 -75.43 16.26 19.22
N LEU A 184 -75.98 16.52 18.05
CA LEU A 184 -77.33 17.04 17.89
C LEU A 184 -78.23 15.90 17.45
N VAL A 185 -79.26 15.61 18.24
CA VAL A 185 -80.09 14.42 18.06
C VAL A 185 -81.51 14.84 17.75
N ARG A 186 -82.12 14.15 16.77
CA ARG A 186 -83.50 14.41 16.37
C ARG A 186 -84.15 13.08 16.02
N VAL A 187 -85.49 13.11 15.95
CA VAL A 187 -86.29 11.93 15.66
C VAL A 187 -87.23 12.26 14.50
N ASN A 188 -87.26 11.38 13.50
CA ASN A 188 -88.10 11.53 12.33
C ASN A 188 -88.99 10.30 12.17
N ARG A 189 -90.01 10.45 11.32
CA ARG A 189 -90.91 9.37 10.96
C ARG A 189 -90.82 9.12 9.47
N LYS A 190 -90.70 7.85 9.08
CA LYS A 190 -90.60 7.48 7.68
C LYS A 190 -91.30 6.14 7.48
N GLU A 191 -92.01 6.01 6.36
CA GLU A 191 -92.74 4.79 6.03
C GLU A 191 -91.85 3.90 5.17
N THR A 192 -91.11 3.02 5.81
CA THR A 192 -90.21 2.10 5.11
C THR A 192 -90.90 0.78 4.82
N THR A 197 -94.16 2.05 8.74
CA THR A 197 -93.59 3.27 9.33
C THR A 197 -92.58 2.93 10.42
N ALA A 198 -91.46 3.66 10.43
CA ALA A 198 -90.38 3.41 11.37
C ALA A 198 -89.90 4.73 11.96
N LEU A 199 -89.41 4.65 13.20
CA LEU A 199 -88.86 5.81 13.89
C LEU A 199 -87.35 5.86 13.65
N PHE A 200 -86.86 6.99 13.17
CA PHE A 200 -85.45 7.20 12.91
C PHE A 200 -84.88 8.16 13.95
N CYS A 201 -83.86 7.72 14.68
CA CYS A 201 -83.11 8.56 15.59
C CYS A 201 -81.80 8.93 14.90
N LYS A 202 -81.54 10.23 14.76
CA LYS A 202 -80.40 10.72 13.98
C LYS A 202 -79.55 11.64 14.84
N ALA A 203 -78.24 11.41 14.83
CA ALA A 203 -77.29 12.28 15.50
C ALA A 203 -76.23 12.73 14.49
N HIS A 204 -75.72 13.95 14.69
CA HIS A 204 -74.69 14.47 13.80
C HIS A 204 -73.88 15.53 14.54
N GLY A 205 -72.73 15.87 13.98
CA GLY A 205 -71.89 16.94 14.49
C GLY A 205 -71.08 16.61 15.72
N PHE A 206 -70.85 15.34 16.02
CA PHE A 206 -70.18 14.96 17.25
C PHE A 206 -68.77 14.45 17.00
N TYR A 207 -67.94 14.57 18.04
CA TYR A 207 -66.59 14.03 18.13
C TYR A 207 -66.34 13.75 19.60
N PRO A 208 -65.69 12.61 19.94
CA PRO A 208 -65.15 11.54 19.08
C PRO A 208 -66.23 10.72 18.37
N PRO A 209 -65.83 9.94 17.36
CA PRO A 209 -66.84 9.16 16.62
C PRO A 209 -67.53 8.09 17.45
N GLU A 210 -66.95 7.67 18.57
CA GLU A 210 -67.56 6.63 19.39
C GLU A 210 -68.86 7.14 20.00
N ILE A 211 -69.96 6.44 19.71
CA ILE A 211 -71.28 6.83 20.18
C ILE A 211 -72.16 5.59 20.19
N TYR A 212 -73.12 5.56 21.11
CA TYR A 212 -74.04 4.44 21.25
C TYR A 212 -75.47 4.95 21.16
N MET A 213 -76.19 4.48 20.15
CA MET A 213 -77.59 4.85 19.94
C MET A 213 -78.45 3.60 19.92
N THR A 214 -79.46 3.56 20.78
CA THR A 214 -80.39 2.43 20.84
C THR A 214 -81.81 2.95 20.99
N TRP A 215 -82.76 2.06 20.69
CA TRP A 215 -84.17 2.33 20.89
C TRP A 215 -84.69 1.51 22.06
N MET A 216 -85.62 2.09 22.82
CA MET A 216 -86.21 1.42 23.96
C MET A 216 -87.73 1.43 23.82
N LYS A 217 -88.35 0.29 24.09
CA LYS A 217 -89.80 0.14 24.03
C LYS A 217 -90.31 -0.09 25.46
N ASN A 218 -91.01 0.91 26.00
CA ASN A 218 -91.60 0.83 27.33
C ASN A 218 -90.54 0.56 28.40
N GLY A 219 -89.45 1.32 28.33
CA GLY A 219 -88.36 1.17 29.28
C GLY A 219 -87.52 -0.07 29.12
N GLU A 220 -87.79 -0.90 28.11
CA GLU A 220 -87.03 -2.11 27.86
C GLU A 220 -86.40 -2.06 26.47
N GLU A 221 -85.15 -2.49 26.39
CA GLU A 221 -84.42 -2.50 25.12
C GLU A 221 -84.35 -3.93 24.59
N ILE A 222 -84.65 -4.08 23.31
CA ILE A 222 -84.57 -5.37 22.63
C ILE A 222 -83.86 -5.12 21.30
N VAL A 223 -82.62 -5.58 21.19
CA VAL A 223 -81.77 -5.24 20.05
C VAL A 223 -82.12 -5.98 18.78
N GLN A 224 -83.10 -6.90 18.83
CA GLN A 224 -83.44 -7.65 17.63
C GLN A 224 -84.12 -6.77 16.59
N GLU A 225 -85.03 -5.90 17.02
CA GLU A 225 -85.77 -5.05 16.09
C GLU A 225 -85.00 -3.82 15.66
N ILE A 226 -84.02 -3.38 16.45
CA ILE A 226 -83.31 -2.14 16.16
C ILE A 226 -82.42 -2.35 14.94
N ASP A 227 -82.49 -1.42 13.99
CA ASP A 227 -81.59 -1.39 12.84
C ASP A 227 -80.53 -0.32 13.10
N TYR A 228 -79.28 -0.74 13.21
CA TYR A 228 -78.18 0.14 13.57
C TYR A 228 -77.48 0.65 12.31
N GLY A 229 -77.33 1.96 12.22
CA GLY A 229 -76.58 2.56 11.14
C GLY A 229 -75.11 2.73 11.49
N ASP A 230 -74.28 2.85 10.45
CA ASP A 230 -72.85 3.01 10.65
C ASP A 230 -72.52 4.43 11.06
N ILE A 231 -71.46 4.57 11.85
CA ILE A 231 -70.93 5.89 12.19
C ILE A 231 -70.13 6.41 11.00
N LEU A 232 -70.59 7.52 10.43
CA LEU A 232 -70.05 7.99 9.16
C LEU A 232 -69.38 9.36 9.31
N PRO A 233 -68.28 9.59 8.61
CA PRO A 233 -67.63 10.90 8.66
C PRO A 233 -68.40 11.93 7.85
N SER A 234 -68.60 13.11 8.43
CA SER A 234 -69.31 14.17 7.73
C SER A 234 -68.41 14.96 6.79
N GLY A 235 -67.10 14.92 6.98
CA GLY A 235 -66.16 15.62 6.14
C GLY A 235 -65.52 16.83 6.78
N ASP A 236 -66.07 17.34 7.88
CA ASP A 236 -65.53 18.51 8.58
C ASP A 236 -64.84 18.14 9.88
N GLY A 237 -64.52 16.86 10.07
CA GLY A 237 -63.94 16.39 11.31
C GLY A 237 -64.92 15.85 12.32
N THR A 238 -66.22 15.96 12.06
CA THR A 238 -67.25 15.41 12.93
C THR A 238 -67.93 14.23 12.22
N TYR A 239 -68.81 13.56 12.96
CA TYR A 239 -69.40 12.31 12.51
C TYR A 239 -70.91 12.35 12.72
N GLN A 240 -71.60 11.41 12.07
CA GLN A 240 -73.05 11.28 12.17
C GLN A 240 -73.41 9.81 12.20
N ALA A 241 -74.56 9.51 12.81
CA ALA A 241 -75.04 8.14 12.92
C ALA A 241 -76.54 8.16 13.06
N TRP A 242 -77.14 6.97 13.01
CA TRP A 242 -78.58 6.84 13.14
C TRP A 242 -78.92 5.44 13.58
N ALA A 243 -80.17 5.26 14.01
CA ALA A 243 -80.72 3.97 14.38
C ALA A 243 -82.23 4.02 14.21
N SER A 244 -82.80 2.97 13.64
CA SER A 244 -84.22 2.93 13.33
C SER A 244 -84.87 1.72 13.97
N ILE A 245 -86.17 1.87 14.28
CA ILE A 245 -86.98 0.79 14.79
C ILE A 245 -88.38 0.92 14.18
N GLU A 246 -89.01 -0.22 13.92
CA GLU A 246 -90.32 -0.23 13.27
C GLU A 246 -91.43 -0.16 14.29
N LEU A 247 -92.46 0.62 13.97
CA LEU A 247 -93.57 0.88 14.87
C LEU A 247 -94.62 -0.21 14.77
N ASP A 248 -95.24 -0.52 15.92
CA ASP A 248 -96.32 -1.49 15.99
C ASP A 248 -97.66 -0.76 15.92
N PRO A 249 -98.36 -0.81 14.78
CA PRO A 249 -99.65 -0.11 14.67
C PRO A 249 -100.80 -0.81 15.35
N GLN A 250 -100.58 -2.00 15.91
CA GLN A 250 -101.64 -2.76 16.57
C GLN A 250 -101.71 -2.52 18.07
N SER A 251 -100.72 -1.85 18.66
CA SER A 251 -100.71 -1.58 20.08
C SER A 251 -99.93 -0.31 20.36
N SER A 252 -100.33 0.38 21.43
CA SER A 252 -99.65 1.61 21.83
C SER A 252 -98.43 1.28 22.68
N ASN A 253 -97.31 1.93 22.37
CA ASN A 253 -96.07 1.72 23.10
C ASN A 253 -95.30 3.04 23.16
N LEU A 254 -94.58 3.23 24.27
CA LEU A 254 -93.77 4.42 24.47
C LEU A 254 -92.36 4.13 23.98
N TYR A 255 -91.97 4.75 22.87
CA TYR A 255 -90.64 4.58 22.29
C TYR A 255 -89.75 5.76 22.68
N SER A 256 -88.48 5.46 22.93
CA SER A 256 -87.52 6.49 23.30
C SER A 256 -86.15 6.14 22.72
N CYS A 257 -85.44 7.15 22.23
CA CYS A 257 -84.09 6.98 21.72
C CYS A 257 -83.10 7.33 22.82
N HIS A 258 -82.09 6.48 23.00
CA HIS A 258 -81.05 6.68 24.00
C HIS A 258 -79.72 6.85 23.29
N VAL A 259 -79.00 7.92 23.64
CA VAL A 259 -77.73 8.27 23.01
C VAL A 259 -76.71 8.52 24.11
N GLU A 260 -75.61 7.78 24.09
CA GLU A 260 -74.50 7.97 25.01
C GLU A 260 -73.28 8.42 24.23
N HIS A 261 -72.62 9.47 24.72
CA HIS A 261 -71.46 10.02 24.03
C HIS A 261 -70.60 10.76 25.04
N SER A 262 -69.36 10.30 25.24
CA SER A 262 -68.36 10.99 26.06
C SER A 262 -68.87 11.25 27.48
N GLY A 263 -69.43 10.21 28.09
CA GLY A 263 -69.89 10.31 29.46
C GLY A 263 -71.16 11.10 29.68
N VAL A 264 -71.96 11.31 28.64
CA VAL A 264 -73.23 12.01 28.76
C VAL A 264 -74.31 11.17 28.10
N HIS A 265 -75.40 10.94 28.82
CA HIS A 265 -76.53 10.16 28.32
CA HIS A 265 -76.53 10.16 28.33
C HIS A 265 -77.66 11.09 27.91
N MET A 266 -78.36 10.74 26.84
CA MET A 266 -79.42 11.55 26.29
C MET A 266 -80.62 10.68 25.95
N VAL A 267 -81.81 11.15 26.28
CA VAL A 267 -83.06 10.43 26.04
C VAL A 267 -84.02 11.35 25.30
N LEU A 268 -84.55 10.87 24.18
CA LEU A 268 -85.59 11.57 23.43
C LEU A 268 -86.83 10.70 23.40
N GLN A 269 -87.86 11.12 24.12
CA GLN A 269 -89.12 10.38 24.18
C GLN A 269 -90.01 10.77 23.01
N VAL A 270 -90.67 9.76 22.43
CA VAL A 270 -91.58 10.00 21.32
C VAL A 270 -93.02 9.98 21.80
N GLY B 2 -28.51 14.55 26.45
CA GLY B 2 -28.64 13.74 25.25
C GLY B 2 -28.59 12.25 25.53
N GLN B 3 -28.29 11.45 24.51
CA GLN B 3 -28.16 10.02 24.66
C GLN B 3 -26.74 9.66 25.06
N ASN B 4 -26.63 8.75 26.03
CA ASN B 4 -25.35 8.48 26.67
C ASN B 4 -25.26 7.02 27.06
N ILE B 5 -24.10 6.42 26.80
CA ILE B 5 -23.75 5.09 27.28
C ILE B 5 -22.45 5.22 28.06
N ASP B 6 -22.36 4.50 29.18
CA ASP B 6 -21.17 4.57 30.01
C ASP B 6 -20.77 3.18 30.48
N GLN B 7 -19.48 2.87 30.34
CA GLN B 7 -18.90 1.63 30.83
C GLN B 7 -17.47 1.93 31.24
N PRO B 8 -16.91 1.17 32.18
CA PRO B 8 -15.54 1.45 32.64
C PRO B 8 -14.53 1.31 31.51
N THR B 9 -13.45 2.07 31.62
CA THR B 9 -12.42 2.07 30.58
C THR B 9 -11.66 0.75 30.58
N GLU B 10 -11.34 0.22 31.76
CA GLU B 10 -10.43 -0.91 31.87
C GLU B 10 -10.74 -1.69 33.13
N MET B 11 -10.64 -3.02 33.05
CA MET B 11 -10.77 -3.88 34.20
C MET B 11 -9.69 -4.95 34.16
N THR B 12 -9.15 -5.29 35.33
CA THR B 12 -8.13 -6.32 35.46
C THR B 12 -8.60 -7.37 36.46
N ALA B 13 -8.56 -8.64 36.04
CA ALA B 13 -8.92 -9.75 36.90
C ALA B 13 -7.95 -10.90 36.67
N THR B 14 -8.04 -11.89 37.55
CA THR B 14 -7.12 -13.02 37.53
C THR B 14 -7.74 -14.20 36.78
N GLU B 15 -6.89 -14.93 36.06
CA GLU B 15 -7.32 -16.13 35.35
C GLU B 15 -8.04 -17.08 36.29
N GLY B 16 -9.18 -17.60 35.83
CA GLY B 16 -10.00 -18.50 36.61
C GLY B 16 -11.05 -17.81 37.46
N ALA B 17 -10.96 -16.50 37.66
CA ALA B 17 -11.89 -15.78 38.51
C ALA B 17 -13.14 -15.39 37.72
N ILE B 18 -13.98 -14.54 38.31
CA ILE B 18 -15.21 -14.06 37.70
C ILE B 18 -15.13 -12.55 37.61
N VAL B 19 -15.62 -11.99 36.50
CA VAL B 19 -15.60 -10.55 36.28
C VAL B 19 -16.95 -10.11 35.74
N GLN B 20 -17.40 -8.93 36.17
CA GLN B 20 -18.69 -8.37 35.79
C GLN B 20 -18.46 -7.01 35.17
N ILE B 21 -18.80 -6.86 33.90
CA ILE B 21 -18.58 -5.62 33.16
C ILE B 21 -19.90 -4.86 33.07
N ASN B 22 -19.93 -3.66 33.64
CA ASN B 22 -21.15 -2.88 33.75
C ASN B 22 -21.35 -1.97 32.55
N CYS B 23 -22.61 -1.68 32.26
CA CYS B 23 -22.99 -0.76 31.18
C CYS B 23 -24.28 -0.07 31.61
N THR B 24 -24.23 1.25 31.76
CA THR B 24 -25.42 2.05 32.02
C THR B 24 -25.71 2.93 30.81
N TYR B 25 -26.99 3.23 30.60
CA TYR B 25 -27.42 3.95 29.42
C TYR B 25 -28.56 4.90 29.75
N GLN B 26 -28.54 6.07 29.12
CA GLN B 26 -29.67 7.01 29.13
C GLN B 26 -29.97 7.33 27.68
N THR B 27 -31.10 6.83 27.18
CA THR B 27 -31.41 6.91 25.76
C THR B 27 -32.84 7.38 25.56
N SER B 28 -33.14 7.77 24.33
CA SER B 28 -34.49 8.11 23.90
C SER B 28 -35.16 6.82 23.46
N GLY B 29 -35.88 6.19 24.39
CA GLY B 29 -36.48 4.90 24.15
C GLY B 29 -35.46 3.76 24.21
N PHE B 30 -35.98 2.54 24.12
CA PHE B 30 -35.14 1.35 24.28
C PHE B 30 -35.70 0.22 23.42
N ASN B 31 -34.85 -0.35 22.55
CA ASN B 31 -35.24 -1.48 21.72
C ASN B 31 -34.25 -2.64 21.84
N GLY B 32 -33.43 -2.63 22.89
CA GLY B 32 -32.52 -3.74 23.14
C GLY B 32 -31.10 -3.29 23.40
N LEU B 33 -30.34 -4.17 24.07
CA LEU B 33 -28.95 -3.90 24.43
C LEU B 33 -28.09 -5.06 23.94
N PHE B 34 -27.04 -4.73 23.20
CA PHE B 34 -26.12 -5.71 22.64
C PHE B 34 -24.78 -5.64 23.37
N TRP B 35 -24.13 -6.80 23.50
CA TRP B 35 -22.74 -6.87 23.92
C TRP B 35 -21.90 -7.43 22.77
N TYR B 36 -20.76 -6.81 22.53
CA TYR B 36 -19.83 -7.24 21.50
C TYR B 36 -18.45 -7.45 22.11
N GLN B 37 -17.73 -8.42 21.57
CA GLN B 37 -16.35 -8.68 21.93
C GLN B 37 -15.44 -8.25 20.79
N GLN B 38 -14.33 -7.60 21.11
CA GLN B 38 -13.38 -7.14 20.10
C GLN B 38 -11.97 -7.38 20.61
N HIS B 39 -11.31 -8.40 20.08
CA HIS B 39 -9.90 -8.60 20.35
C HIS B 39 -9.08 -7.50 19.69
N ALA B 40 -7.89 -7.27 20.24
CA ALA B 40 -7.00 -6.23 19.73
C ALA B 40 -6.73 -6.43 18.25
N GLY B 41 -6.88 -5.35 17.48
CA GLY B 41 -6.63 -5.38 16.06
C GLY B 41 -7.58 -6.23 15.26
N GLU B 42 -8.73 -6.59 15.81
CA GLU B 42 -9.69 -7.44 15.13
C GLU B 42 -11.07 -6.78 15.15
N ALA B 43 -12.03 -7.45 14.53
CA ALA B 43 -13.40 -6.98 14.34
C ALA B 43 -14.26 -7.32 15.56
N PRO B 44 -15.18 -6.44 15.94
CA PRO B 44 -16.14 -6.78 16.99
C PRO B 44 -17.02 -7.94 16.53
N THR B 45 -17.32 -8.83 17.48
CA THR B 45 -18.19 -9.97 17.22
C THR B 45 -19.33 -9.99 18.22
N PHE B 46 -20.51 -10.39 17.76
CA PHE B 46 -21.71 -10.38 18.58
C PHE B 46 -21.61 -11.40 19.70
N LEU B 47 -21.96 -10.97 20.92
CA LEU B 47 -21.99 -11.84 22.09
C LEU B 47 -23.40 -12.13 22.57
N SER B 48 -24.20 -11.10 22.83
CA SER B 48 -25.49 -11.32 23.47
C SER B 48 -26.41 -10.14 23.22
N TYR B 49 -27.69 -10.33 23.57
CA TYR B 49 -28.72 -9.34 23.34
C TYR B 49 -29.80 -9.50 24.41
N ASN B 50 -30.24 -8.38 24.99
CA ASN B 50 -31.31 -8.37 25.99
C ASN B 50 -32.30 -7.25 25.68
N VAL B 51 -33.59 -7.56 25.82
CA VAL B 51 -34.66 -6.55 25.75
C VAL B 51 -35.48 -6.51 27.02
N LEU B 52 -35.87 -7.67 27.54
CA LEU B 52 -36.64 -7.72 28.77
C LEU B 52 -35.71 -7.91 29.96
N ASP B 53 -36.25 -7.69 31.15
CA ASP B 53 -35.46 -7.80 32.36
C ASP B 53 -35.10 -9.25 32.66
N GLY B 54 -33.94 -9.44 33.26
CA GLY B 54 -33.52 -10.75 33.71
C GLY B 54 -32.13 -11.11 33.23
N LEU B 55 -31.71 -12.32 33.59
CA LEU B 55 -30.39 -12.85 33.27
C LEU B 55 -30.51 -13.92 32.20
N GLU B 56 -29.74 -13.78 31.13
CA GLU B 56 -29.68 -14.78 30.07
C GLU B 56 -28.27 -15.36 30.04
N GLU B 57 -28.18 -16.69 29.98
CA GLU B 57 -26.91 -17.39 30.05
CA GLU B 57 -26.92 -17.40 30.05
C GLU B 57 -26.54 -17.95 28.68
N LYS B 58 -25.22 -18.05 28.45
CA LYS B 58 -24.70 -18.48 27.16
C LYS B 58 -23.28 -18.99 27.30
N GLY B 59 -23.11 -20.25 27.69
CA GLY B 59 -21.79 -20.77 27.95
C GLY B 59 -21.21 -20.16 29.22
N ARG B 60 -19.92 -19.79 29.16
CA ARG B 60 -19.29 -19.13 30.29
C ARG B 60 -19.74 -17.69 30.47
N PHE B 61 -20.49 -17.14 29.51
CA PHE B 61 -20.91 -15.75 29.56
C PHE B 61 -22.40 -15.67 29.90
N SER B 62 -22.77 -14.60 30.59
CA SER B 62 -24.16 -14.32 30.92
CA SER B 62 -24.16 -14.32 30.88
C SER B 62 -24.39 -12.82 30.84
N SER B 63 -25.56 -12.42 30.37
CA SER B 63 -25.92 -11.02 30.23
CA SER B 63 -25.92 -11.02 30.23
C SER B 63 -27.18 -10.74 31.03
N PHE B 64 -27.15 -9.65 31.80
CA PHE B 64 -28.27 -9.23 32.65
C PHE B 64 -28.74 -7.86 32.22
N LEU B 65 -30.05 -7.63 32.32
CA LEU B 65 -30.64 -6.35 31.97
C LEU B 65 -31.65 -5.92 33.00
N SER B 66 -31.62 -4.63 33.37
CA SER B 66 -32.64 -4.00 34.18
C SER B 66 -33.09 -2.73 33.45
N ARG B 67 -34.30 -2.77 32.88
CA ARG B 67 -34.78 -1.62 32.11
C ARG B 67 -35.10 -0.44 33.01
N SER B 68 -35.64 -0.71 34.20
CA SER B 68 -36.00 0.39 35.10
C SER B 68 -34.77 1.12 35.62
N LYS B 69 -33.70 0.37 35.93
CA LYS B 69 -32.45 0.99 36.35
C LYS B 69 -31.59 1.46 35.19
N GLY B 70 -31.90 1.05 33.96
CA GLY B 70 -31.13 1.44 32.81
C GLY B 70 -29.69 0.98 32.87
N TYR B 71 -29.48 -0.29 33.22
CA TYR B 71 -28.13 -0.81 33.34
C TYR B 71 -28.12 -2.29 33.00
N SER B 72 -26.97 -2.73 32.49
CA SER B 72 -26.75 -4.11 32.11
C SER B 72 -25.34 -4.50 32.52
N TYR B 73 -25.13 -5.79 32.74
CA TYR B 73 -23.77 -6.29 32.94
C TYR B 73 -23.55 -7.56 32.13
N LEU B 74 -22.30 -7.73 31.70
CA LEU B 74 -21.83 -8.95 31.06
C LEU B 74 -20.97 -9.69 32.06
N LEU B 75 -21.33 -10.93 32.36
CA LEU B 75 -20.67 -11.72 33.40
C LEU B 75 -19.84 -12.81 32.74
N LEU B 76 -18.53 -12.78 32.97
CA LEU B 76 -17.60 -13.78 32.45
C LEU B 76 -17.11 -14.64 33.60
N LYS B 77 -17.41 -15.93 33.53
CA LYS B 77 -16.99 -16.89 34.56
C LYS B 77 -15.79 -17.70 34.07
N GLU B 78 -15.00 -18.18 35.03
CA GLU B 78 -13.86 -19.05 34.77
C GLU B 78 -12.94 -18.44 33.71
N LEU B 79 -12.41 -17.27 34.04
CA LEU B 79 -11.67 -16.47 33.06
C LEU B 79 -10.47 -17.23 32.52
N GLN B 80 -10.27 -17.11 31.21
CA GLN B 80 -9.11 -17.65 30.52
C GLN B 80 -8.37 -16.51 29.84
N MET B 81 -7.13 -16.79 29.42
CA MET B 81 -6.34 -15.77 28.72
C MET B 81 -7.02 -15.33 27.44
N LYS B 82 -7.74 -16.25 26.76
CA LYS B 82 -8.41 -15.91 25.52
C LYS B 82 -9.51 -14.86 25.71
N ASP B 83 -9.93 -14.61 26.95
CA ASP B 83 -10.96 -13.61 27.23
C ASP B 83 -10.42 -12.19 27.22
N SER B 84 -9.10 -12.02 27.20
CA SER B 84 -8.52 -10.68 27.12
C SER B 84 -8.93 -10.00 25.83
N ALA B 85 -9.69 -8.91 25.95
CA ALA B 85 -10.27 -8.22 24.81
C ALA B 85 -10.98 -6.96 25.29
N SER B 86 -11.54 -6.21 24.35
CA SER B 86 -12.45 -5.12 24.68
C SER B 86 -13.88 -5.61 24.52
N TYR B 87 -14.75 -5.17 25.42
CA TYR B 87 -16.16 -5.56 25.41
C TYR B 87 -17.00 -4.30 25.23
N LEU B 88 -17.77 -4.26 24.15
CA LEU B 88 -18.52 -3.09 23.73
C LEU B 88 -20.00 -3.31 23.99
N CYS B 89 -20.64 -2.36 24.66
CA CYS B 89 -22.07 -2.37 24.92
CA CYS B 89 -22.07 -2.40 24.88
C CYS B 89 -22.74 -1.32 24.03
N ALA B 90 -23.90 -1.68 23.47
CA ALA B 90 -24.60 -0.78 22.56
C ALA B 90 -26.11 -0.94 22.74
N VAL B 91 -26.82 0.18 22.59
CA VAL B 91 -28.26 0.22 22.84
C VAL B 91 -28.96 0.78 21.60
N LYS B 92 -30.05 0.12 21.19
CA LYS B 92 -30.89 0.65 20.13
C LYS B 92 -31.93 1.60 20.72
N ASP B 93 -32.04 2.80 20.16
CA ASP B 93 -32.96 3.79 20.68
C ASP B 93 -34.33 3.63 20.00
N SER B 94 -35.21 4.62 20.19
CA SER B 94 -36.57 4.52 19.66
C SER B 94 -36.59 4.44 18.15
N ASN B 95 -35.60 5.02 17.48
CA ASN B 95 -35.52 5.00 16.03
C ASN B 95 -34.55 3.95 15.52
N TYR B 96 -34.26 2.93 16.34
CA TYR B 96 -33.44 1.78 15.96
C TYR B 96 -32.02 2.18 15.57
N GLN B 97 -31.53 3.27 16.17
CA GLN B 97 -30.15 3.69 15.98
C GLN B 97 -29.31 3.19 17.14
N LEU B 98 -28.15 2.63 16.84
CA LEU B 98 -27.27 2.09 17.87
C LEU B 98 -26.43 3.20 18.48
N ILE B 99 -26.43 3.27 19.81
CA ILE B 99 -25.54 4.15 20.55
C ILE B 99 -24.51 3.28 21.24
N TRP B 100 -23.24 3.52 20.92
CA TRP B 100 -22.14 2.64 21.33
C TRP B 100 -21.44 3.20 22.56
N GLY B 101 -21.18 2.33 23.53
CA GLY B 101 -20.28 2.67 24.61
C GLY B 101 -18.83 2.64 24.17
N ALA B 102 -17.99 3.34 24.94
CA ALA B 102 -16.57 3.44 24.58
C ALA B 102 -15.82 2.12 24.71
N GLY B 103 -16.42 1.12 25.33
CA GLY B 103 -15.76 -0.17 25.45
C GLY B 103 -14.99 -0.31 26.74
N THR B 104 -14.87 -1.55 27.20
CA THR B 104 -14.11 -1.89 28.40
C THR B 104 -13.02 -2.87 28.02
N LYS B 105 -11.77 -2.49 28.25
CA LYS B 105 -10.64 -3.38 28.01
C LYS B 105 -10.46 -4.30 29.20
N LEU B 106 -10.54 -5.60 28.96
CA LEU B 106 -10.38 -6.61 30.01
C LEU B 106 -8.98 -7.19 29.95
N ILE B 107 -8.22 -7.03 31.02
CA ILE B 107 -6.87 -7.56 31.14
C ILE B 107 -6.90 -8.72 32.13
N ILE B 108 -6.38 -9.87 31.71
CA ILE B 108 -6.40 -11.09 32.51
C ILE B 108 -4.98 -11.38 32.99
N LYS B 109 -4.82 -11.51 34.30
CA LYS B 109 -3.52 -11.87 34.86
C LYS B 109 -3.40 -13.39 34.92
N PRO B 110 -2.36 -13.97 34.35
CA PRO B 110 -2.20 -15.43 34.42
C PRO B 110 -1.80 -15.87 35.82
N ASP B 111 -2.17 -17.11 36.15
CA ASP B 111 -1.76 -17.71 37.42
C ASP B 111 -0.43 -18.41 37.19
N ILE B 112 0.65 -17.79 37.67
CA ILE B 112 1.99 -18.35 37.51
C ILE B 112 2.18 -19.41 38.59
N GLN B 113 2.29 -20.67 38.17
CA GLN B 113 2.38 -21.77 39.11
C GLN B 113 3.66 -21.72 39.92
N ASN B 114 4.81 -21.68 39.23
CA ASN B 114 6.12 -21.69 39.88
C ASN B 114 6.91 -20.48 39.40
N PRO B 115 6.80 -19.35 40.09
CA PRO B 115 7.53 -18.15 39.65
C PRO B 115 9.02 -18.33 39.82
N ASP B 116 9.78 -17.84 38.83
CA ASP B 116 11.24 -17.92 38.83
C ASP B 116 11.80 -16.62 38.28
N PRO B 117 11.55 -15.50 38.96
CA PRO B 117 11.90 -14.19 38.37
C PRO B 117 13.40 -14.06 38.14
N ALA B 118 13.74 -13.54 36.96
CA ALA B 118 15.13 -13.42 36.56
C ALA B 118 15.25 -12.37 35.45
N VAL B 119 16.43 -11.77 35.37
CA VAL B 119 16.78 -10.84 34.30
C VAL B 119 17.97 -11.43 33.56
N TYR B 120 17.79 -11.69 32.27
CA TYR B 120 18.81 -12.35 31.46
C TYR B 120 19.34 -11.39 30.40
N GLN B 121 20.65 -11.44 30.20
CA GLN B 121 21.32 -10.71 29.13
C GLN B 121 21.28 -11.56 27.85
N LEU B 122 20.56 -11.07 26.84
CA LEU B 122 20.50 -11.78 25.58
CA LEU B 122 20.50 -11.78 25.58
C LEU B 122 21.77 -11.53 24.77
N ARG B 123 22.06 -12.45 23.86
CA ARG B 123 23.26 -12.35 23.04
C ARG B 123 23.13 -11.24 22.02
N ASP B 124 24.20 -10.47 21.86
CA ASP B 124 24.21 -9.38 20.89
C ASP B 124 23.99 -9.91 19.48
N SER B 125 23.42 -9.06 18.63
CA SER B 125 23.31 -9.32 17.21
C SER B 125 24.41 -8.57 16.49
N LYS B 126 25.08 -9.22 15.56
CA LYS B 126 26.13 -8.57 14.80
C LYS B 126 25.59 -7.48 13.89
N SER B 127 24.28 -7.44 13.65
CA SER B 127 23.66 -6.44 12.80
C SER B 127 23.02 -5.31 13.59
N SER B 128 23.26 -5.24 14.89
CA SER B 128 22.64 -4.20 15.72
C SER B 128 23.60 -3.77 16.80
N ASP B 129 23.48 -2.50 17.21
CA ASP B 129 24.28 -1.96 18.30
C ASP B 129 23.56 -2.01 19.64
N LYS B 130 22.38 -2.62 19.70
CA LYS B 130 21.61 -2.66 20.94
C LYS B 130 22.04 -3.82 21.82
N SER B 131 22.04 -3.58 23.13
CA SER B 131 22.07 -4.64 24.12
C SER B 131 20.66 -4.85 24.64
N VAL B 132 20.27 -6.10 24.83
CA VAL B 132 18.88 -6.47 25.12
C VAL B 132 18.83 -7.32 26.38
N CYS B 133 17.98 -6.93 27.31
CA CYS B 133 17.77 -7.68 28.54
CA CYS B 133 17.76 -7.67 28.55
C CYS B 133 16.31 -8.14 28.62
N LEU B 134 16.11 -9.29 29.24
CA LEU B 134 14.79 -9.92 29.34
C LEU B 134 14.49 -10.18 30.81
N PHE B 135 13.49 -9.47 31.33
CA PHE B 135 12.91 -9.77 32.65
C PHE B 135 11.77 -10.75 32.44
N THR B 136 11.85 -11.93 33.08
CA THR B 136 10.92 -12.99 32.75
C THR B 136 10.64 -13.87 33.96
N ASP B 137 9.55 -14.64 33.87
CA ASP B 137 9.16 -15.67 34.82
C ASP B 137 8.76 -15.12 36.20
N PHE B 138 8.31 -13.87 36.26
CA PHE B 138 7.87 -13.27 37.50
C PHE B 138 6.36 -13.44 37.67
N ASP B 139 5.91 -13.29 38.91
CA ASP B 139 4.49 -13.44 39.23
C ASP B 139 3.68 -12.27 38.64
N SER B 140 2.40 -12.54 38.41
CA SER B 140 1.54 -11.56 37.75
C SER B 140 1.28 -10.31 38.58
N GLN B 141 1.68 -10.29 39.84
CA GLN B 141 1.51 -9.09 40.66
C GLN B 141 2.57 -8.04 40.39
N THR B 142 3.69 -8.42 39.79
CA THR B 142 4.74 -7.46 39.47
C THR B 142 4.30 -6.55 38.33
N ASN B 143 4.56 -5.25 38.49
CA ASN B 143 4.33 -4.26 37.44
C ASN B 143 5.67 -3.80 36.87
N VAL B 144 5.67 -3.52 35.56
CA VAL B 144 6.86 -3.08 34.84
C VAL B 144 6.69 -1.61 34.52
N SER B 145 7.55 -0.77 35.10
CA SER B 145 7.47 0.67 34.90
C SER B 145 8.26 1.09 33.66
N GLN B 146 7.81 2.17 33.04
CA GLN B 146 8.51 2.72 31.90
C GLN B 146 9.90 3.19 32.29
N SER B 147 10.77 3.34 31.30
CA SER B 147 12.14 3.73 31.56
C SER B 147 12.23 5.20 31.95
N LYS B 148 13.11 5.50 32.91
CA LYS B 148 13.38 6.89 33.27
C LYS B 148 14.39 7.52 32.33
N ASP B 149 15.25 6.72 31.71
CA ASP B 149 16.22 7.22 30.76
C ASP B 149 15.59 7.32 29.38
N SER B 150 15.84 8.44 28.70
CA SER B 150 15.25 8.65 27.38
C SER B 150 15.85 7.76 26.31
N ASP B 151 17.08 7.26 26.53
CA ASP B 151 17.74 6.38 25.58
C ASP B 151 17.65 4.91 25.98
N VAL B 152 16.84 4.59 26.97
CA VAL B 152 16.52 3.22 27.35
C VAL B 152 15.04 2.98 27.07
N TYR B 153 14.73 1.86 26.42
CA TYR B 153 13.37 1.54 26.03
C TYR B 153 12.93 0.26 26.72
N ILE B 154 11.80 0.31 27.42
CA ILE B 154 11.26 -0.81 28.17
C ILE B 154 9.82 -1.04 27.75
N THR B 155 9.52 -2.27 27.33
CA THR B 155 8.16 -2.62 26.96
C THR B 155 7.38 -3.11 28.17
N ASP B 156 6.05 -3.12 28.04
CA ASP B 156 5.19 -3.62 29.09
C ASP B 156 5.23 -5.15 29.11
N LYS B 157 4.71 -5.73 30.19
CA LYS B 157 4.76 -7.18 30.34
C LYS B 157 3.79 -7.85 29.37
N CYS B 158 4.12 -9.10 29.03
CA CYS B 158 3.50 -9.84 27.94
C CYS B 158 3.46 -11.29 28.38
N VAL B 159 2.29 -11.92 28.31
CA VAL B 159 2.14 -13.29 28.78
C VAL B 159 2.22 -14.22 27.58
N LEU B 160 3.14 -15.18 27.65
CA LEU B 160 3.44 -16.10 26.57
C LEU B 160 3.03 -17.51 26.99
N ASP B 161 2.50 -18.28 26.04
CA ASP B 161 1.93 -19.59 26.31
C ASP B 161 2.63 -20.63 25.45
N MET B 162 3.39 -21.52 26.09
CA MET B 162 4.00 -22.66 25.42
C MET B 162 3.02 -23.81 25.51
N ARG B 163 2.25 -24.02 24.44
CA ARG B 163 1.15 -24.98 24.47
C ARG B 163 1.65 -26.41 24.66
N SER B 164 2.83 -26.73 24.13
CA SER B 164 3.35 -28.08 24.23
C SER B 164 3.62 -28.49 25.68
N MET B 165 4.00 -27.53 26.53
CA MET B 165 4.30 -27.82 27.93
CA MET B 165 4.31 -27.80 27.92
C MET B 165 3.24 -27.30 28.88
N ASP B 166 2.15 -26.74 28.38
CA ASP B 166 1.08 -26.15 29.20
C ASP B 166 1.68 -25.18 30.22
N PHE B 167 2.48 -24.25 29.72
CA PHE B 167 3.30 -23.38 30.55
C PHE B 167 3.11 -21.93 30.09
N LYS B 168 2.85 -21.05 31.04
CA LYS B 168 2.74 -19.62 30.78
C LYS B 168 3.81 -18.87 31.56
N SER B 169 4.21 -17.71 31.03
CA SER B 169 5.21 -16.90 31.71
C SER B 169 5.07 -15.45 31.26
N ASN B 170 5.27 -14.54 32.21
CA ASN B 170 5.33 -13.11 31.93
C ASN B 170 6.76 -12.73 31.54
N SER B 171 6.88 -11.73 30.67
CA SER B 171 8.19 -11.22 30.30
C SER B 171 8.07 -9.77 29.86
N ALA B 172 9.16 -9.04 30.03
CA ALA B 172 9.29 -7.67 29.55
C ALA B 172 10.71 -7.49 29.02
N VAL B 173 10.87 -6.62 28.02
CA VAL B 173 12.13 -6.43 27.34
C VAL B 173 12.59 -4.98 27.53
N ALA B 174 13.89 -4.80 27.73
CA ALA B 174 14.50 -3.49 27.72
C ALA B 174 15.76 -3.54 26.86
N TRP B 175 16.04 -2.43 26.18
CA TRP B 175 17.21 -2.38 25.30
C TRP B 175 17.69 -0.94 25.21
N SER B 176 18.94 -0.79 24.76
CA SER B 176 19.60 0.50 24.64
C SER B 176 20.92 0.29 23.91
N ASN B 177 21.45 1.37 23.34
CA ASN B 177 22.78 1.35 22.75
C ASN B 177 23.77 2.19 23.54
N LYS B 178 23.39 2.63 24.74
CA LYS B 178 24.29 3.40 25.58
C LYS B 178 25.43 2.52 26.08
N SER B 179 26.59 3.15 26.30
CA SER B 179 27.77 2.40 26.72
C SER B 179 27.63 1.85 28.13
N ASP B 180 26.92 2.55 29.01
CA ASP B 180 26.81 2.18 30.40
C ASP B 180 25.56 1.35 30.69
N PHE B 181 24.81 0.97 29.67
CA PHE B 181 23.60 0.17 29.89
C PHE B 181 23.97 -1.25 30.28
N ALA B 182 23.36 -1.73 31.36
CA ALA B 182 23.61 -3.08 31.87
C ALA B 182 22.30 -3.66 32.38
N CYS B 183 22.16 -4.98 32.25
CA CYS B 183 20.94 -5.64 32.69
C CYS B 183 20.73 -5.53 34.19
N ALA B 184 21.81 -5.36 34.96
CA ALA B 184 21.67 -5.23 36.41
C ALA B 184 20.90 -3.98 36.81
N ASN B 185 20.93 -2.93 35.98
CA ASN B 185 20.25 -1.69 36.29
CA ASN B 185 20.25 -1.68 36.28
C ASN B 185 19.14 -1.34 35.31
N ALA B 186 18.84 -2.24 34.36
CA ALA B 186 17.86 -1.92 33.32
C ALA B 186 16.47 -1.68 33.91
N PHE B 187 16.06 -2.51 34.86
CA PHE B 187 14.73 -2.41 35.45
C PHE B 187 14.76 -1.78 36.84
N ASN B 188 15.69 -0.85 37.08
CA ASN B 188 15.80 -0.22 38.38
C ASN B 188 14.60 0.67 38.71
N ASN B 189 13.89 1.16 37.70
CA ASN B 189 12.71 2.00 37.96
C ASN B 189 11.46 1.18 38.28
N SER B 190 11.54 -0.14 38.22
CA SER B 190 10.43 -1.01 38.55
C SER B 190 10.65 -1.67 39.90
N ILE B 191 9.55 -2.03 40.55
CA ILE B 191 9.60 -2.80 41.80
C ILE B 191 9.57 -4.27 41.40
N ILE B 192 10.74 -4.92 41.48
CA ILE B 192 10.89 -6.31 41.06
C ILE B 192 10.98 -7.19 42.30
N PRO B 193 10.71 -8.50 42.19
CA PRO B 193 10.77 -9.36 43.38
C PRO B 193 12.15 -9.38 44.00
N GLU B 194 12.18 -9.59 45.32
CA GLU B 194 13.43 -9.59 46.07
C GLU B 194 14.37 -10.70 45.60
N ASP B 195 13.81 -11.86 45.22
CA ASP B 195 14.60 -13.02 44.85
C ASP B 195 14.86 -13.10 43.35
N THR B 196 14.80 -11.98 42.63
CA THR B 196 15.06 -12.00 41.20
C THR B 196 16.49 -12.45 40.93
N PHE B 197 16.63 -13.42 40.03
CA PHE B 197 17.93 -14.00 39.72
C PHE B 197 18.66 -13.12 38.71
N PHE B 198 19.88 -12.71 39.06
CA PHE B 198 20.76 -11.91 38.19
C PHE B 198 22.01 -12.71 37.90
N PRO B 199 22.07 -13.46 36.80
CA PRO B 199 23.28 -14.21 36.47
C PRO B 199 24.46 -13.28 36.26
N SER B 200 25.61 -13.71 36.79
CA SER B 200 26.79 -12.86 36.76
C SER B 200 27.32 -12.72 35.33
N PRO B 201 27.76 -11.51 34.93
CA PRO B 201 28.33 -11.28 33.60
C PRO B 201 29.76 -11.79 33.48
N MET C 1 9.46 -23.95 -4.55
CA MET C 1 10.91 -23.82 -4.56
C MET C 1 11.42 -23.55 -3.14
N ARG C 2 12.57 -24.13 -2.81
CA ARG C 2 13.15 -24.00 -1.49
C ARG C 2 14.05 -22.76 -1.43
N THR C 3 14.78 -22.60 -0.33
CA THR C 3 15.62 -21.43 -0.13
C THR C 3 16.91 -21.56 -0.93
N HIS C 4 17.23 -20.53 -1.69
CA HIS C 4 18.46 -20.47 -2.47
C HIS C 4 19.18 -19.16 -2.19
N SER C 5 20.51 -19.19 -2.32
CA SER C 5 21.33 -18.03 -2.01
C SER C 5 22.44 -17.87 -3.04
N LEU C 6 22.87 -16.62 -3.22
CA LEU C 6 24.01 -16.27 -4.05
C LEU C 6 24.95 -15.44 -3.20
N ARG C 7 26.22 -15.84 -3.14
CA ARG C 7 27.19 -15.18 -2.27
C ARG C 7 28.51 -15.02 -3.02
N TYR C 8 29.18 -13.89 -2.80
CA TYR C 8 30.51 -13.63 -3.32
C TYR C 8 31.43 -13.27 -2.16
N PHE C 9 32.61 -13.90 -2.12
CA PHE C 9 33.61 -13.64 -1.11
C PHE C 9 34.87 -13.05 -1.74
N ARG C 10 35.53 -12.17 -0.99
CA ARG C 10 36.85 -11.67 -1.36
C ARG C 10 37.78 -11.82 -0.17
N LEU C 11 39.03 -12.22 -0.45
CA LEU C 11 40.05 -12.35 0.57
C LEU C 11 41.29 -11.61 0.11
N GLY C 12 41.77 -10.69 0.93
CA GLY C 12 43.01 -9.98 0.68
C GLY C 12 44.05 -10.32 1.73
N VAL C 13 45.28 -10.55 1.29
CA VAL C 13 46.39 -10.90 2.18
C VAL C 13 47.55 -9.96 1.87
N SER C 14 48.02 -9.24 2.87
CA SER C 14 49.20 -8.41 2.73
C SER C 14 50.45 -9.24 2.97
N ASP C 15 51.47 -9.02 2.15
CA ASP C 15 52.73 -9.75 2.21
C ASP C 15 52.51 -11.27 2.26
N PRO C 16 51.89 -11.85 1.23
CA PRO C 16 51.61 -13.29 1.27
C PRO C 16 52.88 -14.11 1.16
N ILE C 17 52.93 -15.21 1.90
CA ILE C 17 54.11 -16.04 1.98
C ILE C 17 54.02 -17.10 0.89
N HIS C 18 54.77 -16.89 -0.20
CA HIS C 18 54.97 -17.86 -1.27
C HIS C 18 53.63 -18.15 -1.95
N GLY C 19 53.11 -19.38 -1.91
CA GLY C 19 52.00 -19.85 -2.71
C GLY C 19 50.68 -19.14 -2.47
N VAL C 20 50.54 -18.41 -1.37
CA VAL C 20 49.28 -17.75 -1.04
C VAL C 20 49.06 -16.57 -1.96
N PRO C 21 47.96 -16.53 -2.72
CA PRO C 21 47.69 -15.35 -3.56
C PRO C 21 47.38 -14.13 -2.71
N GLU C 22 47.67 -12.96 -3.29
CA GLU C 22 47.40 -11.71 -2.59
C GLU C 22 45.90 -11.40 -2.55
N PHE C 23 45.15 -11.89 -3.54
CA PHE C 23 43.73 -11.57 -3.63
C PHE C 23 43.00 -12.75 -4.27
N ILE C 24 41.86 -13.13 -3.68
CA ILE C 24 41.01 -14.19 -4.19
C ILE C 24 39.56 -13.72 -4.13
N SER C 25 38.79 -14.08 -5.16
CA SER C 25 37.35 -13.85 -5.16
C SER C 25 36.65 -15.09 -5.68
N VAL C 26 35.60 -15.52 -4.97
CA VAL C 26 34.87 -16.74 -5.31
C VAL C 26 33.38 -16.48 -5.13
N GLY C 27 32.58 -16.98 -6.06
CA GLY C 27 31.12 -16.89 -5.99
C GLY C 27 30.50 -18.25 -5.72
N TYR C 28 29.42 -18.24 -4.94
CA TYR C 28 28.70 -19.47 -4.59
C TYR C 28 27.22 -19.30 -4.88
N VAL C 29 26.61 -20.36 -5.40
CA VAL C 29 25.16 -20.54 -5.39
C VAL C 29 24.86 -21.73 -4.48
N ASP C 30 24.19 -21.47 -3.36
CA ASP C 30 24.01 -22.45 -2.29
C ASP C 30 25.40 -22.93 -1.88
N SER C 31 25.67 -24.23 -1.88
CA SER C 31 26.97 -24.76 -1.50
C SER C 31 27.88 -24.98 -2.70
N HIS C 32 27.45 -24.60 -3.90
CA HIS C 32 28.21 -24.88 -5.12
C HIS C 32 29.04 -23.66 -5.50
N PRO C 33 30.35 -23.80 -5.66
CA PRO C 33 31.14 -22.70 -6.25
C PRO C 33 30.76 -22.53 -7.72
N ILE C 34 30.64 -21.28 -8.15
CA ILE C 34 30.26 -20.97 -9.53
C ILE C 34 31.37 -20.23 -10.28
N THR C 35 32.09 -19.33 -9.61
CA THR C 35 33.13 -18.54 -10.26
C THR C 35 34.33 -18.40 -9.34
N THR C 36 35.48 -18.06 -9.94
CA THR C 36 36.69 -17.84 -9.16
C THR C 36 37.60 -16.84 -9.88
N TYR C 37 38.37 -16.11 -9.08
CA TYR C 37 39.39 -15.19 -9.56
C TYR C 37 40.47 -15.11 -8.50
N ASP C 38 41.73 -14.98 -8.94
CA ASP C 38 42.81 -14.73 -8.00
C ASP C 38 43.90 -13.92 -8.66
N SER C 39 44.77 -13.35 -7.84
CA SER C 39 45.82 -12.44 -8.31
C SER C 39 46.94 -13.15 -9.03
N VAL C 40 46.99 -14.48 -9.01
CA VAL C 40 48.03 -15.22 -9.73
C VAL C 40 47.61 -15.49 -11.17
N THR C 41 46.38 -15.93 -11.39
CA THR C 41 45.90 -16.13 -12.75
C THR C 41 45.38 -14.85 -13.38
N ARG C 42 44.87 -13.93 -12.55
CA ARG C 42 44.31 -12.66 -13.01
CA ARG C 42 44.30 -12.66 -13.01
C ARG C 42 43.22 -12.86 -14.07
N GLN C 43 42.51 -13.98 -13.99
CA GLN C 43 41.43 -14.30 -14.91
C GLN C 43 40.21 -14.76 -14.11
N LYS C 44 39.02 -14.40 -14.61
CA LYS C 44 37.78 -14.87 -14.02
C LYS C 44 37.36 -16.15 -14.74
N GLU C 45 37.15 -17.23 -13.98
CA GLU C 45 36.89 -18.54 -14.55
C GLU C 45 35.63 -19.14 -13.93
N PRO C 46 34.91 -19.98 -14.68
CA PRO C 46 33.78 -20.70 -14.09
C PRO C 46 34.26 -21.85 -13.22
N ARG C 47 33.43 -22.17 -12.22
CA ARG C 47 33.71 -23.29 -11.32
CA ARG C 47 33.71 -23.28 -11.31
C ARG C 47 32.62 -24.34 -11.34
N ALA C 48 31.64 -24.21 -12.23
CA ALA C 48 30.57 -25.19 -12.39
C ALA C 48 30.34 -25.36 -13.90
N PRO C 49 30.10 -26.59 -14.35
CA PRO C 49 29.89 -26.80 -15.79
C PRO C 49 28.68 -26.08 -16.34
N TRP C 50 27.61 -25.93 -15.54
CA TRP C 50 26.43 -25.21 -16.02
C TRP C 50 26.66 -23.71 -16.08
N MET C 51 27.70 -23.20 -15.41
CA MET C 51 28.07 -21.79 -15.58
C MET C 51 28.86 -21.58 -16.87
N ALA C 52 29.75 -22.52 -17.20
CA ALA C 52 30.57 -22.39 -18.40
C ALA C 52 29.74 -22.52 -19.66
N GLU C 53 28.69 -23.34 -19.65
CA GLU C 53 27.92 -23.61 -20.85
C GLU C 53 26.85 -22.57 -21.13
N ASN C 54 26.57 -21.65 -20.20
CA ASN C 54 25.49 -20.68 -20.36
C ASN C 54 25.95 -19.23 -20.39
N LEU C 55 27.23 -18.94 -20.09
CA LEU C 55 27.72 -17.57 -20.08
C LEU C 55 28.78 -17.42 -21.17
N ALA C 56 28.53 -16.49 -22.09
CA ALA C 56 29.39 -16.31 -23.26
C ALA C 56 30.77 -15.82 -22.87
N PRO C 57 31.75 -15.94 -23.76
CA PRO C 57 33.12 -15.48 -23.42
C PRO C 57 33.21 -14.02 -23.03
N ASP C 58 32.33 -13.15 -23.54
CA ASP C 58 32.42 -11.74 -23.19
CA ASP C 58 32.41 -11.73 -23.19
C ASP C 58 32.10 -11.50 -21.71
N HIS C 59 31.34 -12.40 -21.09
CA HIS C 59 31.06 -12.28 -19.66
C HIS C 59 32.33 -12.43 -18.85
N TRP C 60 33.10 -13.48 -19.11
CA TRP C 60 34.33 -13.71 -18.38
C TRP C 60 35.37 -12.63 -18.70
N GLU C 61 35.38 -12.14 -19.93
CA GLU C 61 36.31 -11.07 -20.28
C GLU C 61 35.98 -9.79 -19.51
N ARG C 62 34.69 -9.44 -19.44
CA ARG C 62 34.29 -8.21 -18.77
C ARG C 62 34.61 -8.27 -17.27
N TYR C 63 34.28 -9.39 -16.63
CA TYR C 63 34.51 -9.48 -15.19
C TYR C 63 35.95 -9.76 -14.83
N THR C 64 36.76 -10.26 -15.78
CA THR C 64 38.20 -10.27 -15.58
C THR C 64 38.72 -8.84 -15.38
N GLN C 65 38.26 -7.90 -16.21
CA GLN C 65 38.71 -6.52 -16.09
C GLN C 65 38.22 -5.90 -14.78
N LEU C 66 36.95 -6.16 -14.42
CA LEU C 66 36.42 -5.61 -13.17
C LEU C 66 37.16 -6.16 -11.97
N LEU C 67 37.39 -7.48 -11.95
CA LEU C 67 38.06 -8.08 -10.80
C LEU C 67 39.49 -7.57 -10.66
N ARG C 68 40.16 -7.30 -11.78
CA ARG C 68 41.49 -6.70 -11.70
C ARG C 68 41.43 -5.33 -11.04
N GLY C 69 40.38 -4.55 -11.35
CA GLY C 69 40.19 -3.29 -10.66
C GLY C 69 39.85 -3.48 -9.19
N TRP C 70 38.93 -4.40 -8.90
CA TRP C 70 38.54 -4.65 -7.52
C TRP C 70 39.69 -5.19 -6.70
N GLN C 71 40.60 -5.96 -7.33
CA GLN C 71 41.79 -6.41 -6.63
C GLN C 71 42.63 -5.23 -6.15
N GLN C 72 42.81 -4.22 -7.00
CA GLN C 72 43.56 -3.03 -6.61
C GLN C 72 42.85 -2.27 -5.50
N MET C 73 41.51 -2.23 -5.54
CA MET C 73 40.74 -1.63 -4.44
C MET C 73 41.09 -2.29 -3.12
N PHE C 74 40.99 -3.62 -3.08
CA PHE C 74 41.23 -4.35 -1.83
C PHE C 74 42.63 -4.12 -1.30
N LYS C 75 43.62 -4.09 -2.20
CA LYS C 75 45.00 -3.86 -1.77
C LYS C 75 45.15 -2.51 -1.07
N VAL C 76 44.55 -1.47 -1.65
CA VAL C 76 44.67 -0.13 -1.06
C VAL C 76 43.92 -0.05 0.25
N GLU C 77 42.70 -0.60 0.30
CA GLU C 77 41.92 -0.54 1.54
C GLU C 77 42.61 -1.29 2.67
N LEU C 78 43.25 -2.43 2.37
CA LEU C 78 43.97 -3.16 3.40
C LEU C 78 45.16 -2.36 3.90
N LYS C 79 45.87 -1.66 3.00
CA LYS C 79 46.97 -0.82 3.42
C LYS C 79 46.50 0.30 4.33
N ARG C 80 45.36 0.91 4.02
CA ARG C 80 44.85 2.00 4.85
C ARG C 80 44.41 1.49 6.22
N LEU C 81 43.84 0.27 6.27
CA LEU C 81 43.44 -0.30 7.55
C LEU C 81 44.65 -0.52 8.45
N GLN C 82 45.70 -1.14 7.92
CA GLN C 82 46.90 -1.40 8.71
C GLN C 82 47.52 -0.10 9.22
N ARG C 83 47.44 0.97 8.42
CA ARG C 83 47.92 2.27 8.89
C ARG C 83 47.06 2.78 10.05
N HIS C 84 45.74 2.64 9.94
CA HIS C 84 44.85 3.03 11.03
C HIS C 84 45.17 2.27 12.30
N TYR C 85 45.45 0.97 12.18
CA TYR C 85 45.74 0.12 13.33
C TYR C 85 47.21 0.15 13.73
N ASN C 86 48.08 0.77 12.94
CA ASN C 86 49.53 0.72 13.14
C ASN C 86 50.01 -0.74 13.21
N HIS C 87 49.61 -1.52 12.21
CA HIS C 87 49.92 -2.94 12.12
C HIS C 87 50.96 -3.18 11.03
N SER C 88 51.99 -3.94 11.36
CA SER C 88 52.97 -4.40 10.39
C SER C 88 52.80 -5.90 10.17
N GLY C 89 53.45 -6.40 9.13
CA GLY C 89 53.35 -7.81 8.84
C GLY C 89 52.12 -8.15 8.00
N SER C 90 51.79 -9.43 8.00
CA SER C 90 50.70 -9.95 7.18
C SER C 90 49.38 -9.89 7.94
N HIS C 91 48.37 -9.33 7.30
CA HIS C 91 47.02 -9.28 7.85
C HIS C 91 46.04 -9.59 6.72
N THR C 92 44.81 -9.94 7.10
CA THR C 92 43.81 -10.35 6.14
C THR C 92 42.64 -9.37 6.11
N TYR C 93 42.00 -9.29 4.95
CA TYR C 93 40.87 -8.43 4.70
C TYR C 93 39.85 -9.25 3.91
N GLN C 94 38.61 -9.30 4.40
CA GLN C 94 37.60 -10.15 3.80
C GLN C 94 36.30 -9.38 3.60
N ARG C 95 35.59 -9.75 2.54
CA ARG C 95 34.30 -9.17 2.18
C ARG C 95 33.35 -10.30 1.82
N MET C 96 32.11 -10.18 2.28
CA MET C 96 31.05 -11.11 1.92
C MET C 96 29.81 -10.32 1.52
N ILE C 97 29.30 -10.58 0.33
CA ILE C 97 28.08 -9.96 -0.16
C ILE C 97 27.21 -11.07 -0.73
N GLY C 98 25.90 -10.89 -0.64
CA GLY C 98 25.01 -11.87 -1.20
C GLY C 98 23.57 -11.62 -0.82
N CYS C 99 22.70 -12.47 -1.37
CA CYS C 99 21.28 -12.39 -1.16
C CYS C 99 20.69 -13.79 -1.08
N GLU C 100 19.48 -13.89 -0.56
CA GLU C 100 18.76 -15.14 -0.48
C GLU C 100 17.34 -14.96 -0.97
N LEU C 101 16.84 -15.94 -1.72
CA LEU C 101 15.46 -15.97 -2.17
C LEU C 101 14.73 -17.03 -1.36
N LEU C 102 13.89 -16.60 -0.43
CA LEU C 102 13.26 -17.51 0.51
C LEU C 102 12.13 -18.29 -0.18
N GLU C 103 11.61 -19.28 0.54
CA GLU C 103 10.59 -20.15 -0.03
C GLU C 103 9.29 -19.39 -0.29
N ASP C 104 8.91 -18.50 0.61
CA ASP C 104 7.65 -17.75 0.48
C ASP C 104 7.73 -16.63 -0.55
N GLY C 105 8.91 -16.36 -1.11
CA GLY C 105 9.10 -15.34 -2.10
C GLY C 105 9.81 -14.10 -1.60
N SER C 106 9.94 -13.95 -0.29
CA SER C 106 10.65 -12.80 0.26
C SER C 106 12.15 -12.98 0.07
N THR C 107 12.88 -11.89 0.29
CA THR C 107 14.31 -11.84 0.02
C THR C 107 15.06 -11.25 1.21
N THR C 108 16.35 -11.56 1.27
CA THR C 108 17.26 -10.95 2.22
C THR C 108 18.55 -10.58 1.50
N GLY C 109 19.29 -9.64 2.08
CA GLY C 109 20.55 -9.22 1.52
C GLY C 109 21.52 -8.84 2.63
N PHE C 110 22.81 -9.03 2.36
CA PHE C 110 23.82 -8.76 3.38
C PHE C 110 25.12 -8.33 2.71
N LEU C 111 25.88 -7.53 3.45
CA LEU C 111 27.19 -7.06 2.99
C LEU C 111 28.03 -6.79 4.22
N GLN C 112 29.15 -7.50 4.36
CA GLN C 112 29.96 -7.45 5.57
C GLN C 112 31.44 -7.48 5.20
N TYR C 113 32.24 -6.83 6.04
CA TYR C 113 33.69 -6.85 5.93
C TYR C 113 34.30 -7.36 7.22
N ALA C 114 35.47 -7.99 7.10
CA ALA C 114 36.19 -8.50 8.25
C ALA C 114 37.68 -8.16 8.11
N TYR C 115 38.31 -7.90 9.25
CA TYR C 115 39.74 -7.64 9.34
C TYR C 115 40.36 -8.66 10.28
N ASP C 116 41.36 -9.40 9.78
CA ASP C 116 42.00 -10.48 10.53
C ASP C 116 40.98 -11.52 11.01
N GLY C 117 39.97 -11.78 10.18
CA GLY C 117 39.00 -12.81 10.47
C GLY C 117 37.93 -12.44 11.48
N GLN C 118 37.86 -11.19 11.92
CA GLN C 118 36.86 -10.72 12.87
C GLN C 118 35.97 -9.67 12.23
N ASP C 119 34.71 -9.66 12.64
CA ASP C 119 33.75 -8.67 12.13
C ASP C 119 34.33 -7.27 12.19
N PHE C 120 34.09 -6.50 11.13
CA PHE C 120 34.63 -5.15 11.03
C PHE C 120 33.53 -4.14 10.73
N LEU C 121 32.86 -4.32 9.59
CA LEU C 121 31.77 -3.44 9.17
C LEU C 121 30.63 -4.28 8.61
N ILE C 122 29.41 -3.96 9.01
CA ILE C 122 28.23 -4.70 8.58
C ILE C 122 27.20 -3.71 8.08
N PHE C 123 26.76 -3.89 6.83
CA PHE C 123 25.86 -2.95 6.18
C PHE C 123 24.41 -3.26 6.56
N ASN C 124 23.66 -2.22 6.88
CA ASN C 124 22.22 -2.31 7.09
C ASN C 124 21.53 -1.59 5.96
N LYS C 125 20.96 -2.34 5.01
CA LYS C 125 20.33 -1.74 3.85
C LYS C 125 18.95 -1.15 4.15
N ASP C 126 18.42 -1.38 5.35
CA ASP C 126 17.11 -0.82 5.70
C ASP C 126 17.20 0.59 6.26
N THR C 127 18.33 0.95 6.88
CA THR C 127 18.58 2.32 7.30
C THR C 127 19.75 2.95 6.55
N LEU C 128 20.34 2.24 5.59
CA LEU C 128 21.45 2.76 4.79
C LEU C 128 22.59 3.25 5.68
N SER C 129 23.04 2.39 6.58
CA SER C 129 24.10 2.73 7.50
C SER C 129 25.00 1.52 7.73
N TRP C 130 26.22 1.80 8.17
CA TRP C 130 27.22 0.79 8.46
C TRP C 130 27.40 0.67 9.96
N LEU C 131 27.43 -0.57 10.46
CA LEU C 131 27.69 -0.83 11.87
C LEU C 131 29.18 -1.11 12.05
N ALA C 132 29.83 -0.31 12.89
CA ALA C 132 31.26 -0.41 13.12
C ALA C 132 31.55 -1.10 14.45
N VAL C 133 32.62 -1.88 14.49
CA VAL C 133 32.96 -2.63 15.69
C VAL C 133 33.90 -1.86 16.62
N ASP C 134 34.70 -0.95 16.09
CA ASP C 134 35.68 -0.24 16.91
C ASP C 134 35.93 1.13 16.30
N ASN C 135 36.92 1.85 16.85
CA ASN C 135 37.17 3.22 16.43
C ASN C 135 37.68 3.30 14.99
N VAL C 136 38.48 2.32 14.56
CA VAL C 136 38.97 2.32 13.19
C VAL C 136 37.82 2.11 12.21
N ALA C 137 36.97 1.12 12.49
CA ALA C 137 35.81 0.87 11.64
C ALA C 137 34.87 2.08 11.63
N HIS C 138 34.81 2.83 12.73
CA HIS C 138 33.99 4.04 12.75
C HIS C 138 34.54 5.10 11.80
N THR C 139 35.86 5.16 11.62
CA THR C 139 36.44 6.08 10.67
C THR C 139 36.04 5.73 9.24
N ILE C 140 36.14 4.44 8.89
CA ILE C 140 35.71 4.01 7.56
C ILE C 140 34.21 4.19 7.39
N LYS C 141 33.46 3.99 8.48
CA LYS C 141 32.01 4.18 8.45
C LYS C 141 31.65 5.60 8.02
N GLN C 142 32.30 6.60 8.62
CA GLN C 142 31.98 7.99 8.30
C GLN C 142 32.25 8.30 6.83
N ALA C 143 33.34 7.76 6.28
CA ALA C 143 33.67 8.00 4.88
C ALA C 143 32.62 7.39 3.97
N TRP C 144 32.20 6.15 4.25
CA TRP C 144 31.25 5.47 3.38
C TRP C 144 29.85 6.05 3.51
N GLU C 145 29.47 6.51 4.70
CA GLU C 145 28.15 7.10 4.88
C GLU C 145 28.05 8.50 4.30
N ALA C 146 29.17 9.11 3.91
CA ALA C 146 29.13 10.43 3.29
C ALA C 146 28.65 10.39 1.85
N ASN C 147 28.75 9.24 1.18
CA ASN C 147 28.32 9.08 -0.21
C ASN C 147 26.92 8.48 -0.19
N GLN C 148 25.91 9.36 -0.16
CA GLN C 148 24.53 8.90 -0.07
C GLN C 148 24.14 8.07 -1.29
N HIS C 149 24.63 8.45 -2.48
CA HIS C 149 24.26 7.75 -3.69
C HIS C 149 24.81 6.33 -3.70
N GLU C 150 26.03 6.13 -3.19
CA GLU C 150 26.61 4.79 -3.17
C GLU C 150 25.84 3.88 -2.22
N LEU C 151 25.34 4.43 -1.11
CA LEU C 151 24.47 3.65 -0.22
C LEU C 151 23.21 3.21 -0.96
N LEU C 152 22.62 4.11 -1.75
CA LEU C 152 21.41 3.76 -2.49
C LEU C 152 21.70 2.71 -3.56
N TYR C 153 22.83 2.85 -4.26
CA TYR C 153 23.20 1.85 -5.25
C TYR C 153 23.40 0.48 -4.62
N GLN C 154 24.02 0.44 -3.43
CA GLN C 154 24.24 -0.83 -2.77
C GLN C 154 22.93 -1.47 -2.34
N LYS C 155 21.99 -0.67 -1.86
CA LYS C 155 20.67 -1.21 -1.51
C LYS C 155 20.00 -1.82 -2.73
N ASN C 156 20.04 -1.11 -3.87
CA ASN C 156 19.40 -1.63 -5.07
C ASN C 156 20.07 -2.91 -5.56
N TRP C 157 21.38 -3.01 -5.43
CA TRP C 157 22.06 -4.21 -5.90
C TRP C 157 21.66 -5.43 -5.08
N LEU C 158 21.63 -5.28 -3.76
CA LEU C 158 21.25 -6.39 -2.89
C LEU C 158 19.82 -6.84 -3.15
N GLU C 159 18.90 -5.88 -3.28
CA GLU C 159 17.47 -6.20 -3.32
C GLU C 159 16.97 -6.54 -4.72
N GLU C 160 17.61 -6.03 -5.77
CA GLU C 160 17.13 -6.25 -7.14
C GLU C 160 18.15 -7.01 -7.98
N GLU C 161 19.38 -6.49 -8.12
CA GLU C 161 20.36 -7.09 -9.02
C GLU C 161 20.79 -8.47 -8.54
N CYS C 162 21.13 -8.59 -7.25
CA CYS C 162 21.59 -9.88 -6.73
C CYS C 162 20.53 -10.96 -6.91
N ILE C 163 19.27 -10.62 -6.65
CA ILE C 163 18.20 -11.60 -6.81
C ILE C 163 18.04 -11.99 -8.28
N ALA C 164 18.14 -11.01 -9.18
CA ALA C 164 18.03 -11.30 -10.61
C ALA C 164 19.14 -12.24 -11.07
N TRP C 165 20.37 -12.00 -10.61
CA TRP C 165 21.46 -12.92 -10.91
C TRP C 165 21.18 -14.32 -10.36
N LEU C 166 20.62 -14.39 -9.14
CA LEU C 166 20.35 -15.68 -8.53
C LEU C 166 19.31 -16.46 -9.31
N LYS C 167 18.21 -15.80 -9.70
CA LYS C 167 17.20 -16.47 -10.51
C LYS C 167 17.78 -16.95 -11.84
N ARG C 168 18.70 -16.17 -12.42
CA ARG C 168 19.34 -16.56 -13.67
C ARG C 168 20.21 -17.79 -13.47
N PHE C 169 21.06 -17.79 -12.44
CA PHE C 169 21.92 -18.93 -12.19
C PHE C 169 21.12 -20.15 -11.75
N LEU C 170 20.00 -19.93 -11.06
CA LEU C 170 19.16 -21.05 -10.65
CA LEU C 170 19.16 -21.05 -10.65
C LEU C 170 18.64 -21.81 -11.86
N GLU C 171 18.27 -21.09 -12.93
CA GLU C 171 17.77 -21.74 -14.13
C GLU C 171 18.90 -22.48 -14.86
N TYR C 172 20.09 -21.87 -14.90
CA TYR C 172 21.23 -22.51 -15.57
C TYR C 172 21.52 -23.89 -14.98
N GLY C 173 21.62 -23.96 -13.65
CA GLY C 173 21.97 -25.22 -13.00
C GLY C 173 20.80 -25.90 -12.33
N LYS C 174 19.60 -25.76 -12.89
CA LYS C 174 18.41 -26.31 -12.25
C LYS C 174 18.50 -27.83 -12.11
N ASP C 175 19.16 -28.51 -13.04
CA ASP C 175 19.29 -29.96 -12.95
C ASP C 175 20.13 -30.39 -11.76
N THR C 176 21.01 -29.50 -11.27
CA THR C 176 21.80 -29.75 -10.07
C THR C 176 21.20 -29.11 -8.83
N LEU C 177 20.78 -27.84 -8.93
CA LEU C 177 20.41 -27.07 -7.76
C LEU C 177 19.00 -27.39 -7.27
N GLN C 178 18.11 -27.81 -8.16
CA GLN C 178 16.71 -28.04 -7.79
C GLN C 178 16.36 -29.51 -7.69
N ARG C 179 17.33 -30.42 -7.86
CA ARG C 179 17.06 -31.84 -7.75
C ARG C 179 16.90 -32.23 -6.28
N THR C 180 16.46 -33.46 -6.07
CA THR C 180 16.31 -34.01 -4.73
C THR C 180 16.80 -35.44 -4.72
N GLU C 181 17.70 -35.75 -3.79
CA GLU C 181 18.15 -37.12 -3.55
C GLU C 181 17.82 -37.48 -2.11
N PRO C 182 16.90 -38.41 -1.86
CA PRO C 182 16.47 -38.67 -0.49
C PRO C 182 17.57 -39.34 0.30
N PRO C 183 17.59 -39.18 1.63
CA PRO C 183 18.63 -39.80 2.44
C PRO C 183 18.39 -41.28 2.65
N LEU C 184 19.49 -42.02 2.81
CA LEU C 184 19.47 -43.40 3.28
C LEU C 184 19.78 -43.36 4.76
N VAL C 185 18.79 -43.72 5.58
CA VAL C 185 18.88 -43.56 7.04
C VAL C 185 18.88 -44.93 7.69
N ARG C 186 19.77 -45.13 8.65
CA ARG C 186 19.82 -46.36 9.42
C ARG C 186 20.01 -46.00 10.89
N VAL C 187 19.67 -46.96 11.76
CA VAL C 187 19.83 -46.82 13.20
C VAL C 187 20.72 -47.95 13.69
N ASN C 188 21.75 -47.60 14.46
CA ASN C 188 22.67 -48.57 15.02
C ASN C 188 22.60 -48.52 16.54
N ARG C 189 22.64 -49.69 17.16
CA ARG C 189 22.55 -49.84 18.60
C ARG C 189 23.75 -50.63 19.09
N LYS C 190 24.36 -50.17 20.18
CA LYS C 190 25.55 -50.82 20.70
C LYS C 190 25.73 -50.48 22.17
N GLU C 191 26.07 -51.48 22.98
CA GLU C 191 26.50 -51.24 24.34
C GLU C 191 27.97 -50.80 24.32
N THR C 192 28.25 -49.63 24.89
CA THR C 192 29.59 -49.08 24.90
C THR C 192 30.25 -49.30 26.25
N PHE C 193 30.28 -48.27 27.09
CA PHE C 193 30.68 -48.46 28.47
C PHE C 193 29.65 -49.37 29.17
N PRO C 194 30.10 -50.26 30.06
CA PRO C 194 29.17 -51.18 30.73
C PRO C 194 27.95 -50.48 31.31
N GLY C 195 26.77 -50.82 30.79
CA GLY C 195 25.53 -50.19 31.21
C GLY C 195 25.10 -49.00 30.38
N VAL C 196 25.86 -48.63 29.34
CA VAL C 196 25.58 -47.46 28.53
C VAL C 196 25.37 -47.91 27.10
N THR C 197 24.13 -47.84 26.62
CA THR C 197 23.80 -48.17 25.24
C THR C 197 23.73 -46.89 24.42
N ALA C 198 24.45 -46.88 23.30
CA ALA C 198 24.47 -45.73 22.40
C ALA C 198 23.64 -46.03 21.16
N LEU C 199 22.80 -45.07 20.78
CA LEU C 199 21.99 -45.16 19.56
C LEU C 199 22.50 -44.12 18.56
N PHE C 200 22.79 -44.58 17.34
CA PHE C 200 23.22 -43.69 16.27
C PHE C 200 22.22 -43.75 15.13
N CYS C 201 21.69 -42.59 14.75
CA CYS C 201 20.84 -42.44 13.58
C CYS C 201 21.69 -41.76 12.52
N LYS C 202 22.03 -42.49 11.46
CA LYS C 202 23.00 -42.03 10.47
C LYS C 202 22.33 -41.92 9.10
N ALA C 203 22.57 -40.80 8.43
CA ALA C 203 21.99 -40.54 7.12
C ALA C 203 23.10 -40.19 6.14
N HIS C 204 22.94 -40.60 4.89
CA HIS C 204 23.90 -40.29 3.85
C HIS C 204 23.21 -40.35 2.49
N GLY C 205 23.89 -39.81 1.48
CA GLY C 205 23.40 -39.86 0.12
C GLY C 205 22.35 -38.85 -0.23
N PHE C 206 22.18 -37.79 0.56
CA PHE C 206 21.09 -36.85 0.36
C PHE C 206 21.59 -35.52 -0.20
N TYR C 207 20.70 -34.85 -0.94
CA TYR C 207 20.87 -33.50 -1.46
C TYR C 207 19.48 -32.91 -1.57
N PRO C 208 19.28 -31.63 -1.21
CA PRO C 208 20.24 -30.63 -0.70
C PRO C 208 20.79 -30.98 0.67
N PRO C 209 21.86 -30.30 1.10
CA PRO C 209 22.46 -30.64 2.41
C PRO C 209 21.57 -30.36 3.60
N GLU C 210 20.56 -29.51 3.46
CA GLU C 210 19.70 -29.18 4.59
C GLU C 210 18.85 -30.38 4.99
N ILE C 211 19.05 -30.85 6.22
CA ILE C 211 18.34 -32.02 6.73
C ILE C 211 18.10 -31.84 8.21
N TYR C 212 16.96 -32.33 8.69
CA TYR C 212 16.59 -32.28 10.10
CA TYR C 212 16.59 -32.27 10.10
C TYR C 212 16.61 -33.67 10.69
N MET C 213 17.31 -33.83 11.82
CA MET C 213 17.40 -35.11 12.51
C MET C 213 17.26 -34.87 14.00
N THR C 214 16.38 -35.64 14.65
CA THR C 214 16.22 -35.55 16.09
C THR C 214 15.81 -36.91 16.63
N TRP C 215 15.97 -37.07 17.94
CA TRP C 215 15.55 -38.27 18.65
C TRP C 215 14.35 -37.94 19.53
N MET C 216 13.40 -38.87 19.58
CA MET C 216 12.18 -38.70 20.34
C MET C 216 12.00 -39.89 21.28
N LYS C 217 11.49 -39.60 22.48
CA LYS C 217 11.19 -40.62 23.48
C LYS C 217 9.69 -40.68 23.65
N ASN C 218 9.12 -41.87 23.47
CA ASN C 218 7.68 -42.12 23.59
C ASN C 218 6.87 -41.28 22.62
N GLY C 219 7.47 -40.84 21.51
CA GLY C 219 6.77 -40.13 20.46
C GLY C 219 6.51 -38.67 20.70
N GLU C 220 6.72 -38.17 21.92
CA GLU C 220 6.40 -36.77 22.22
C GLU C 220 7.65 -35.96 22.51
N GLU C 221 8.17 -36.08 23.73
CA GLU C 221 9.32 -35.29 24.15
C GLU C 221 10.57 -35.68 23.35
N ILE C 222 11.53 -34.77 23.34
CA ILE C 222 12.82 -35.00 22.69
C ILE C 222 13.82 -35.43 23.76
N VAL C 223 14.72 -36.33 23.39
CA VAL C 223 15.70 -36.84 24.34
C VAL C 223 16.69 -35.74 24.72
N GLN C 224 17.17 -35.80 25.95
CA GLN C 224 18.10 -34.81 26.47
C GLN C 224 19.54 -35.21 26.19
N GLU C 225 20.38 -34.20 25.97
CA GLU C 225 21.76 -34.38 25.53
C GLU C 225 21.83 -35.23 24.25
N ILE C 226 21.63 -34.59 23.11
CA ILE C 226 21.76 -35.23 21.81
C ILE C 226 23.04 -34.72 21.16
N ASP C 227 23.89 -35.63 20.70
CA ASP C 227 25.11 -35.27 20.00
CA ASP C 227 25.11 -35.28 20.00
C ASP C 227 24.84 -35.24 18.50
N TYR C 228 25.24 -34.17 17.85
CA TYR C 228 25.01 -33.97 16.42
C TYR C 228 26.32 -34.02 15.66
N GLY C 229 26.35 -34.82 14.60
CA GLY C 229 27.46 -34.79 13.67
C GLY C 229 27.22 -33.78 12.57
N ASP C 230 28.29 -33.15 12.11
CA ASP C 230 28.20 -32.12 11.09
C ASP C 230 27.66 -32.72 9.78
N ILE C 231 27.10 -31.85 8.95
CA ILE C 231 26.68 -32.23 7.61
C ILE C 231 27.92 -32.15 6.72
N LEU C 232 28.42 -33.31 6.29
CA LEU C 232 29.68 -33.37 5.59
C LEU C 232 29.48 -33.73 4.13
N PRO C 233 30.26 -33.15 3.22
CA PRO C 233 30.19 -33.57 1.82
C PRO C 233 30.81 -34.94 1.64
N SER C 234 30.13 -35.78 0.87
CA SER C 234 30.62 -37.14 0.61
C SER C 234 31.57 -37.21 -0.57
N GLY C 235 31.66 -36.14 -1.37
CA GLY C 235 32.55 -36.08 -2.51
C GLY C 235 31.88 -36.32 -3.84
N ASP C 236 30.67 -36.87 -3.84
CA ASP C 236 29.94 -37.18 -5.07
C ASP C 236 28.75 -36.25 -5.28
N GLY C 237 28.72 -35.11 -4.59
CA GLY C 237 27.60 -34.20 -4.69
C GLY C 237 26.50 -34.43 -3.68
N THR C 238 26.63 -35.44 -2.82
CA THR C 238 25.67 -35.71 -1.76
C THR C 238 26.35 -35.52 -0.40
N TYR C 239 25.55 -35.63 0.66
CA TYR C 239 26.00 -35.29 2.01
C TYR C 239 25.62 -36.38 2.99
N GLN C 240 26.18 -36.27 4.20
CA GLN C 240 25.92 -37.25 5.26
C GLN C 240 25.94 -36.54 6.61
N ALA C 241 25.20 -37.11 7.56
CA ALA C 241 25.10 -36.55 8.91
C ALA C 241 24.58 -37.62 9.85
N TRP C 242 24.53 -37.27 11.14
CA TRP C 242 24.04 -38.21 12.14
C TRP C 242 23.71 -37.48 13.43
N ALA C 243 22.95 -38.16 14.28
CA ALA C 243 22.64 -37.72 15.63
C ALA C 243 22.61 -38.94 16.55
N SER C 244 23.10 -38.78 17.77
CA SER C 244 23.22 -39.91 18.68
C SER C 244 22.74 -39.52 20.07
N ILE C 245 22.27 -40.54 20.80
CA ILE C 245 21.83 -40.41 22.20
C ILE C 245 22.28 -41.65 22.95
N GLU C 246 22.06 -41.64 24.26
CA GLU C 246 22.31 -42.81 25.11
C GLU C 246 20.98 -43.29 25.68
N LEU C 247 20.85 -44.60 25.84
CA LEU C 247 19.63 -45.19 26.36
C LEU C 247 19.61 -45.15 27.89
N ASP C 248 18.44 -44.86 28.43
CA ASP C 248 18.26 -44.78 29.88
C ASP C 248 17.82 -46.13 30.44
N SER C 252 12.96 -48.94 30.61
CA SER C 252 12.72 -49.28 29.20
C SER C 252 11.68 -48.36 28.58
N ASN C 253 12.00 -47.80 27.42
CA ASN C 253 11.10 -46.93 26.70
C ASN C 253 11.35 -47.08 25.21
N LEU C 254 10.48 -46.47 24.41
CA LEU C 254 10.54 -46.57 22.95
C LEU C 254 11.19 -45.31 22.39
N TYR C 255 12.34 -45.47 21.73
CA TYR C 255 13.04 -44.38 21.09
C TYR C 255 12.89 -44.47 19.59
N SER C 256 12.86 -43.30 18.94
CA SER C 256 12.74 -43.23 17.49
C SER C 256 13.45 -41.97 17.01
N CYS C 257 14.17 -42.09 15.89
CA CYS C 257 14.83 -40.97 15.25
CA CYS C 257 14.81 -40.94 15.29
C CYS C 257 13.97 -40.46 14.11
N HIS C 258 13.75 -39.15 14.07
CA HIS C 258 12.93 -38.52 13.04
C HIS C 258 13.84 -37.75 12.09
N VAL C 259 13.66 -37.98 10.79
CA VAL C 259 14.44 -37.33 9.75
C VAL C 259 13.49 -36.63 8.81
N GLU C 260 13.74 -35.35 8.56
CA GLU C 260 12.94 -34.55 7.63
C GLU C 260 13.86 -34.01 6.55
N HIS C 261 13.50 -34.24 5.29
CA HIS C 261 14.33 -33.80 4.17
C HIS C 261 13.46 -33.49 2.97
N SER C 262 13.54 -32.25 2.49
CA SER C 262 12.87 -31.81 1.27
CA SER C 262 12.87 -31.81 1.27
C SER C 262 11.39 -32.21 1.27
N GLY C 263 10.71 -31.86 2.35
CA GLY C 263 9.27 -32.09 2.44
C GLY C 263 8.85 -33.51 2.70
N VAL C 264 9.77 -34.40 3.08
CA VAL C 264 9.44 -35.79 3.39
C VAL C 264 9.89 -36.08 4.81
N HIS C 265 8.97 -36.59 5.62
N HIS C 265 8.96 -36.59 5.62
CA HIS C 265 9.27 -36.94 7.00
CA HIS C 265 9.24 -36.97 7.00
C HIS C 265 9.47 -38.46 7.12
C HIS C 265 9.51 -38.47 7.06
N MET C 266 10.45 -38.86 7.92
CA MET C 266 10.83 -40.26 8.08
C MET C 266 11.00 -40.57 9.55
N VAL C 267 10.48 -41.73 9.97
CA VAL C 267 10.57 -42.19 11.35
C VAL C 267 11.21 -43.57 11.36
N LEU C 268 12.19 -43.75 12.24
CA LEU C 268 12.85 -45.04 12.43
C LEU C 268 12.70 -45.45 13.89
N GLN C 269 11.82 -46.42 14.15
CA GLN C 269 11.61 -46.91 15.50
C GLN C 269 12.69 -47.90 15.87
N VAL C 270 13.21 -47.78 17.09
CA VAL C 270 14.27 -48.66 17.58
C VAL C 270 13.62 -49.90 18.19
N PRO C 271 13.94 -51.11 17.71
CA PRO C 271 13.39 -52.36 18.23
C PRO C 271 14.05 -52.81 19.53
N GLY D 2 17.48 -5.43 -25.27
CA GLY D 2 18.35 -5.17 -26.40
C GLY D 2 19.29 -4.00 -26.16
N GLN D 3 19.31 -3.51 -24.92
CA GLN D 3 20.15 -2.39 -24.52
C GLN D 3 19.88 -1.16 -25.40
N ASN D 4 18.74 -0.54 -25.14
CA ASN D 4 18.29 0.63 -25.89
C ASN D 4 17.88 1.73 -24.90
N ILE D 5 18.26 2.96 -25.24
CA ILE D 5 17.91 4.13 -24.45
C ILE D 5 17.38 5.19 -25.41
N ASP D 6 16.16 5.68 -25.16
CA ASP D 6 15.50 6.63 -26.04
C ASP D 6 15.23 7.94 -25.30
N GLN D 7 15.64 9.03 -25.90
CA GLN D 7 15.28 10.39 -25.48
C GLN D 7 15.02 11.21 -26.73
N PRO D 8 14.18 12.24 -26.63
CA PRO D 8 13.84 13.02 -27.83
C PRO D 8 15.07 13.72 -28.41
N THR D 9 15.07 13.86 -29.73
CA THR D 9 16.20 14.49 -30.42
C THR D 9 16.35 15.94 -30.02
N GLU D 10 15.24 16.68 -29.96
CA GLU D 10 15.29 18.10 -29.68
C GLU D 10 14.02 18.52 -28.96
N MET D 11 14.16 19.50 -28.06
CA MET D 11 13.03 20.11 -27.39
C MET D 11 13.21 21.61 -27.38
N THR D 12 12.10 22.33 -27.42
CA THR D 12 12.10 23.79 -27.41
C THR D 12 11.09 24.28 -26.40
N ALA D 13 11.50 25.22 -25.55
CA ALA D 13 10.60 25.80 -24.56
C ALA D 13 10.96 27.27 -24.39
N THR D 14 10.07 27.99 -23.73
CA THR D 14 10.21 29.44 -23.57
C THR D 14 10.97 29.76 -22.30
N GLU D 15 11.80 30.80 -22.36
CA GLU D 15 12.55 31.24 -21.19
C GLU D 15 11.62 31.57 -20.04
N GLY D 16 12.02 31.17 -18.82
CA GLY D 16 11.21 31.36 -17.64
C GLY D 16 10.20 30.28 -17.40
N ALA D 17 10.00 29.36 -18.34
CA ALA D 17 8.98 28.33 -18.22
C ALA D 17 9.62 27.07 -17.66
N ILE D 18 9.01 25.91 -17.92
CA ILE D 18 9.45 24.63 -17.37
C ILE D 18 9.52 23.62 -18.51
N VAL D 19 10.57 22.81 -18.52
CA VAL D 19 10.71 21.76 -19.53
C VAL D 19 11.07 20.45 -18.83
N GLN D 20 10.57 19.35 -19.39
CA GLN D 20 10.81 18.01 -18.86
C GLN D 20 11.37 17.16 -19.99
N ILE D 21 12.58 16.61 -19.80
CA ILE D 21 13.26 15.82 -20.81
C ILE D 21 13.17 14.35 -20.40
N ASN D 22 12.48 13.55 -21.20
CA ASN D 22 12.25 12.15 -20.88
C ASN D 22 13.40 11.26 -21.35
N CYS D 23 13.59 10.15 -20.64
CA CYS D 23 14.58 9.15 -21.01
C CYS D 23 14.03 7.79 -20.63
N THR D 24 13.65 6.98 -21.62
CA THR D 24 13.19 5.62 -21.40
C THR D 24 14.30 4.64 -21.77
N TYR D 25 14.40 3.55 -21.02
CA TYR D 25 15.49 2.61 -21.19
C TYR D 25 14.98 1.18 -21.15
N GLN D 26 15.58 0.32 -21.96
CA GLN D 26 15.34 -1.12 -21.92
C GLN D 26 16.71 -1.79 -21.88
N THR D 27 17.13 -2.20 -20.68
CA THR D 27 18.47 -2.73 -20.47
C THR D 27 18.40 -4.08 -19.79
N SER D 28 19.51 -4.81 -19.86
CA SER D 28 19.68 -6.07 -19.15
C SER D 28 20.28 -5.74 -17.79
N GLY D 29 19.41 -5.55 -16.80
CA GLY D 29 19.84 -5.13 -15.48
C GLY D 29 19.96 -3.61 -15.37
N PHE D 30 19.97 -3.15 -14.13
CA PHE D 30 19.96 -1.71 -13.84
C PHE D 30 20.82 -1.44 -12.64
N ASN D 31 21.79 -0.54 -12.79
CA ASN D 31 22.67 -0.14 -11.68
C ASN D 31 22.73 1.38 -11.52
N GLY D 32 21.84 2.12 -12.15
CA GLY D 32 21.75 3.56 -11.99
C GLY D 32 21.57 4.26 -13.32
N LEU D 33 21.04 5.48 -13.25
CA LEU D 33 20.79 6.31 -14.43
C LEU D 33 21.41 7.68 -14.20
N PHE D 34 22.22 8.12 -15.16
CA PHE D 34 22.94 9.37 -15.08
C PHE D 34 22.36 10.38 -16.07
N TRP D 35 22.40 11.66 -15.69
CA TRP D 35 22.14 12.77 -16.60
C TRP D 35 23.39 13.62 -16.70
N TYR D 36 23.76 13.98 -17.92
CA TYR D 36 24.90 14.86 -18.19
C TYR D 36 24.42 16.06 -19.00
N GLN D 37 25.08 17.20 -18.78
CA GLN D 37 24.86 18.40 -19.56
C GLN D 37 26.08 18.65 -20.44
N GLN D 38 25.85 18.90 -21.73
CA GLN D 38 26.93 19.18 -22.68
C GLN D 38 26.58 20.42 -23.49
N HIS D 39 27.19 21.55 -23.15
CA HIS D 39 27.06 22.74 -23.98
C HIS D 39 27.75 22.52 -25.32
N ALA D 40 27.39 23.36 -26.29
CA ALA D 40 27.94 23.24 -27.64
C ALA D 40 29.46 23.41 -27.62
N GLY D 41 30.15 22.47 -28.24
CA GLY D 41 31.60 22.52 -28.34
C GLY D 41 32.33 22.26 -27.05
N GLU D 42 31.66 21.79 -26.01
CA GLU D 42 32.28 21.54 -24.72
C GLU D 42 32.13 20.06 -24.35
N ALA D 43 32.62 19.71 -23.17
CA ALA D 43 32.58 18.38 -22.61
C ALA D 43 31.31 18.16 -21.79
N PRO D 44 30.82 16.93 -21.75
CA PRO D 44 29.69 16.63 -20.86
C PRO D 44 30.10 16.77 -19.40
N THR D 45 29.17 17.26 -18.57
CA THR D 45 29.41 17.38 -17.14
C THR D 45 28.26 16.72 -16.38
N PHE D 46 28.61 16.01 -15.31
CA PHE D 46 27.64 15.25 -14.54
C PHE D 46 26.58 16.18 -13.93
N LEU D 47 25.32 15.79 -14.07
CA LEU D 47 24.20 16.50 -13.47
C LEU D 47 23.56 15.76 -12.31
N SER D 48 23.20 14.48 -12.50
CA SER D 48 22.46 13.78 -11.45
C SER D 48 22.62 12.27 -11.61
N TYR D 49 22.25 11.56 -10.55
CA TYR D 49 22.25 10.09 -10.51
C TYR D 49 21.02 9.63 -9.75
N ASN D 50 20.31 8.66 -10.33
CA ASN D 50 19.16 8.02 -9.68
C ASN D 50 19.30 6.51 -9.81
N VAL D 51 19.00 5.79 -8.73
CA VAL D 51 19.01 4.33 -8.79
C VAL D 51 17.76 3.78 -8.12
N LEU D 52 17.20 4.52 -7.17
CA LEU D 52 15.93 4.16 -6.54
C LEU D 52 14.84 5.14 -6.97
N ASP D 53 13.59 4.74 -6.73
CA ASP D 53 12.45 5.56 -7.14
C ASP D 53 12.38 6.85 -6.32
N GLY D 54 12.15 7.95 -7.00
CA GLY D 54 11.97 9.22 -6.32
C GLY D 54 12.41 10.38 -7.19
N LEU D 55 12.25 11.58 -6.63
CA LEU D 55 12.61 12.83 -7.28
C LEU D 55 13.67 13.51 -6.45
N GLU D 56 14.80 13.85 -7.07
CA GLU D 56 15.92 14.47 -6.39
C GLU D 56 16.16 15.85 -6.99
N GLU D 57 16.07 16.89 -6.17
CA GLU D 57 16.21 18.26 -6.62
C GLU D 57 17.60 18.79 -6.33
N LYS D 58 18.14 19.59 -7.25
CA LYS D 58 19.46 20.19 -7.11
C LYS D 58 19.40 21.57 -7.78
N GLY D 59 19.11 22.58 -6.99
CA GLY D 59 18.93 23.91 -7.55
C GLY D 59 17.68 23.96 -8.39
N ARG D 60 17.80 24.45 -9.62
CA ARG D 60 16.66 24.48 -10.54
C ARG D 60 16.46 23.18 -11.28
N PHE D 61 17.35 22.20 -11.12
CA PHE D 61 17.27 20.93 -11.83
C PHE D 61 16.76 19.84 -10.88
N SER D 62 15.89 18.98 -11.40
CA SER D 62 15.39 17.82 -10.67
C SER D 62 15.44 16.61 -11.59
N SER D 63 15.74 15.45 -10.99
CA SER D 63 15.82 14.20 -11.74
C SER D 63 14.92 13.17 -11.09
N PHE D 64 14.02 12.59 -11.87
CA PHE D 64 13.04 11.61 -11.42
C PHE D 64 13.36 10.26 -12.04
N LEU D 65 13.02 9.19 -11.31
CA LEU D 65 13.23 7.84 -11.79
C LEU D 65 12.06 6.96 -11.39
N SER D 66 11.54 6.20 -12.35
CA SER D 66 10.54 5.17 -12.10
C SER D 66 11.11 3.85 -12.61
N ARG D 67 11.46 2.96 -11.68
CA ARG D 67 12.03 1.68 -12.08
CA ARG D 67 12.03 1.67 -12.06
C ARG D 67 10.98 0.71 -12.62
N SER D 68 9.74 0.82 -12.15
CA SER D 68 8.70 -0.09 -12.64
C SER D 68 8.34 0.18 -14.09
N LYS D 69 8.45 1.44 -14.53
CA LYS D 69 8.15 1.81 -15.91
C LYS D 69 9.40 1.98 -16.76
N GLY D 70 10.59 1.85 -16.17
CA GLY D 70 11.84 2.01 -16.90
C GLY D 70 11.93 3.37 -17.57
N TYR D 71 11.83 4.44 -16.77
CA TYR D 71 11.70 5.78 -17.33
C TYR D 71 12.20 6.80 -16.32
N SER D 72 12.88 7.82 -16.85
CA SER D 72 13.39 8.91 -16.03
C SER D 72 13.11 10.22 -16.76
N TYR D 73 13.07 11.31 -16.00
CA TYR D 73 13.01 12.62 -16.62
C TYR D 73 13.90 13.61 -15.89
N LEU D 74 14.44 14.55 -16.65
CA LEU D 74 15.16 15.69 -16.11
C LEU D 74 14.26 16.91 -16.22
N LEU D 75 14.04 17.59 -15.10
CA LEU D 75 13.11 18.72 -15.04
C LEU D 75 13.90 20.00 -14.80
N LEU D 76 13.66 21.01 -15.65
CA LEU D 76 14.30 22.31 -15.53
C LEU D 76 13.22 23.36 -15.28
N LYS D 77 13.35 24.08 -14.18
CA LYS D 77 12.42 25.15 -13.81
C LYS D 77 13.08 26.50 -14.01
N GLU D 78 12.25 27.52 -14.23
CA GLU D 78 12.70 28.89 -14.45
C GLU D 78 13.80 28.93 -15.52
N LEU D 79 13.43 28.49 -16.72
CA LEU D 79 14.41 28.32 -17.79
C LEU D 79 15.13 29.63 -18.10
N GLN D 80 16.44 29.54 -18.25
CA GLN D 80 17.29 30.65 -18.64
C GLN D 80 17.93 30.33 -19.99
N MET D 81 18.45 31.38 -20.64
CA MET D 81 19.12 31.19 -21.92
C MET D 81 20.34 30.30 -21.76
N LYS D 82 21.04 30.38 -20.62
CA LYS D 82 22.22 29.55 -20.40
C LYS D 82 21.89 28.07 -20.25
N ASP D 83 20.62 27.71 -20.17
CA ASP D 83 20.24 26.30 -20.13
C ASP D 83 20.26 25.65 -21.50
N SER D 84 20.36 26.44 -22.57
CA SER D 84 20.51 25.88 -23.90
C SER D 84 21.76 25.02 -23.98
N ALA D 85 21.56 23.72 -24.23
CA ALA D 85 22.64 22.73 -24.29
C ALA D 85 22.08 21.39 -24.72
N SER D 86 22.93 20.38 -24.82
CA SER D 86 22.47 19.02 -25.00
C SER D 86 22.50 18.29 -23.66
N TYR D 87 21.50 17.43 -23.44
CA TYR D 87 21.38 16.70 -22.18
C TYR D 87 21.39 15.21 -22.48
N LEU D 88 22.39 14.52 -21.92
CA LEU D 88 22.62 13.11 -22.20
C LEU D 88 22.19 12.27 -21.01
N CYS D 89 21.45 11.20 -21.30
CA CYS D 89 21.02 10.23 -20.30
CA CYS D 89 21.06 10.24 -20.28
C CYS D 89 21.72 8.91 -20.57
N ALA D 90 22.24 8.30 -19.50
CA ALA D 90 23.00 7.06 -19.62
C ALA D 90 22.65 6.13 -18.45
N VAL D 91 22.62 4.84 -18.73
CA VAL D 91 22.23 3.82 -17.76
C VAL D 91 23.34 2.79 -17.65
N LYS D 92 23.67 2.41 -16.42
CA LYS D 92 24.59 1.31 -16.16
C LYS D 92 23.82 0.00 -16.13
N ASP D 93 24.26 -0.98 -16.92
CA ASP D 93 23.59 -2.26 -16.99
C ASP D 93 24.16 -3.19 -15.92
N SER D 94 23.82 -4.48 -16.01
CA SER D 94 24.23 -5.45 -14.99
C SER D 94 25.74 -5.60 -14.90
N ASN D 95 26.45 -5.42 -16.01
CA ASN D 95 27.91 -5.51 -16.03
C ASN D 95 28.57 -4.14 -15.88
N TYR D 96 27.84 -3.16 -15.35
CA TYR D 96 28.35 -1.82 -15.04
C TYR D 96 28.82 -1.07 -16.27
N GLN D 97 28.36 -1.48 -17.45
CA GLN D 97 28.66 -0.77 -18.69
C GLN D 97 27.63 0.33 -18.91
N LEU D 98 28.10 1.48 -19.39
CA LEU D 98 27.24 2.63 -19.63
C LEU D 98 26.60 2.53 -21.01
N ILE D 99 25.28 2.58 -21.05
CA ILE D 99 24.52 2.66 -22.29
C ILE D 99 24.07 4.11 -22.45
N TRP D 100 24.55 4.76 -23.50
CA TRP D 100 24.31 6.19 -23.71
C TRP D 100 23.15 6.41 -24.67
N GLY D 101 22.27 7.36 -24.31
CA GLY D 101 21.30 7.85 -25.25
C GLY D 101 21.91 8.85 -26.23
N ALA D 102 21.19 9.10 -27.32
CA ALA D 102 21.70 9.97 -28.37
C ALA D 102 21.71 11.44 -27.97
N GLY D 103 21.06 11.80 -26.87
CA GLY D 103 21.10 13.16 -26.39
C GLY D 103 19.91 13.98 -26.87
N THR D 104 19.53 14.96 -26.06
CA THR D 104 18.43 15.87 -26.36
C THR D 104 18.98 17.28 -26.40
N LYS D 105 18.83 17.96 -27.54
CA LYS D 105 19.19 19.36 -27.68
C LYS D 105 18.03 20.22 -27.20
N LEU D 106 18.30 21.09 -26.23
CA LEU D 106 17.29 21.96 -25.65
C LEU D 106 17.50 23.38 -26.15
N ILE D 107 16.48 23.94 -26.80
CA ILE D 107 16.49 25.31 -27.30
C ILE D 107 15.56 26.14 -26.45
N ILE D 108 16.06 27.27 -25.96
CA ILE D 108 15.31 28.19 -25.11
C ILE D 108 14.91 29.40 -25.94
N LYS D 109 13.61 29.58 -26.14
CA LYS D 109 13.10 30.73 -26.88
C LYS D 109 12.95 31.91 -25.94
N PRO D 110 13.57 33.05 -26.21
CA PRO D 110 13.36 34.23 -25.35
C PRO D 110 11.97 34.79 -25.52
N ASP D 111 11.53 35.54 -24.52
CA ASP D 111 10.24 36.22 -24.55
C ASP D 111 10.50 37.68 -24.93
N ILE D 112 10.37 37.96 -26.23
CA ILE D 112 10.65 39.30 -26.74
C ILE D 112 9.60 40.27 -26.21
N GLN D 113 10.05 41.26 -25.43
CA GLN D 113 9.10 42.17 -24.80
C GLN D 113 8.47 43.12 -25.81
N ASN D 114 9.28 43.69 -26.70
CA ASN D 114 8.80 44.67 -27.68
C ASN D 114 9.34 44.29 -29.06
N PRO D 115 8.58 43.52 -29.82
CA PRO D 115 9.04 43.15 -31.17
C PRO D 115 9.12 44.38 -32.07
N ASP D 116 10.12 44.39 -32.93
CA ASP D 116 10.32 45.48 -33.88
C ASP D 116 11.07 44.96 -35.11
N PRO D 117 10.44 44.13 -35.94
CA PRO D 117 11.18 43.48 -37.02
C PRO D 117 11.69 44.48 -38.05
N ALA D 118 12.92 44.27 -38.52
CA ALA D 118 13.53 45.18 -39.48
C ALA D 118 14.66 44.46 -40.20
N VAL D 119 14.98 44.96 -41.39
CA VAL D 119 16.07 44.44 -42.20
C VAL D 119 16.98 45.61 -42.54
N TYR D 120 18.19 45.61 -41.99
CA TYR D 120 19.16 46.66 -42.22
C TYR D 120 20.28 46.18 -43.13
N GLN D 121 20.98 47.13 -43.73
CA GLN D 121 22.13 46.85 -44.58
C GLN D 121 23.38 47.44 -43.93
N LEU D 122 24.45 46.66 -43.90
CA LEU D 122 25.71 47.05 -43.29
C LEU D 122 26.80 47.13 -44.35
N ARG D 123 27.78 48.00 -44.12
CA ARG D 123 28.90 48.19 -45.04
C ARG D 123 30.20 47.79 -44.35
N ASP D 124 31.20 47.46 -45.17
CA ASP D 124 32.49 47.03 -44.66
C ASP D 124 33.24 48.22 -44.04
N SER D 131 28.33 43.01 -49.38
CA SER D 131 27.35 43.64 -48.51
C SER D 131 26.67 42.61 -47.62
N VAL D 132 26.09 43.06 -46.51
CA VAL D 132 25.48 42.17 -45.52
C VAL D 132 24.15 42.77 -45.08
N CYS D 133 23.09 41.98 -45.20
CA CYS D 133 21.77 42.35 -44.72
C CYS D 133 21.48 41.66 -43.40
N LEU D 134 20.86 42.39 -42.47
CA LEU D 134 20.63 41.91 -41.11
C LEU D 134 19.14 41.96 -40.78
N PHE D 135 18.51 40.80 -40.69
CA PHE D 135 17.15 40.68 -40.18
C PHE D 135 17.23 40.51 -38.67
N THR D 136 16.68 41.47 -37.93
CA THR D 136 16.82 41.48 -36.48
C THR D 136 15.52 41.92 -35.82
N ASP D 137 15.45 41.68 -34.51
CA ASP D 137 14.40 42.21 -33.64
C ASP D 137 13.01 41.68 -34.00
N PHE D 138 12.93 40.45 -34.49
CA PHE D 138 11.66 39.79 -34.71
C PHE D 138 11.31 38.90 -33.53
N ASP D 139 10.02 38.59 -33.38
CA ASP D 139 9.58 37.78 -32.26
C ASP D 139 10.00 36.32 -32.46
N SER D 140 10.06 35.59 -31.35
CA SER D 140 10.56 34.22 -31.36
C SER D 140 9.66 33.26 -32.13
N GLN D 141 8.47 33.69 -32.54
CA GLN D 141 7.57 32.79 -33.25
C GLN D 141 8.02 32.54 -34.68
N THR D 142 8.52 33.57 -35.36
CA THR D 142 8.91 33.43 -36.76
C THR D 142 10.30 32.79 -36.87
N ASN D 143 10.54 32.16 -38.02
CA ASN D 143 11.80 31.48 -38.26
C ASN D 143 12.25 31.72 -39.69
N VAL D 144 13.52 31.44 -39.94
CA VAL D 144 14.16 31.71 -41.22
C VAL D 144 14.36 30.42 -41.99
N SER D 145 14.52 30.55 -43.30
CA SER D 145 14.78 29.42 -44.18
C SER D 145 16.06 29.68 -44.98
N GLN D 146 16.67 28.58 -45.43
CA GLN D 146 17.90 28.68 -46.21
C GLN D 146 17.62 29.29 -47.58
N SER D 147 18.68 29.82 -48.18
CA SER D 147 18.53 30.47 -49.49
C SER D 147 18.39 29.43 -50.59
N LYS D 148 17.64 29.80 -51.63
CA LYS D 148 17.46 28.91 -52.77
C LYS D 148 18.70 28.87 -53.65
N ASP D 149 19.36 30.01 -53.83
CA ASP D 149 20.56 30.07 -54.65
C ASP D 149 21.79 29.69 -53.84
N SER D 150 22.74 29.04 -54.51
CA SER D 150 23.99 28.67 -53.86
C SER D 150 24.96 29.84 -53.72
N ASP D 151 24.75 30.92 -54.47
CA ASP D 151 25.59 32.10 -54.35
C ASP D 151 25.14 33.03 -53.23
N VAL D 152 24.00 32.77 -52.61
CA VAL D 152 23.48 33.55 -51.50
C VAL D 152 23.52 32.70 -50.24
N TYR D 153 24.10 33.23 -49.18
CA TYR D 153 24.28 32.51 -47.93
C TYR D 153 23.43 33.16 -46.84
N ILE D 154 22.56 32.38 -46.20
CA ILE D 154 21.69 32.85 -45.14
C ILE D 154 21.85 31.92 -43.94
N THR D 155 22.07 32.49 -42.77
CA THR D 155 22.21 31.73 -41.54
C THR D 155 20.86 31.57 -40.85
N ASP D 156 20.80 30.64 -39.91
CA ASP D 156 19.62 30.49 -39.09
C ASP D 156 19.59 31.57 -38.00
N LYS D 157 18.43 31.74 -37.39
CA LYS D 157 18.29 32.78 -36.39
C LYS D 157 19.14 32.46 -35.16
N CYS D 158 19.41 33.51 -34.37
CA CYS D 158 20.39 33.42 -33.31
C CYS D 158 20.06 34.50 -32.28
N VAL D 159 20.11 34.12 -31.00
CA VAL D 159 19.67 34.97 -29.91
C VAL D 159 20.89 35.56 -29.21
N LEU D 160 20.91 36.88 -29.06
CA LEU D 160 21.90 37.57 -28.24
C LEU D 160 21.20 38.18 -27.03
N ASP D 161 21.92 38.22 -25.91
CA ASP D 161 21.40 38.76 -24.66
C ASP D 161 22.34 39.83 -24.16
N MET D 162 21.84 41.07 -24.10
CA MET D 162 22.61 42.19 -23.56
C MET D 162 22.32 42.29 -22.06
N ARG D 163 23.31 41.93 -21.25
CA ARG D 163 23.12 41.85 -19.80
C ARG D 163 23.05 43.23 -19.15
N SER D 164 23.66 44.25 -19.76
CA SER D 164 23.62 45.60 -19.19
C SER D 164 22.19 46.10 -19.08
N MET D 165 21.38 45.86 -20.11
CA MET D 165 19.96 46.11 -20.06
C MET D 165 19.23 44.78 -19.83
N ASP D 166 17.94 44.73 -20.12
CA ASP D 166 17.17 43.50 -20.07
C ASP D 166 16.74 43.04 -21.45
N PHE D 167 17.56 43.33 -22.46
CA PHE D 167 17.17 43.18 -23.85
C PHE D 167 17.71 41.88 -24.43
N LYS D 168 16.83 41.13 -25.09
CA LYS D 168 17.20 39.96 -25.88
C LYS D 168 16.60 40.12 -27.27
N SER D 169 17.37 39.79 -28.30
CA SER D 169 16.92 39.97 -29.67
C SER D 169 17.39 38.81 -30.53
N ASN D 170 16.53 38.42 -31.47
CA ASN D 170 16.88 37.43 -32.48
C ASN D 170 17.46 38.14 -33.70
N SER D 171 18.27 37.42 -34.46
CA SER D 171 18.87 37.99 -35.65
C SER D 171 19.27 36.88 -36.61
N ALA D 172 19.21 37.20 -37.90
CA ALA D 172 19.71 36.32 -38.95
C ALA D 172 20.45 37.18 -39.98
N VAL D 173 21.52 36.64 -40.53
CA VAL D 173 22.40 37.37 -41.44
C VAL D 173 22.34 36.74 -42.81
N ALA D 174 22.31 37.58 -43.85
CA ALA D 174 22.34 37.14 -45.23
C ALA D 174 23.33 38.00 -46.00
N TRP D 175 24.12 37.37 -46.87
CA TRP D 175 25.11 38.08 -47.66
C TRP D 175 25.36 37.32 -48.96
N SER D 176 25.92 38.03 -49.93
CA SER D 176 26.26 37.45 -51.22
C SER D 176 27.15 38.42 -51.98
N ASN D 177 27.93 37.87 -52.91
CA ASN D 177 28.74 38.66 -53.82
C ASN D 177 28.10 38.78 -55.20
N LYS D 178 26.85 38.34 -55.36
CA LYS D 178 26.15 38.45 -56.62
C LYS D 178 25.73 39.89 -56.88
N SER D 179 25.33 40.16 -58.12
CA SER D 179 25.00 41.53 -58.51
C SER D 179 23.55 41.86 -58.21
N ASP D 180 22.64 40.94 -58.49
CA ASP D 180 21.22 41.18 -58.31
C ASP D 180 20.77 41.04 -56.85
N PHE D 181 21.68 40.75 -55.94
CA PHE D 181 21.32 40.56 -54.53
C PHE D 181 21.09 41.90 -53.85
N ALA D 182 19.96 42.02 -53.16
CA ALA D 182 19.62 43.23 -52.42
C ALA D 182 18.89 42.83 -51.14
N CYS D 183 18.91 43.73 -50.15
CA CYS D 183 18.33 43.42 -48.86
C CYS D 183 16.81 43.27 -48.92
N ALA D 184 16.16 43.84 -49.93
CA ALA D 184 14.72 43.64 -50.08
C ALA D 184 14.40 42.19 -50.43
N ASN D 185 15.22 41.57 -51.28
CA ASN D 185 15.03 40.20 -51.71
C ASN D 185 15.82 39.20 -50.86
N ALA D 186 16.50 39.67 -49.80
CA ALA D 186 17.39 38.80 -49.05
C ALA D 186 16.63 37.65 -48.41
N PHE D 187 15.51 37.94 -47.75
CA PHE D 187 14.75 36.94 -47.01
C PHE D 187 13.42 36.63 -47.66
N ASN D 188 13.35 36.73 -49.00
CA ASN D 188 12.11 36.44 -49.70
C ASN D 188 11.74 34.96 -49.63
N ASN D 189 12.74 34.08 -49.52
CA ASN D 189 12.44 32.65 -49.41
C ASN D 189 11.71 32.32 -48.12
N SER D 190 11.95 33.09 -47.06
CA SER D 190 11.25 32.92 -45.80
C SER D 190 10.03 33.83 -45.75
N ILE D 191 9.10 33.50 -44.86
CA ILE D 191 7.93 34.34 -44.61
C ILE D 191 8.21 35.16 -43.35
N ILE D 192 8.09 36.48 -43.49
CA ILE D 192 8.48 37.41 -42.42
C ILE D 192 7.24 38.21 -42.04
N PRO D 193 7.25 38.85 -40.87
CA PRO D 193 6.11 39.69 -40.49
C PRO D 193 5.86 40.81 -41.49
N GLU D 194 4.59 41.20 -41.60
CA GLU D 194 4.22 42.24 -42.55
C GLU D 194 4.70 43.62 -42.11
N ASP D 195 4.80 43.84 -40.80
CA ASP D 195 5.26 45.12 -40.25
C ASP D 195 6.78 45.24 -40.22
N THR D 196 7.50 44.42 -40.98
CA THR D 196 8.96 44.46 -40.96
C THR D 196 9.46 45.74 -41.61
N PHE D 197 10.32 46.46 -40.89
CA PHE D 197 10.85 47.72 -41.37
C PHE D 197 11.89 47.48 -42.46
N PHE D 198 11.66 48.04 -43.65
CA PHE D 198 12.60 48.00 -44.76
C PHE D 198 13.03 49.42 -45.08
N PRO D 199 14.10 49.91 -44.44
CA PRO D 199 14.58 51.28 -44.75
C PRO D 199 15.17 51.34 -46.15
N SER D 200 14.61 52.24 -46.96
CA SER D 200 15.05 52.40 -48.34
C SER D 200 16.38 53.15 -48.42
N GLY E 4 40.46 18.94 -14.18
CA GLY E 4 40.75 17.63 -13.66
C GLY E 4 41.39 16.70 -14.67
N VAL E 5 40.77 16.58 -15.84
CA VAL E 5 41.23 15.71 -16.91
C VAL E 5 41.77 16.58 -18.04
N THR E 6 43.04 16.38 -18.40
CA THR E 6 43.71 17.14 -19.43
C THR E 6 44.00 16.24 -20.62
N GLN E 7 43.44 16.58 -21.78
CA GLN E 7 43.71 15.84 -23.01
C GLN E 7 44.15 16.82 -24.10
N THR E 8 45.03 16.34 -24.97
CA THR E 8 45.62 17.12 -26.04
C THR E 8 45.74 16.25 -27.28
N PRO E 9 45.67 16.85 -28.48
CA PRO E 9 45.41 18.27 -28.74
C PRO E 9 43.92 18.57 -28.85
N LYS E 10 43.58 19.86 -28.95
CA LYS E 10 42.18 20.22 -29.14
C LYS E 10 41.72 19.94 -30.56
N PHE E 11 42.55 20.28 -31.55
CA PHE E 11 42.24 20.05 -32.95
C PHE E 11 43.45 19.45 -33.64
N GLN E 12 43.21 18.73 -34.73
CA GLN E 12 44.29 18.15 -35.52
C GLN E 12 43.76 17.74 -36.88
N VAL E 13 44.53 18.08 -37.92
CA VAL E 13 44.25 17.65 -39.29
C VAL E 13 45.21 16.53 -39.63
N LEU E 14 44.69 15.46 -40.23
CA LEU E 14 45.50 14.29 -40.56
C LEU E 14 45.23 13.83 -41.98
N LYS E 15 46.29 13.41 -42.66
CA LYS E 15 46.15 12.78 -43.96
C LYS E 15 45.85 11.30 -43.78
N THR E 16 45.13 10.73 -44.75
CA THR E 16 44.82 9.30 -44.71
C THR E 16 46.11 8.50 -44.65
N GLY E 17 46.13 7.48 -43.77
CA GLY E 17 47.30 6.66 -43.58
C GLY E 17 48.29 7.18 -42.55
N GLN E 18 48.11 8.41 -42.07
CA GLN E 18 48.99 8.99 -41.08
C GLN E 18 48.71 8.38 -39.71
N SER E 19 49.70 8.47 -38.82
CA SER E 19 49.57 8.01 -37.45
C SER E 19 49.36 9.18 -36.50
N MET E 20 48.77 8.90 -35.35
CA MET E 20 48.46 9.94 -34.38
CA MET E 20 48.51 9.94 -34.37
C MET E 20 48.27 9.32 -33.01
N THR E 21 48.67 10.04 -31.96
CA THR E 21 48.50 9.62 -30.58
C THR E 21 47.85 10.75 -29.79
N LEU E 22 46.72 10.45 -29.14
CA LEU E 22 46.04 11.41 -28.29
C LEU E 22 46.47 11.20 -26.84
N GLN E 23 46.75 12.31 -26.15
CA GLN E 23 47.18 12.28 -24.76
C GLN E 23 46.00 12.52 -23.84
N CYS E 24 46.08 11.95 -22.63
CA CYS E 24 45.06 12.17 -21.60
C CYS E 24 45.69 11.92 -20.25
N ALA E 25 45.60 12.91 -19.35
CA ALA E 25 46.16 12.78 -18.02
C ALA E 25 45.16 13.32 -17.00
N GLN E 26 45.10 12.68 -15.83
CA GLN E 26 44.28 13.13 -14.72
C GLN E 26 45.07 12.98 -13.43
N ASP E 27 44.97 13.98 -12.57
CA ASP E 27 45.64 13.96 -11.27
C ASP E 27 44.63 13.96 -10.14
N MET E 28 43.54 13.20 -10.31
CA MET E 28 42.52 13.03 -9.29
C MET E 28 42.61 11.67 -8.60
N ASN E 29 43.71 10.94 -8.82
CA ASN E 29 43.91 9.60 -8.25
C ASN E 29 42.81 8.63 -8.69
N HIS E 30 42.25 8.85 -9.88
CA HIS E 30 41.26 7.95 -10.42
C HIS E 30 41.93 6.70 -10.98
N ASN E 31 41.22 5.57 -10.87
CA ASN E 31 41.74 4.30 -11.35
C ASN E 31 41.20 3.90 -12.72
N SER E 32 39.99 4.32 -13.06
CA SER E 32 39.37 3.96 -14.34
C SER E 32 39.49 5.11 -15.31
N MET E 33 39.81 4.80 -16.57
CA MET E 33 39.93 5.80 -17.62
C MET E 33 39.34 5.24 -18.92
N TYR E 34 38.81 6.13 -19.74
CA TYR E 34 38.00 5.75 -20.88
C TYR E 34 38.32 6.65 -22.07
N TRP E 35 38.17 6.10 -23.28
CA TRP E 35 38.27 6.87 -24.51
C TRP E 35 36.98 6.70 -25.30
N TYR E 36 36.28 7.81 -25.52
CA TYR E 36 35.02 7.84 -26.26
C TYR E 36 35.18 8.63 -27.55
N ARG E 37 34.33 8.35 -28.52
CA ARG E 37 34.16 9.19 -29.69
C ARG E 37 32.69 9.60 -29.79
N GLN E 38 32.47 10.85 -30.21
CA GLN E 38 31.12 11.41 -30.29
C GLN E 38 30.84 11.79 -31.74
N ASP E 39 29.82 11.16 -32.31
CA ASP E 39 29.38 11.40 -33.67
C ASP E 39 27.94 11.89 -33.69
N PRO E 40 27.56 12.73 -34.65
CA PRO E 40 26.19 13.26 -34.67
C PRO E 40 25.16 12.15 -34.80
N GLY E 41 24.06 12.30 -34.07
CA GLY E 41 22.92 11.41 -34.19
C GLY E 41 22.98 10.14 -33.35
N MET E 42 24.06 9.91 -32.62
CA MET E 42 24.18 8.70 -31.82
C MET E 42 24.86 9.03 -30.50
N GLY E 43 24.66 8.15 -29.51
CA GLY E 43 25.29 8.33 -28.22
C GLY E 43 26.76 8.00 -28.25
N LEU E 44 27.45 8.46 -27.20
CA LEU E 44 28.88 8.20 -27.04
C LEU E 44 29.18 6.72 -27.21
N ARG E 45 30.26 6.43 -27.92
CA ARG E 45 30.68 5.05 -28.19
C ARG E 45 32.07 4.84 -27.59
N LEU E 46 32.19 3.84 -26.72
CA LEU E 46 33.44 3.54 -26.05
C LEU E 46 34.41 2.85 -27.01
N ILE E 47 35.63 3.37 -27.08
CA ILE E 47 36.67 2.82 -27.96
C ILE E 47 37.47 1.78 -27.18
N TYR E 48 38.13 2.24 -26.12
CA TYR E 48 38.87 1.39 -25.20
C TYR E 48 38.68 1.95 -23.80
N TYR E 49 38.97 1.12 -22.81
CA TYR E 49 38.93 1.58 -21.43
C TYR E 49 39.99 0.85 -20.62
N SER E 50 40.25 1.36 -19.43
CA SER E 50 41.25 0.79 -18.52
C SER E 50 40.64 0.80 -17.12
N ALA E 51 40.21 -0.38 -16.67
CA ALA E 51 39.56 -0.49 -15.37
C ALA E 51 40.49 -0.05 -14.24
N SER E 52 41.78 -0.29 -14.39
CA SER E 52 42.77 0.13 -13.41
CA SER E 52 42.77 0.11 -13.39
C SER E 52 44.14 0.09 -14.06
N GLU E 53 45.11 0.70 -13.38
CA GLU E 53 46.48 0.68 -13.88
C GLU E 53 46.94 -0.76 -14.07
N GLY E 54 47.49 -1.06 -15.24
CA GLY E 54 47.95 -2.39 -15.55
C GLY E 54 46.97 -3.28 -16.30
N THR E 55 45.85 -2.73 -16.77
CA THR E 55 44.94 -3.54 -17.57
C THR E 55 44.13 -2.61 -18.49
N THR E 56 43.85 -3.11 -19.69
CA THR E 56 43.02 -2.42 -20.67
C THR E 56 42.15 -3.45 -21.38
N ASP E 57 41.08 -2.98 -22.01
CA ASP E 57 40.24 -3.86 -22.79
C ASP E 57 39.49 -3.06 -23.84
N LYS E 58 39.04 -3.75 -24.88
CA LYS E 58 38.32 -3.11 -25.96
C LYS E 58 36.97 -2.59 -25.49
N GLY E 59 36.49 -1.54 -26.16
CA GLY E 59 35.15 -1.04 -25.94
C GLY E 59 34.21 -1.53 -27.02
N GLU E 60 33.40 -0.61 -27.55
CA GLU E 60 32.43 -0.97 -28.59
C GLU E 60 33.02 -0.89 -29.99
N VAL E 61 33.84 0.13 -30.26
CA VAL E 61 34.40 0.33 -31.59
C VAL E 61 35.93 0.37 -31.51
N PRO E 62 36.59 -0.75 -31.23
CA PRO E 62 38.06 -0.71 -31.05
C PRO E 62 38.85 -0.80 -32.35
N ASN E 63 38.23 -1.23 -33.45
CA ASN E 63 38.97 -1.46 -34.68
C ASN E 63 39.60 -0.17 -35.19
N GLY E 64 40.88 -0.25 -35.57
CA GLY E 64 41.62 0.91 -36.01
C GLY E 64 42.25 1.72 -34.90
N TYR E 65 42.13 1.29 -33.66
CA TYR E 65 42.67 2.01 -32.52
C TYR E 65 43.46 1.07 -31.61
N ASN E 66 44.31 1.67 -30.79
CA ASN E 66 45.01 0.99 -29.72
CA ASN E 66 44.92 0.97 -29.68
C ASN E 66 45.23 1.98 -28.59
N VAL E 67 45.46 1.45 -27.37
CA VAL E 67 45.67 2.30 -26.21
C VAL E 67 46.84 1.78 -25.39
N SER E 68 47.37 2.67 -24.55
CA SER E 68 48.39 2.32 -23.57
C SER E 68 48.05 3.03 -22.27
N ARG E 69 47.85 2.26 -21.20
CA ARG E 69 47.75 2.82 -19.85
C ARG E 69 49.17 2.96 -19.34
N LEU E 70 49.78 4.12 -19.60
CA LEU E 70 51.19 4.32 -19.28
C LEU E 70 51.44 4.24 -17.78
N ASN E 71 50.51 4.78 -16.99
CA ASN E 71 50.58 4.72 -15.53
C ASN E 71 49.18 5.02 -15.00
N LYS E 72 49.08 5.29 -13.70
CA LYS E 72 47.77 5.56 -13.11
C LYS E 72 47.17 6.86 -13.63
N ARG E 73 47.98 7.80 -14.10
CA ARG E 73 47.52 9.10 -14.54
C ARG E 73 47.23 9.19 -16.03
N GLU E 74 47.96 8.45 -16.88
CA GLU E 74 47.96 8.69 -18.31
C GLU E 74 47.37 7.51 -19.07
N PHE E 75 46.60 7.82 -20.11
CA PHE E 75 45.90 6.81 -20.92
C PHE E 75 45.90 7.33 -22.36
N SER E 76 46.82 6.82 -23.17
CA SER E 76 47.02 7.30 -24.53
CA SER E 76 47.00 7.30 -24.52
C SER E 76 46.15 6.51 -25.51
N LEU E 77 45.74 7.19 -26.58
CA LEU E 77 44.96 6.60 -27.66
C LEU E 77 45.71 6.81 -28.97
N ARG E 78 45.91 5.73 -29.72
CA ARG E 78 46.68 5.77 -30.96
C ARG E 78 45.81 5.39 -32.15
N LEU E 79 45.92 6.16 -33.22
CA LEU E 79 45.37 5.80 -34.51
C LEU E 79 46.53 5.29 -35.37
N GLU E 80 46.52 3.99 -35.67
N GLU E 80 46.52 4.00 -35.66
CA GLU E 80 47.65 3.40 -36.41
CA GLU E 80 47.63 3.39 -36.40
C GLU E 80 47.72 3.95 -37.82
C GLU E 80 47.71 3.95 -37.83
N SER E 81 46.61 3.87 -38.57
CA SER E 81 46.56 4.38 -39.94
C SER E 81 45.23 5.11 -40.08
N ALA E 82 45.29 6.44 -40.09
CA ALA E 82 44.08 7.25 -40.05
C ALA E 82 43.22 7.02 -41.29
N ALA E 83 41.91 6.85 -41.07
CA ALA E 83 40.93 6.69 -42.12
C ALA E 83 39.84 7.75 -41.98
N PRO E 84 39.20 8.13 -43.09
CA PRO E 84 38.12 9.15 -42.99
C PRO E 84 36.99 8.74 -42.07
N SER E 85 36.78 7.44 -41.84
CA SER E 85 35.77 6.99 -40.88
C SER E 85 36.10 7.38 -39.44
N GLN E 86 37.34 7.81 -39.18
CA GLN E 86 37.76 8.19 -37.85
C GLN E 86 37.65 9.69 -37.60
N THR E 87 37.22 10.47 -38.59
CA THR E 87 36.88 11.87 -38.37
C THR E 87 35.77 11.96 -37.33
N SER E 88 36.06 12.52 -36.16
CA SER E 88 35.13 12.52 -35.05
C SER E 88 35.68 13.44 -33.97
N VAL E 89 34.90 13.58 -32.90
CA VAL E 89 35.34 14.26 -31.68
C VAL E 89 35.60 13.19 -30.63
N TYR E 90 36.81 13.18 -30.08
CA TYR E 90 37.24 12.17 -29.12
C TYR E 90 37.26 12.76 -27.73
N PHE E 91 36.69 12.04 -26.77
CA PHE E 91 36.69 12.44 -25.37
C PHE E 91 37.35 11.36 -24.52
N CYS E 92 38.22 11.79 -23.62
CA CYS E 92 38.78 10.93 -22.59
CA CYS E 92 38.75 10.90 -22.61
C CYS E 92 38.12 11.24 -21.26
N ALA E 93 37.85 10.20 -20.48
CA ALA E 93 37.17 10.37 -19.21
C ALA E 93 37.83 9.48 -18.16
N SER E 94 37.52 9.77 -16.90
CA SER E 94 38.03 8.97 -15.79
C SER E 94 36.99 8.96 -14.67
N SER E 95 37.06 7.92 -13.85
CA SER E 95 36.21 7.80 -12.67
C SER E 95 37.04 7.20 -11.55
N VAL E 96 36.57 7.38 -10.32
CA VAL E 96 37.29 6.90 -9.15
C VAL E 96 37.55 5.40 -9.27
N TRP E 97 36.49 4.63 -9.50
CA TRP E 97 36.60 3.20 -9.75
C TRP E 97 35.64 2.83 -10.86
N THR E 98 35.84 1.64 -11.42
CA THR E 98 34.84 1.01 -12.27
C THR E 98 34.16 -0.10 -11.47
N GLY E 99 32.87 -0.26 -11.69
CA GLY E 99 32.12 -1.24 -10.93
C GLY E 99 31.39 -0.72 -9.72
N GLU E 100 31.60 0.56 -9.36
CA GLU E 100 30.75 1.20 -8.36
C GLU E 100 29.67 1.98 -9.08
N GLY E 101 28.42 1.78 -8.67
CA GLY E 101 27.30 2.21 -9.50
C GLY E 101 27.15 3.72 -9.60
N SER E 102 27.44 4.42 -8.51
CA SER E 102 27.13 5.85 -8.44
C SER E 102 28.27 6.74 -8.91
N GLY E 103 29.45 6.18 -9.17
CA GLY E 103 30.57 6.99 -9.61
C GLY E 103 30.33 7.56 -10.99
N GLU E 104 30.44 8.88 -11.12
CA GLU E 104 30.22 9.53 -12.40
C GLU E 104 31.53 9.69 -13.17
N LEU E 105 31.40 10.10 -14.42
CA LEU E 105 32.55 10.34 -15.29
C LEU E 105 32.97 11.81 -15.24
N PHE E 106 34.28 12.03 -15.32
CA PHE E 106 34.85 13.36 -15.47
C PHE E 106 35.53 13.41 -16.84
N PHE E 107 35.04 14.29 -17.70
CA PHE E 107 35.44 14.33 -19.11
C PHE E 107 36.54 15.34 -19.36
N GLY E 108 37.46 14.99 -20.28
CA GLY E 108 38.40 15.95 -20.81
C GLY E 108 37.73 16.89 -21.80
N GLU E 109 38.47 17.92 -22.22
CA GLU E 109 37.90 18.97 -23.04
C GLU E 109 37.58 18.53 -24.47
N GLY E 110 38.06 17.37 -24.89
CA GLY E 110 37.70 16.87 -26.20
C GLY E 110 38.75 17.18 -27.25
N SER E 111 38.83 16.31 -28.27
CA SER E 111 39.80 16.44 -29.35
C SER E 111 39.09 16.26 -30.67
N ARG E 112 39.14 17.28 -31.53
CA ARG E 112 38.50 17.24 -32.84
C ARG E 112 39.50 16.75 -33.88
N LEU E 113 39.22 15.61 -34.49
CA LEU E 113 40.06 15.04 -35.54
C LEU E 113 39.32 15.05 -36.87
N THR E 114 40.04 15.44 -37.92
CA THR E 114 39.53 15.39 -39.29
C THR E 114 40.56 14.71 -40.17
N VAL E 115 40.18 13.58 -40.76
CA VAL E 115 41.05 12.81 -41.63
C VAL E 115 40.70 13.13 -43.07
N LEU E 116 41.69 13.59 -43.84
CA LEU E 116 41.50 14.00 -45.22
C LEU E 116 42.42 13.20 -46.14
N GLU E 117 41.93 12.94 -47.36
CA GLU E 117 42.76 12.26 -48.35
C GLU E 117 44.02 13.06 -48.66
N ASP E 118 43.88 14.37 -48.84
CA ASP E 118 45.01 15.26 -49.04
C ASP E 118 44.70 16.59 -48.35
N LEU E 119 45.74 17.41 -48.19
CA LEU E 119 45.62 18.68 -47.51
C LEU E 119 45.48 19.86 -48.46
N LYS E 120 45.20 19.60 -49.74
CA LYS E 120 45.19 20.65 -50.75
C LYS E 120 43.98 21.58 -50.65
N ASN E 121 42.95 21.21 -49.90
CA ASN E 121 41.77 22.04 -49.73
C ASN E 121 41.75 22.76 -48.38
N VAL E 122 42.80 22.63 -47.58
CA VAL E 122 42.87 23.27 -46.28
C VAL E 122 43.13 24.76 -46.48
N PHE E 123 42.23 25.60 -45.95
CA PHE E 123 42.31 27.04 -46.10
C PHE E 123 41.97 27.72 -44.77
N PRO E 124 42.71 28.75 -44.40
CA PRO E 124 42.31 29.58 -43.26
C PRO E 124 41.14 30.46 -43.65
N PRO E 125 40.43 31.03 -42.69
CA PRO E 125 39.31 31.92 -43.03
C PRO E 125 39.79 33.32 -43.35
N GLU E 126 38.93 34.04 -44.08
CA GLU E 126 39.07 35.47 -44.26
C GLU E 126 38.02 36.16 -43.39
N VAL E 127 38.46 37.11 -42.56
CA VAL E 127 37.63 37.73 -41.55
C VAL E 127 37.36 39.18 -41.94
N ALA E 128 36.10 39.60 -41.83
CA ALA E 128 35.71 40.97 -42.12
C ALA E 128 34.64 41.40 -41.12
N VAL E 129 34.70 42.66 -40.71
CA VAL E 129 33.73 43.25 -39.80
C VAL E 129 32.90 44.28 -40.55
N PHE E 130 31.59 44.26 -40.32
CA PHE E 130 30.66 45.17 -40.97
C PHE E 130 30.07 46.11 -39.94
N GLU E 131 30.06 47.40 -40.26
CA GLU E 131 29.65 48.44 -39.33
C GLU E 131 28.13 48.53 -39.21
N PRO E 132 27.63 48.93 -38.04
CA PRO E 132 26.18 49.03 -37.87
C PRO E 132 25.54 50.02 -38.84
N SER E 133 24.27 49.78 -39.14
CA SER E 133 23.53 50.61 -40.07
C SER E 133 23.11 51.92 -39.39
N GLU E 134 23.07 52.99 -40.19
CA GLU E 134 22.56 54.26 -39.68
C GLU E 134 21.07 54.17 -39.38
N ALA E 135 20.33 53.36 -40.14
CA ALA E 135 18.90 53.21 -39.89
C ALA E 135 18.65 52.50 -38.57
N GLU E 136 19.47 51.51 -38.22
CA GLU E 136 19.27 50.78 -36.97
C GLU E 136 19.50 51.68 -35.76
N ILE E 137 20.49 52.58 -35.84
CA ILE E 137 20.80 53.45 -34.71
C ILE E 137 19.65 54.41 -34.43
N SER E 138 19.09 55.01 -35.48
CA SER E 138 18.01 55.97 -35.30
C SER E 138 16.67 55.30 -35.00
N HIS E 139 16.53 54.01 -35.30
CA HIS E 139 15.26 53.31 -35.12
C HIS E 139 15.19 52.51 -33.82
N THR E 140 16.31 51.94 -33.37
CA THR E 140 16.32 51.09 -32.19
C THR E 140 17.24 51.60 -31.09
N GLN E 141 17.97 52.70 -31.32
CA GLN E 141 18.95 53.23 -30.36
C GLN E 141 20.01 52.20 -30.01
N LYS E 142 20.29 51.28 -30.93
CA LYS E 142 21.26 50.21 -30.72
C LYS E 142 22.05 50.01 -32.00
N ALA E 143 23.23 49.41 -31.86
CA ALA E 143 24.16 49.23 -32.97
C ALA E 143 24.67 47.79 -32.99
N THR E 144 24.43 47.10 -34.09
CA THR E 144 24.84 45.70 -34.24
C THR E 144 26.03 45.61 -35.18
N LEU E 145 27.12 45.02 -34.70
CA LEU E 145 28.27 44.70 -35.52
C LEU E 145 28.20 43.24 -35.94
N VAL E 146 28.58 42.96 -37.19
CA VAL E 146 28.54 41.62 -37.74
C VAL E 146 29.93 41.23 -38.21
N CYS E 147 30.35 40.03 -37.88
CA CYS E 147 31.64 39.48 -38.29
C CYS E 147 31.43 38.25 -39.17
N LEU E 148 32.19 38.16 -40.24
CA LEU E 148 32.10 37.05 -41.18
C LEU E 148 33.47 36.41 -41.36
N ALA E 149 33.55 35.11 -41.12
CA ALA E 149 34.72 34.30 -41.45
C ALA E 149 34.30 33.31 -42.52
N THR E 150 34.91 33.42 -43.71
CA THR E 150 34.42 32.70 -44.87
C THR E 150 35.56 31.95 -45.56
N GLY E 151 35.19 30.86 -46.24
CA GLY E 151 36.11 30.13 -47.07
C GLY E 151 37.12 29.27 -46.36
N PHE E 152 36.87 28.91 -45.10
CA PHE E 152 37.84 28.10 -44.37
C PHE E 152 37.50 26.62 -44.46
N TYR E 153 38.52 25.79 -44.24
CA TYR E 153 38.42 24.35 -44.33
C TYR E 153 39.65 23.73 -43.67
N PRO E 154 39.48 22.75 -42.76
CA PRO E 154 38.18 22.22 -42.33
C PRO E 154 37.51 23.10 -41.27
N ASP E 155 36.43 22.59 -40.68
CA ASP E 155 35.65 23.32 -39.69
C ASP E 155 36.35 23.26 -38.33
N HIS E 156 37.49 23.95 -38.26
CA HIS E 156 38.29 24.03 -37.03
C HIS E 156 38.52 25.50 -36.70
N VAL E 157 37.48 26.18 -36.22
CA VAL E 157 37.56 27.60 -35.93
C VAL E 157 36.94 27.90 -34.57
N GLU E 158 37.45 28.94 -33.93
CA GLU E 158 36.88 29.49 -32.70
C GLU E 158 36.84 31.00 -32.85
N LEU E 159 35.63 31.56 -32.89
CA LEU E 159 35.42 32.99 -33.07
C LEU E 159 35.15 33.64 -31.71
N SER E 160 35.72 34.82 -31.51
CA SER E 160 35.56 35.54 -30.25
C SER E 160 35.59 37.04 -30.53
N TRP E 161 34.82 37.77 -29.73
CA TRP E 161 34.76 39.23 -29.82
C TRP E 161 35.61 39.83 -28.71
N TRP E 162 36.41 40.84 -29.06
CA TRP E 162 37.27 41.54 -28.11
C TRP E 162 36.99 43.03 -28.22
N VAL E 163 36.43 43.61 -27.15
CA VAL E 163 36.10 45.02 -27.09
C VAL E 163 37.05 45.69 -26.11
N ASN E 164 37.84 46.65 -26.61
CA ASN E 164 38.81 47.37 -25.79
C ASN E 164 39.78 46.41 -25.10
N GLY E 165 40.33 45.48 -25.87
CA GLY E 165 41.32 44.55 -25.38
C GLY E 165 40.81 43.46 -24.46
N LYS E 166 39.50 43.38 -24.22
CA LYS E 166 38.92 42.38 -23.34
C LYS E 166 37.85 41.60 -24.07
N GLU E 167 37.81 40.29 -23.85
CA GLU E 167 36.81 39.45 -24.48
C GLU E 167 35.45 39.67 -23.83
N VAL E 168 34.41 39.71 -24.66
CA VAL E 168 33.05 39.96 -24.19
C VAL E 168 32.16 38.78 -24.55
N HIS E 169 31.12 38.58 -23.76
CA HIS E 169 30.11 37.56 -24.00
C HIS E 169 28.70 38.12 -24.05
N SER E 170 28.43 39.23 -23.37
CA SER E 170 27.11 39.85 -23.41
C SER E 170 26.91 40.55 -24.75
N GLY E 171 25.70 40.40 -25.30
CA GLY E 171 25.42 40.97 -26.60
C GLY E 171 26.13 40.29 -27.75
N VAL E 172 26.60 39.07 -27.56
CA VAL E 172 27.33 38.31 -28.57
C VAL E 172 26.57 37.01 -28.83
N CYS E 173 26.32 36.72 -30.10
CA CYS E 173 25.75 35.44 -30.50
C CYS E 173 26.49 34.96 -31.75
N THR E 174 26.91 33.71 -31.74
CA THR E 174 27.66 33.11 -32.83
C THR E 174 26.90 31.88 -33.33
N ASP E 175 26.94 31.65 -34.64
CA ASP E 175 26.23 30.52 -35.22
C ASP E 175 26.73 29.22 -34.60
N PRO E 176 25.83 28.32 -34.18
CA PRO E 176 26.30 27.05 -33.59
C PRO E 176 27.05 26.19 -34.59
N GLN E 177 26.52 26.03 -35.80
CA GLN E 177 27.18 25.27 -36.84
C GLN E 177 27.54 26.19 -38.01
N PRO E 178 28.65 25.95 -38.68
CA PRO E 178 29.03 26.77 -39.82
C PRO E 178 28.15 26.49 -41.02
N LEU E 179 28.24 27.38 -42.00
CA LEU E 179 27.48 27.26 -43.24
C LEU E 179 28.38 26.73 -44.34
N LYS E 180 27.83 25.88 -45.19
CA LYS E 180 28.57 25.31 -46.32
C LYS E 180 28.44 26.22 -47.52
N GLU E 181 29.59 26.67 -48.06
CA GLU E 181 29.57 27.59 -49.19
C GLU E 181 29.29 26.89 -50.50
N GLN E 182 29.64 25.61 -50.62
CA GLN E 182 29.34 24.80 -51.81
C GLN E 182 28.64 23.54 -51.34
N PRO E 183 27.36 23.63 -50.98
CA PRO E 183 26.69 22.49 -50.32
C PRO E 183 26.65 21.22 -51.15
N ALA E 184 26.83 21.30 -52.47
CA ALA E 184 26.82 20.11 -53.30
C ALA E 184 28.16 19.39 -53.35
N LEU E 185 29.22 19.99 -52.79
CA LEU E 185 30.55 19.39 -52.82
C LEU E 185 30.85 18.71 -51.49
N ASN E 186 31.50 17.55 -51.57
CA ASN E 186 31.85 16.81 -50.36
C ASN E 186 32.96 17.49 -49.58
N ASP E 187 33.76 18.33 -50.23
CA ASP E 187 34.84 19.08 -49.57
C ASP E 187 34.53 20.57 -49.56
N SER E 188 33.26 20.92 -49.37
CA SER E 188 32.87 22.32 -49.34
C SER E 188 33.61 23.07 -48.24
N ARG E 189 33.94 24.32 -48.53
CA ARG E 189 34.50 25.20 -47.50
C ARG E 189 33.35 25.83 -46.71
N TYR E 190 33.70 26.43 -45.57
CA TYR E 190 32.72 26.85 -44.59
C TYR E 190 32.74 28.36 -44.39
N ALA E 191 31.63 28.86 -43.85
CA ALA E 191 31.49 30.27 -43.49
C ALA E 191 30.80 30.35 -42.14
N LEU E 192 31.23 31.29 -41.30
CA LEU E 192 30.69 31.48 -39.97
C LEU E 192 30.41 32.96 -39.73
N SER E 193 29.27 33.25 -39.12
CA SER E 193 28.87 34.61 -38.79
C SER E 193 28.68 34.75 -37.30
N SER E 194 28.80 36.00 -36.82
CA SER E 194 28.60 36.32 -35.42
C SER E 194 28.27 37.81 -35.32
N ARG E 195 27.46 38.15 -34.33
CA ARG E 195 27.04 39.53 -34.12
C ARG E 195 27.42 40.00 -32.72
N LEU E 196 27.72 41.29 -32.62
CA LEU E 196 27.95 41.97 -31.34
C LEU E 196 27.12 43.25 -31.35
N ARG E 197 26.19 43.35 -30.40
CA ARG E 197 25.29 44.49 -30.32
C ARG E 197 25.63 45.32 -29.09
N VAL E 198 25.69 46.64 -29.27
CA VAL E 198 25.94 47.58 -28.18
C VAL E 198 24.94 48.71 -28.28
N SER E 199 25.09 49.72 -27.42
CA SER E 199 24.20 50.87 -27.44
C SER E 199 24.60 51.82 -28.56
N ALA E 200 23.69 52.75 -28.87
CA ALA E 200 23.94 53.71 -29.94
C ALA E 200 25.05 54.68 -29.56
N THR E 201 25.00 55.20 -28.34
CA THR E 201 26.03 56.15 -27.90
C THR E 201 27.40 55.48 -27.80
N PHE E 202 27.44 54.16 -27.56
CA PHE E 202 28.72 53.47 -27.48
C PHE E 202 29.41 53.43 -28.84
N TRP E 203 28.64 53.23 -29.91
CA TRP E 203 29.24 53.16 -31.24
C TRP E 203 29.64 54.53 -31.75
N GLN E 204 28.83 55.55 -31.50
CA GLN E 204 29.16 56.92 -31.93
C GLN E 204 30.40 57.47 -31.22
N ASN E 205 30.84 56.83 -30.14
CA ASN E 205 32.05 57.21 -29.41
C ASN E 205 33.27 56.66 -30.13
N PRO E 206 34.07 57.51 -30.78
CA PRO E 206 35.21 57.00 -31.57
C PRO E 206 36.42 56.66 -30.72
N ARG E 207 36.20 56.27 -29.46
CA ARG E 207 37.28 55.89 -28.56
C ARG E 207 37.19 54.45 -28.12
N ASN E 208 36.26 53.67 -28.68
CA ASN E 208 36.09 52.27 -28.35
C ASN E 208 36.58 51.39 -29.50
N HIS E 209 37.28 50.32 -29.16
CA HIS E 209 37.87 49.43 -30.16
C HIS E 209 37.12 48.11 -30.18
N PHE E 210 36.78 47.65 -31.38
CA PHE E 210 36.03 46.41 -31.59
C PHE E 210 36.84 45.50 -32.50
N ARG E 211 37.22 44.33 -31.99
CA ARG E 211 38.00 43.36 -32.74
C ARG E 211 37.28 42.03 -32.78
N CYS E 212 37.07 41.51 -33.99
CA CYS E 212 36.60 40.14 -34.18
C CYS E 212 37.80 39.25 -34.43
N GLN E 213 37.89 38.17 -33.65
CA GLN E 213 39.05 37.29 -33.67
C GLN E 213 38.59 35.86 -33.98
N VAL E 214 39.24 35.23 -34.94
CA VAL E 214 38.92 33.86 -35.35
C VAL E 214 40.20 33.03 -35.30
N GLN E 215 40.28 32.16 -34.30
CA GLN E 215 41.38 31.21 -34.19
C GLN E 215 41.12 30.04 -35.13
N PHE E 216 42.04 29.80 -36.06
CA PHE E 216 41.92 28.72 -37.04
C PHE E 216 42.95 27.64 -36.72
N TYR E 217 42.51 26.38 -36.78
CA TYR E 217 43.37 25.23 -36.51
C TYR E 217 43.55 24.44 -37.80
N GLY E 218 44.75 24.52 -38.37
CA GLY E 218 45.03 23.84 -39.62
C GLY E 218 46.25 22.94 -39.54
N LEU E 219 47.27 23.25 -40.33
CA LEU E 219 48.48 22.45 -40.38
C LEU E 219 49.51 22.94 -39.38
N SER E 220 50.43 22.05 -39.03
CA SER E 220 51.55 22.37 -38.16
C SER E 220 52.81 22.59 -38.99
N GLU E 221 53.90 22.92 -38.32
CA GLU E 221 55.17 23.11 -39.01
C GLU E 221 55.74 21.81 -39.55
N ASN E 222 55.28 20.66 -39.04
CA ASN E 222 55.80 19.37 -39.48
C ASN E 222 55.17 18.87 -40.77
N ASP E 223 54.03 19.42 -41.18
CA ASP E 223 53.37 18.97 -42.39
C ASP E 223 54.11 19.46 -43.63
N GLU E 224 54.09 18.63 -44.68
CA GLU E 224 54.71 18.99 -45.94
C GLU E 224 53.79 19.91 -46.73
N TRP E 225 54.37 20.96 -47.31
CA TRP E 225 53.62 21.90 -48.14
C TRP E 225 54.44 22.25 -49.37
N THR E 226 53.82 22.13 -50.54
CA THR E 226 54.48 22.37 -51.81
C THR E 226 53.81 23.43 -52.67
N GLN E 227 52.54 23.74 -52.44
CA GLN E 227 51.79 24.60 -53.34
C GLN E 227 52.28 26.04 -53.27
N ASP E 228 51.94 26.80 -54.33
CA ASP E 228 52.37 28.19 -54.41
C ASP E 228 51.72 29.04 -53.32
N ARG E 229 50.46 28.76 -52.98
CA ARG E 229 49.79 29.51 -51.95
C ARG E 229 50.44 29.23 -50.59
N ALA E 230 50.29 30.19 -49.67
CA ALA E 230 50.90 30.08 -48.36
C ALA E 230 50.38 28.86 -47.62
N LYS E 231 51.23 28.32 -46.74
CA LYS E 231 50.89 27.11 -46.01
C LYS E 231 49.76 27.41 -45.02
N PRO E 232 48.66 26.65 -45.07
CA PRO E 232 47.50 26.91 -44.19
C PRO E 232 47.74 26.41 -42.76
N VAL E 233 48.59 27.12 -42.04
CA VAL E 233 48.97 26.73 -40.68
C VAL E 233 47.93 27.22 -39.69
N THR E 234 48.00 26.70 -38.46
CA THR E 234 47.21 27.24 -37.37
C THR E 234 47.55 28.72 -37.17
N GLN E 235 46.53 29.55 -37.11
CA GLN E 235 46.75 30.99 -37.11
C GLN E 235 45.50 31.70 -36.59
N ILE E 236 45.64 32.99 -36.34
CA ILE E 236 44.55 33.86 -35.92
C ILE E 236 44.34 34.91 -36.99
N VAL E 237 43.14 34.98 -37.54
CA VAL E 237 42.74 36.00 -38.51
C VAL E 237 41.76 36.93 -37.82
N SER E 238 41.97 38.23 -37.97
CA SER E 238 41.18 39.21 -37.23
C SER E 238 40.81 40.38 -38.14
N ALA E 239 39.78 41.11 -37.71
CA ALA E 239 39.35 42.33 -38.36
C ALA E 239 38.84 43.27 -37.27
N GLU E 240 39.19 44.55 -37.40
CA GLU E 240 38.91 45.54 -36.36
C GLU E 240 37.98 46.63 -36.90
N ALA E 241 37.32 47.32 -35.97
CA ALA E 241 36.43 48.42 -36.29
C ALA E 241 36.57 49.51 -35.23
N TRP E 242 36.40 50.75 -35.67
CA TRP E 242 36.45 51.90 -34.79
C TRP E 242 35.08 52.59 -34.73
N GLY E 243 34.82 53.29 -33.63
CA GLY E 243 33.60 54.05 -33.53
C GLY E 243 33.62 55.26 -34.45
N ARG E 244 32.45 55.59 -34.99
CA ARG E 244 32.34 56.71 -35.93
C ARG E 244 31.22 57.66 -35.54
N ILE F 2 43.69 -13.01 16.32
CA ILE F 2 43.05 -14.26 16.71
C ILE F 2 43.14 -15.28 15.57
N GLN F 3 43.79 -16.40 15.84
CA GLN F 3 43.92 -17.48 14.87
C GLN F 3 43.11 -18.67 15.33
N ARG F 4 42.64 -19.45 14.36
CA ARG F 4 41.74 -20.58 14.62
C ARG F 4 42.33 -21.84 14.00
N THR F 5 42.55 -22.86 14.83
CA THR F 5 43.15 -24.09 14.36
C THR F 5 42.13 -24.94 13.60
N PRO F 6 42.57 -25.70 12.59
CA PRO F 6 41.62 -26.41 11.74
C PRO F 6 40.98 -27.61 12.43
N LYS F 7 39.68 -27.79 12.17
CA LYS F 7 39.00 -29.04 12.48
C LYS F 7 39.20 -30.00 11.32
N ILE F 8 39.50 -31.25 11.64
CA ILE F 8 39.84 -32.27 10.64
CA ILE F 8 39.81 -32.25 10.63
C ILE F 8 38.97 -33.49 10.88
N GLN F 9 38.23 -33.91 9.86
CA GLN F 9 37.31 -35.04 9.95
C GLN F 9 37.59 -35.99 8.79
N VAL F 10 37.85 -37.25 9.12
CA VAL F 10 38.20 -38.28 8.14
C VAL F 10 37.09 -39.32 8.12
N TYR F 11 36.56 -39.61 6.94
CA TYR F 11 35.36 -40.42 6.81
C TYR F 11 35.24 -40.91 5.37
N SER F 12 34.57 -42.04 5.21
CA SER F 12 34.37 -42.62 3.89
C SER F 12 33.12 -42.07 3.22
N ARG F 13 33.11 -42.12 1.90
CA ARG F 13 31.96 -41.63 1.14
C ARG F 13 30.73 -42.50 1.40
N HIS F 14 30.89 -43.80 1.36
CA HIS F 14 29.84 -44.76 1.66
C HIS F 14 30.18 -45.52 2.94
N PRO F 15 29.19 -46.19 3.57
CA PRO F 15 29.51 -47.08 4.70
C PRO F 15 30.58 -48.08 4.32
N ALA F 16 31.67 -48.11 5.08
CA ALA F 16 32.86 -48.84 4.70
C ALA F 16 32.70 -50.34 4.92
N GLU F 17 33.07 -51.13 3.91
CA GLU F 17 33.15 -52.58 4.01
C GLU F 17 34.50 -53.02 3.48
N ASN F 18 35.17 -53.90 4.22
CA ASN F 18 36.47 -54.40 3.79
C ASN F 18 36.34 -55.14 2.46
N GLY F 19 37.18 -54.76 1.49
CA GLY F 19 37.22 -55.39 0.19
C GLY F 19 36.43 -54.67 -0.88
N LYS F 20 35.54 -53.75 -0.51
CA LYS F 20 34.72 -53.03 -1.46
C LYS F 20 35.31 -51.64 -1.70
N SER F 21 35.41 -51.25 -2.97
CA SER F 21 35.98 -49.96 -3.31
CA SER F 21 35.98 -49.96 -3.31
C SER F 21 35.14 -48.83 -2.71
N ASN F 22 35.82 -47.78 -2.29
CA ASN F 22 35.17 -46.66 -1.61
C ASN F 22 35.97 -45.40 -1.89
N PHE F 23 35.62 -44.32 -1.20
CA PHE F 23 36.37 -43.07 -1.26
C PHE F 23 36.62 -42.59 0.17
N LEU F 24 37.85 -42.18 0.45
CA LEU F 24 38.20 -41.64 1.76
C LEU F 24 38.24 -40.13 1.68
N ASN F 25 37.52 -39.48 2.58
CA ASN F 25 37.42 -38.02 2.60
C ASN F 25 38.19 -37.46 3.80
N CYS F 26 38.77 -36.29 3.60
CA CYS F 26 39.36 -35.51 4.69
C CYS F 26 38.83 -34.08 4.57
N TYR F 27 37.96 -33.71 5.50
CA TYR F 27 37.31 -32.39 5.51
C TYR F 27 38.00 -31.53 6.56
N VAL F 28 38.71 -30.50 6.10
CA VAL F 28 39.43 -29.59 6.98
C VAL F 28 38.70 -28.25 6.94
N SER F 29 38.31 -27.75 8.12
CA SER F 29 37.37 -26.64 8.16
C SER F 29 37.62 -25.76 9.37
N GLY F 30 37.05 -24.56 9.33
CA GLY F 30 37.01 -23.67 10.47
C GLY F 30 38.33 -23.02 10.83
N PHE F 31 39.28 -22.95 9.91
CA PHE F 31 40.60 -22.42 10.22
C PHE F 31 40.79 -21.01 9.67
N HIS F 32 41.75 -20.30 10.25
CA HIS F 32 42.14 -18.95 9.87
C HIS F 32 43.51 -18.67 10.46
N PRO F 33 44.47 -18.16 9.67
CA PRO F 33 44.36 -17.76 8.26
C PRO F 33 44.32 -18.93 7.27
N SER F 34 44.47 -18.62 5.98
CA SER F 34 44.12 -19.55 4.91
C SER F 34 45.25 -20.50 4.53
N ASP F 35 46.51 -20.18 4.83
CA ASP F 35 47.61 -21.02 4.41
C ASP F 35 47.56 -22.37 5.14
N ILE F 36 47.50 -23.46 4.38
CA ILE F 36 47.34 -24.79 4.96
C ILE F 36 47.92 -25.82 4.01
N GLU F 37 48.38 -26.94 4.58
CA GLU F 37 48.91 -28.06 3.82
C GLU F 37 48.22 -29.33 4.29
N VAL F 38 47.67 -30.09 3.34
CA VAL F 38 46.92 -31.31 3.64
C VAL F 38 47.45 -32.44 2.78
N ASP F 39 47.63 -33.61 3.39
CA ASP F 39 48.04 -34.82 2.69
C ASP F 39 47.31 -36.02 3.27
N LEU F 40 46.97 -36.97 2.40
CA LEU F 40 46.37 -38.24 2.81
C LEU F 40 47.44 -39.32 2.85
N LEU F 41 47.39 -40.16 3.88
CA LEU F 41 48.43 -41.15 4.13
C LEU F 41 47.84 -42.55 4.13
N LYS F 42 48.57 -43.48 3.52
CA LYS F 42 48.27 -44.91 3.61
C LYS F 42 49.45 -45.59 4.27
N ASN F 43 49.22 -46.19 5.44
CA ASN F 43 50.27 -46.84 6.23
C ASN F 43 51.41 -45.89 6.53
N GLY F 44 51.09 -44.60 6.70
CA GLY F 44 52.07 -43.60 7.07
C GLY F 44 52.76 -42.90 5.92
N GLU F 45 52.53 -43.34 4.68
CA GLU F 45 53.17 -42.74 3.52
C GLU F 45 52.14 -41.98 2.69
N ARG F 46 52.61 -40.92 2.03
CA ARG F 46 51.71 -40.03 1.31
C ARG F 46 51.11 -40.72 0.08
N ILE F 47 49.84 -40.43 -0.18
CA ILE F 47 49.13 -40.98 -1.33
C ILE F 47 49.26 -40.00 -2.50
N GLU F 48 49.66 -40.52 -3.66
CA GLU F 48 49.93 -39.66 -4.81
C GLU F 48 48.65 -39.14 -5.46
N LYS F 49 47.75 -40.05 -5.86
CA LYS F 49 46.51 -39.66 -6.53
C LYS F 49 45.52 -39.16 -5.49
N VAL F 50 45.51 -37.85 -5.29
CA VAL F 50 44.62 -37.21 -4.32
C VAL F 50 44.02 -35.97 -4.96
N GLU F 51 42.69 -35.94 -5.06
CA GLU F 51 41.97 -34.78 -5.56
C GLU F 51 41.50 -33.91 -4.40
N HIS F 52 41.25 -32.65 -4.70
CA HIS F 52 40.85 -31.71 -3.65
C HIS F 52 40.10 -30.54 -4.28
N SER F 53 39.17 -29.99 -3.50
CA SER F 53 38.49 -28.77 -3.90
C SER F 53 39.39 -27.56 -3.68
N ASP F 54 38.92 -26.40 -4.14
CA ASP F 54 39.64 -25.16 -3.88
C ASP F 54 39.31 -24.65 -2.49
N LEU F 55 40.14 -23.72 -2.01
CA LEU F 55 39.88 -23.06 -0.73
C LEU F 55 38.49 -22.45 -0.74
N SER F 56 37.71 -22.73 0.29
CA SER F 56 36.32 -22.31 0.34
C SER F 56 36.07 -21.43 1.55
N PHE F 57 35.03 -20.61 1.47
CA PHE F 57 34.78 -19.53 2.40
C PHE F 57 33.51 -19.78 3.19
N SER F 58 33.58 -19.58 4.50
CA SER F 58 32.43 -19.67 5.39
C SER F 58 32.00 -18.28 5.83
N LYS F 59 30.74 -18.19 6.26
CA LYS F 59 30.19 -16.90 6.69
C LYS F 59 30.82 -16.37 7.96
N ASP F 60 31.44 -17.25 8.77
CA ASP F 60 32.13 -16.82 9.98
C ASP F 60 33.58 -16.42 9.71
N TRP F 61 33.95 -16.26 8.45
CA TRP F 61 35.23 -15.78 7.92
C TRP F 61 36.34 -16.83 7.97
N SER F 62 36.05 -18.04 8.43
CA SER F 62 37.02 -19.12 8.37
C SER F 62 36.96 -19.79 6.99
N PHE F 63 37.76 -20.83 6.81
CA PHE F 63 37.90 -21.49 5.51
C PHE F 63 37.74 -23.00 5.69
N TYR F 64 37.45 -23.68 4.58
CA TYR F 64 37.33 -25.12 4.62
C TYR F 64 37.77 -25.71 3.28
N LEU F 65 38.17 -26.99 3.33
CA LEU F 65 38.71 -27.71 2.18
C LEU F 65 38.28 -29.17 2.27
N LEU F 66 38.21 -29.82 1.11
CA LEU F 66 37.88 -31.25 1.04
C LEU F 66 38.93 -31.96 0.21
N TYR F 67 39.61 -32.94 0.81
CA TYR F 67 40.54 -33.82 0.12
C TYR F 67 39.96 -35.22 0.09
N TYR F 68 40.16 -35.93 -1.02
CA TYR F 68 39.65 -37.29 -1.12
C TYR F 68 40.45 -38.08 -2.13
N THR F 69 40.41 -39.41 -1.97
CA THR F 69 41.06 -40.34 -2.89
C THR F 69 40.28 -41.64 -2.88
N GLU F 70 40.36 -42.36 -4.00
CA GLU F 70 39.70 -43.65 -4.11
C GLU F 70 40.56 -44.73 -3.45
N PHE F 71 39.94 -45.58 -2.65
CA PHE F 71 40.66 -46.63 -1.95
C PHE F 71 39.74 -47.82 -1.73
N THR F 72 40.35 -48.95 -1.38
CA THR F 72 39.62 -50.15 -0.99
C THR F 72 40.05 -50.55 0.41
N PRO F 73 39.23 -50.33 1.43
CA PRO F 73 39.69 -50.57 2.80
C PRO F 73 39.92 -52.04 3.09
N THR F 74 41.03 -52.32 3.77
CA THR F 74 41.36 -53.65 4.27
C THR F 74 41.63 -53.56 5.76
N GLU F 75 41.82 -54.72 6.39
CA GLU F 75 42.13 -54.73 7.82
C GLU F 75 43.55 -54.27 8.09
N LYS F 76 44.49 -54.65 7.20
CA LYS F 76 45.89 -54.32 7.42
C LYS F 76 46.19 -52.85 7.19
N ASP F 77 45.57 -52.24 6.18
CA ASP F 77 45.90 -50.86 5.83
C ASP F 77 45.30 -49.88 6.83
N GLU F 78 46.11 -48.92 7.26
CA GLU F 78 45.67 -47.84 8.15
C GLU F 78 45.81 -46.52 7.40
N TYR F 79 44.71 -45.76 7.33
CA TYR F 79 44.66 -44.51 6.60
C TYR F 79 44.55 -43.33 7.56
N ALA F 80 45.04 -42.18 7.11
CA ALA F 80 45.06 -41.00 7.96
C ALA F 80 45.14 -39.76 7.08
N CYS F 81 44.95 -38.60 7.72
CA CYS F 81 45.02 -37.31 7.05
C CYS F 81 45.98 -36.42 7.85
N ARG F 82 46.96 -35.85 7.16
CA ARG F 82 48.00 -35.04 7.79
C ARG F 82 47.84 -33.58 7.39
N VAL F 83 47.74 -32.70 8.37
CA VAL F 83 47.45 -31.29 8.16
C VAL F 83 48.49 -30.44 8.88
N ASN F 84 48.96 -29.39 8.21
CA ASN F 84 49.84 -28.41 8.82
C ASN F 84 49.23 -27.02 8.69
N HIS F 85 49.40 -26.22 9.75
CA HIS F 85 48.79 -24.90 9.82
C HIS F 85 49.61 -24.08 10.81
N VAL F 86 49.52 -22.75 10.69
CA VAL F 86 50.33 -21.87 11.53
C VAL F 86 50.02 -22.08 13.00
N THR F 87 48.80 -22.49 13.32
CA THR F 87 48.43 -22.76 14.71
C THR F 87 49.05 -24.05 15.24
N LEU F 88 49.63 -24.88 14.38
CA LEU F 88 50.21 -26.15 14.76
C LEU F 88 51.73 -26.04 14.73
N SER F 89 52.38 -26.45 15.82
CA SER F 89 53.84 -26.44 15.86
C SER F 89 54.44 -27.56 15.03
N GLN F 90 53.70 -28.64 14.83
CA GLN F 90 54.12 -29.76 14.01
C GLN F 90 52.90 -30.30 13.28
N PRO F 91 53.10 -30.97 12.14
CA PRO F 91 51.95 -31.52 11.41
C PRO F 91 51.15 -32.49 12.27
N LYS F 92 49.82 -32.37 12.18
CA LYS F 92 48.91 -33.23 12.92
C LYS F 92 48.41 -34.35 12.02
N ILE F 93 48.58 -35.59 12.49
CA ILE F 93 48.13 -36.77 11.78
C ILE F 93 46.86 -37.28 12.44
N VAL F 94 45.77 -37.31 11.70
CA VAL F 94 44.47 -37.73 12.20
C VAL F 94 44.08 -39.02 11.50
N LYS F 95 43.96 -40.09 12.27
CA LYS F 95 43.70 -41.41 11.71
C LYS F 95 42.21 -41.61 11.45
N TRP F 96 41.91 -42.34 10.39
CA TRP F 96 40.54 -42.74 10.08
C TRP F 96 40.05 -43.74 11.11
N ASP F 97 38.84 -43.52 11.61
CA ASP F 97 38.28 -44.40 12.64
C ASP F 97 37.64 -45.67 12.07
N ARG F 98 37.80 -45.91 10.77
CA ARG F 98 37.30 -47.14 10.12
C ARG F 98 35.77 -47.22 10.19
N ASP F 99 35.11 -46.07 10.11
CA ASP F 99 33.65 -45.98 10.08
C ASP F 99 33.00 -46.66 11.28
N ASN G 2 -18.58 -18.50 1.74
CA ASN G 2 -18.86 -18.01 3.08
C ASN G 2 -17.76 -17.10 3.58
N ALA G 3 -17.53 -15.99 2.87
CA ALA G 3 -16.48 -15.06 3.24
C ALA G 3 -16.91 -14.07 4.32
N GLY G 4 -18.20 -13.87 4.51
CA GLY G 4 -18.67 -12.92 5.51
C GLY G 4 -18.60 -11.51 4.96
N VAL G 5 -17.96 -10.61 5.71
CA VAL G 5 -17.77 -9.23 5.30
C VAL G 5 -16.31 -9.04 4.95
N THR G 6 -16.04 -8.62 3.72
CA THR G 6 -14.69 -8.44 3.21
C THR G 6 -14.48 -6.98 2.86
N GLN G 7 -13.56 -6.32 3.56
CA GLN G 7 -13.21 -4.93 3.27
C GLN G 7 -11.71 -4.81 3.02
N THR G 8 -11.36 -3.89 2.14
CA THR G 8 -9.98 -3.66 1.73
C THR G 8 -9.77 -2.16 1.57
N PRO G 9 -8.54 -1.68 1.79
CA PRO G 9 -7.36 -2.41 2.26
C PRO G 9 -7.28 -2.42 3.78
N LYS G 10 -6.42 -3.26 4.35
CA LYS G 10 -6.27 -3.30 5.80
C LYS G 10 -5.51 -2.10 6.32
N PHE G 11 -4.50 -1.65 5.58
CA PHE G 11 -3.74 -0.47 5.94
C PHE G 11 -3.65 0.48 4.75
N GLN G 12 -3.51 1.77 5.06
CA GLN G 12 -3.27 2.79 4.05
C GLN G 12 -2.74 4.08 4.67
N VAL G 13 -1.65 4.61 4.12
CA VAL G 13 -1.13 5.91 4.51
C VAL G 13 -1.52 6.92 3.44
N LEU G 14 -1.94 8.10 3.87
CA LEU G 14 -2.43 9.12 2.95
C LEU G 14 -1.77 10.46 3.26
N LYS G 15 -1.61 11.25 2.21
CA LYS G 15 -1.21 12.64 2.33
C LYS G 15 -2.46 13.51 2.38
N THR G 16 -2.37 14.63 3.10
CA THR G 16 -3.48 15.57 3.17
C THR G 16 -3.90 15.99 1.77
N GLY G 17 -5.20 15.90 1.49
CA GLY G 17 -5.74 16.24 0.20
C GLY G 17 -5.92 15.06 -0.75
N GLN G 18 -5.29 13.92 -0.45
CA GLN G 18 -5.37 12.77 -1.32
C GLN G 18 -6.75 12.12 -1.23
N SER G 19 -7.17 11.50 -2.34
CA SER G 19 -8.42 10.77 -2.39
C SER G 19 -8.18 9.29 -2.11
N MET G 20 -9.22 8.61 -1.65
CA MET G 20 -9.11 7.20 -1.26
CA MET G 20 -9.10 7.19 -1.34
C MET G 20 -10.51 6.60 -1.22
N THR G 21 -10.62 5.34 -1.65
CA THR G 21 -11.88 4.60 -1.60
C THR G 21 -11.66 3.29 -0.86
N LEU G 22 -12.47 3.06 0.17
CA LEU G 22 -12.50 1.79 0.87
C LEU G 22 -13.61 0.91 0.31
N GLN G 23 -13.30 -0.35 0.07
CA GLN G 23 -14.25 -1.30 -0.48
C GLN G 23 -14.82 -2.17 0.63
N CYS G 24 -16.05 -2.65 0.42
CA CYS G 24 -16.70 -3.54 1.36
C CYS G 24 -17.68 -4.42 0.60
N ALA G 25 -17.59 -5.73 0.81
CA ALA G 25 -18.49 -6.68 0.18
C ALA G 25 -18.94 -7.70 1.22
N GLN G 26 -20.21 -8.09 1.15
CA GLN G 26 -20.76 -9.13 2.00
C GLN G 26 -21.46 -10.16 1.13
N ASP G 27 -21.21 -11.43 1.41
CA ASP G 27 -21.80 -12.53 0.67
C ASP G 27 -22.82 -13.29 1.50
N MET G 28 -23.46 -12.61 2.45
CA MET G 28 -24.46 -13.22 3.33
C MET G 28 -25.88 -12.86 2.92
N ASN G 29 -26.05 -12.25 1.74
CA ASN G 29 -27.37 -11.83 1.24
C ASN G 29 -28.05 -10.88 2.22
N HIS G 30 -27.26 -10.05 2.90
CA HIS G 30 -27.81 -9.05 3.80
C HIS G 30 -28.30 -7.84 3.02
N ASN G 31 -29.23 -7.11 3.64
CA ASN G 31 -29.81 -5.92 3.01
C ASN G 31 -29.23 -4.61 3.53
N SER G 32 -28.82 -4.56 4.79
CA SER G 32 -28.36 -3.33 5.41
C SER G 32 -26.84 -3.36 5.57
N MET G 33 -26.20 -2.23 5.25
CA MET G 33 -24.75 -2.13 5.34
C MET G 33 -24.39 -0.78 5.97
N TYR G 34 -23.24 -0.75 6.64
CA TYR G 34 -22.85 0.38 7.47
C TYR G 34 -21.36 0.64 7.32
N TRP G 35 -20.96 1.89 7.59
CA TRP G 35 -19.56 2.27 7.67
C TRP G 35 -19.34 3.03 8.97
N TYR G 36 -18.47 2.48 9.82
CA TYR G 36 -18.13 3.07 11.11
C TYR G 36 -16.68 3.53 11.12
N ARG G 37 -16.39 4.49 12.00
CA ARG G 37 -15.02 4.81 12.39
C ARG G 37 -14.88 4.60 13.88
N GLN G 38 -13.71 4.11 14.29
CA GLN G 38 -13.40 3.82 15.69
C GLN G 38 -12.17 4.62 16.09
N ASP G 39 -12.31 5.41 17.15
CA ASP G 39 -11.23 6.25 17.65
C ASP G 39 -11.02 5.98 19.13
N PRO G 40 -9.79 6.15 19.62
CA PRO G 40 -9.52 5.87 21.04
C PRO G 40 -10.32 6.79 21.96
N GLY G 41 -10.94 6.19 22.97
CA GLY G 41 -11.64 6.95 23.99
C GLY G 41 -13.09 7.23 23.71
N MET G 42 -13.67 6.67 22.65
CA MET G 42 -15.07 6.90 22.35
C MET G 42 -15.63 5.67 21.63
N GLY G 43 -16.96 5.60 21.59
CA GLY G 43 -17.63 4.50 20.93
C GLY G 43 -17.61 4.65 19.42
N LEU G 44 -18.02 3.56 18.75
CA LEU G 44 -18.15 3.57 17.31
C LEU G 44 -19.09 4.69 16.87
N ARG G 45 -18.71 5.40 15.82
CA ARG G 45 -19.50 6.49 15.27
C ARG G 45 -19.84 6.19 13.82
N LEU G 46 -21.13 6.23 13.50
CA LEU G 46 -21.59 5.91 12.16
C LEU G 46 -21.30 7.06 11.21
N ILE G 47 -20.74 6.72 10.05
CA ILE G 47 -20.43 7.72 9.02
C ILE G 47 -21.60 7.80 8.04
N TYR G 48 -21.90 6.67 7.40
CA TYR G 48 -23.02 6.54 6.47
C TYR G 48 -23.58 5.14 6.60
N TYR G 49 -24.82 4.96 6.16
CA TYR G 49 -25.43 3.63 6.17
C TYR G 49 -26.36 3.48 4.98
N SER G 50 -26.73 2.23 4.70
CA SER G 50 -27.58 1.89 3.57
C SER G 50 -28.62 0.89 4.07
N ALA G 51 -29.83 1.38 4.36
CA ALA G 51 -30.87 0.54 4.93
C ALA G 51 -31.22 -0.63 4.02
N SER G 52 -31.16 -0.42 2.71
CA SER G 52 -31.41 -1.48 1.75
CA SER G 52 -31.47 -1.45 1.73
C SER G 52 -30.77 -1.08 0.43
N GLU G 53 -30.75 -2.03 -0.50
CA GLU G 53 -30.19 -1.75 -1.82
C GLU G 53 -30.98 -0.64 -2.49
N GLY G 54 -30.29 0.40 -2.93
CA GLY G 54 -30.92 1.52 -3.60
C GLY G 54 -31.17 2.74 -2.76
N THR G 55 -30.70 2.78 -1.51
CA THR G 55 -30.85 3.96 -0.69
C THR G 55 -29.69 4.06 0.31
N THR G 56 -29.25 5.28 0.56
CA THR G 56 -28.22 5.57 1.55
C THR G 56 -28.61 6.85 2.29
N ASP G 57 -28.01 7.04 3.46
CA ASP G 57 -28.26 8.25 4.22
C ASP G 57 -27.10 8.51 5.17
N LYS G 58 -27.01 9.75 5.62
CA LYS G 58 -25.93 10.18 6.51
C LYS G 58 -26.05 9.50 7.88
N GLY G 59 -24.91 9.40 8.55
CA GLY G 59 -24.89 8.93 9.92
C GLY G 59 -24.60 10.07 10.87
N GLU G 60 -23.78 9.83 11.89
CA GLU G 60 -23.44 10.86 12.86
C GLU G 60 -22.32 11.78 12.37
N VAL G 61 -21.34 11.25 11.65
CA VAL G 61 -20.19 12.05 11.22
C VAL G 61 -19.96 11.90 9.72
N PRO G 62 -20.87 12.42 8.86
CA PRO G 62 -20.70 12.23 7.42
C PRO G 62 -19.76 13.21 6.75
N ASN G 63 -19.41 14.32 7.42
CA ASN G 63 -18.65 15.38 6.77
C ASN G 63 -17.27 14.89 6.37
N GLY G 64 -16.94 15.09 5.09
CA GLY G 64 -15.69 14.63 4.53
C GLY G 64 -15.75 13.28 3.86
N TYR G 65 -16.90 12.61 3.88
CA TYR G 65 -17.05 11.27 3.35
C TYR G 65 -18.22 11.22 2.38
N ASN G 66 -18.27 10.15 1.59
N ASN G 66 -18.27 10.13 1.62
CA ASN G 66 -19.44 9.83 0.79
CA ASN G 66 -19.37 9.82 0.71
C ASN G 66 -19.39 8.36 0.43
C ASN G 66 -19.39 8.32 0.50
N VAL G 67 -20.55 7.78 0.15
CA VAL G 67 -20.71 6.35 -0.05
C VAL G 67 -21.48 6.08 -1.34
N SER G 68 -21.37 4.83 -1.79
CA SER G 68 -22.14 4.32 -2.92
C SER G 68 -22.51 2.88 -2.63
N ARG G 69 -23.80 2.59 -2.62
CA ARG G 69 -24.29 1.21 -2.55
C ARG G 69 -24.37 0.71 -3.98
N LEU G 70 -23.26 0.18 -4.49
CA LEU G 70 -23.18 -0.22 -5.89
C LEU G 70 -24.21 -1.27 -6.23
N ASN G 71 -24.38 -2.25 -5.34
CA ASN G 71 -25.37 -3.31 -5.50
C ASN G 71 -25.73 -3.82 -4.11
N LYS G 72 -26.41 -4.97 -4.06
CA LYS G 72 -26.79 -5.52 -2.76
C LYS G 72 -25.57 -5.94 -1.95
N ARG G 73 -24.46 -6.29 -2.61
CA ARG G 73 -23.29 -6.81 -1.93
C ARG G 73 -22.28 -5.74 -1.52
N GLU G 74 -22.17 -4.66 -2.27
CA GLU G 74 -21.03 -3.76 -2.17
C GLU G 74 -21.45 -2.38 -1.67
N PHE G 75 -20.63 -1.83 -0.75
CA PHE G 75 -20.90 -0.55 -0.12
C PHE G 75 -19.55 0.13 0.10
N SER G 76 -19.17 1.02 -0.82
CA SER G 76 -17.86 1.64 -0.80
CA SER G 76 -17.86 1.65 -0.80
C SER G 76 -17.91 2.97 -0.05
N LEU G 77 -16.80 3.30 0.62
CA LEU G 77 -16.64 4.55 1.35
C LEU G 77 -15.57 5.39 0.68
N ARG G 78 -15.87 6.66 0.44
CA ARG G 78 -15.01 7.54 -0.35
C ARG G 78 -14.56 8.71 0.51
N LEU G 79 -13.25 8.89 0.61
CA LEU G 79 -12.63 10.09 1.18
C LEU G 79 -12.04 10.86 0.00
N GLU G 80 -12.66 12.00 -0.33
CA GLU G 80 -12.20 12.73 -1.51
C GLU G 80 -10.97 13.59 -1.20
N SER G 81 -11.00 14.32 -0.07
CA SER G 81 -9.90 15.20 0.33
C SER G 81 -9.50 14.80 1.75
N ALA G 82 -8.54 13.90 1.88
CA ALA G 82 -8.17 13.35 3.17
C ALA G 82 -7.63 14.44 4.10
N ALA G 83 -8.03 14.38 5.36
CA ALA G 83 -7.62 15.33 6.38
C ALA G 83 -7.05 14.58 7.58
N PRO G 84 -6.12 15.21 8.32
CA PRO G 84 -5.52 14.53 9.47
C PRO G 84 -6.52 14.03 10.50
N SER G 85 -7.67 14.71 10.64
CA SER G 85 -8.69 14.25 11.58
C SER G 85 -9.31 12.92 11.16
N GLN G 86 -9.14 12.53 9.89
CA GLN G 86 -9.69 11.27 9.41
C GLN G 86 -8.76 10.08 9.67
N THR G 87 -7.64 10.29 10.36
CA THR G 87 -6.84 9.18 10.84
C THR G 87 -7.64 8.38 11.85
N SER G 88 -7.94 7.13 11.53
CA SER G 88 -8.85 6.32 12.34
C SER G 88 -8.79 4.89 11.82
N VAL G 89 -9.56 4.01 12.48
CA VAL G 89 -9.81 2.66 12.01
C VAL G 89 -11.25 2.60 11.52
N TYR G 90 -11.43 2.17 10.27
CA TYR G 90 -12.74 2.15 9.64
C TYR G 90 -13.25 0.72 9.57
N PHE G 91 -14.48 0.51 10.01
CA PHE G 91 -15.13 -0.79 10.00
C PHE G 91 -16.40 -0.70 9.17
N CYS G 92 -16.57 -1.65 8.26
CA CYS G 92 -17.82 -1.82 7.53
CA CYS G 92 -17.84 -1.80 7.56
C CYS G 92 -18.58 -2.99 8.13
N ALA G 93 -19.90 -2.83 8.26
CA ALA G 93 -20.73 -3.85 8.87
C ALA G 93 -21.96 -4.09 8.02
N SER G 94 -22.65 -5.19 8.31
CA SER G 94 -23.89 -5.52 7.61
C SER G 94 -24.80 -6.28 8.56
N SER G 95 -26.10 -6.21 8.27
CA SER G 95 -27.10 -6.97 9.00
C SER G 95 -28.20 -7.37 8.03
N VAL G 96 -28.97 -8.39 8.43
CA VAL G 96 -30.00 -8.93 7.55
C VAL G 96 -30.98 -7.83 7.14
N TRP G 97 -31.55 -7.15 8.12
CA TRP G 97 -32.40 -5.99 7.88
C TRP G 97 -32.02 -4.90 8.86
N THR G 98 -32.54 -3.70 8.63
CA THR G 98 -32.50 -2.63 9.61
C THR G 98 -33.93 -2.35 10.09
N GLY G 99 -34.04 -1.90 11.33
CA GLY G 99 -35.32 -1.69 11.94
C GLY G 99 -35.87 -2.88 12.72
N GLU G 100 -35.34 -4.08 12.48
CA GLU G 100 -35.68 -5.23 13.30
C GLU G 100 -34.84 -5.17 14.56
N GLY G 101 -35.41 -5.64 15.67
CA GLY G 101 -34.87 -5.30 16.97
C GLY G 101 -33.62 -6.08 17.30
N SER G 102 -33.71 -7.40 17.18
CA SER G 102 -32.68 -8.27 17.70
C SER G 102 -31.55 -8.53 16.69
N GLY G 103 -31.66 -8.02 15.47
CA GLY G 103 -30.65 -8.32 14.46
C GLY G 103 -29.30 -7.71 14.82
N GLU G 104 -28.26 -8.55 14.84
CA GLU G 104 -26.92 -8.09 15.20
C GLU G 104 -26.14 -7.69 13.96
N LEU G 105 -25.03 -7.01 14.18
CA LEU G 105 -24.14 -6.57 13.13
C LEU G 105 -23.02 -7.57 12.91
N PHE G 106 -22.60 -7.71 11.66
CA PHE G 106 -21.45 -8.51 11.27
C PHE G 106 -20.40 -7.56 10.69
N PHE G 107 -19.23 -7.53 11.30
CA PHE G 107 -18.21 -6.55 10.98
C PHE G 107 -17.15 -7.11 10.03
N GLY G 108 -16.58 -6.22 9.22
CA GLY G 108 -15.39 -6.55 8.46
C GLY G 108 -14.14 -6.39 9.31
N GLU G 109 -13.01 -6.82 8.76
CA GLU G 109 -11.77 -6.87 9.54
C GLU G 109 -11.21 -5.50 9.85
N GLY G 110 -11.68 -4.44 9.21
CA GLY G 110 -11.25 -3.10 9.53
C GLY G 110 -10.16 -2.59 8.59
N SER G 111 -10.08 -1.26 8.50
CA SER G 111 -9.10 -0.58 7.67
C SER G 111 -8.49 0.56 8.47
N ARG G 112 -7.18 0.51 8.67
CA ARG G 112 -6.48 1.52 9.44
C ARG G 112 -5.92 2.59 8.51
N LEU G 113 -6.35 3.83 8.71
CA LEU G 113 -5.96 4.95 7.87
C LEU G 113 -5.16 5.95 8.68
N THR G 114 -4.02 6.37 8.15
CA THR G 114 -3.21 7.43 8.73
C THR G 114 -3.01 8.51 7.67
N VAL G 115 -3.44 9.73 7.98
CA VAL G 115 -3.35 10.86 7.06
C VAL G 115 -2.31 11.82 7.61
N LEU G 116 -1.30 12.13 6.80
CA LEU G 116 -0.16 12.93 7.21
C LEU G 116 -0.04 14.18 6.35
N GLU G 117 0.38 15.29 6.99
CA GLU G 117 0.66 16.52 6.26
C GLU G 117 1.73 16.29 5.19
N ASP G 118 2.77 15.54 5.54
CA ASP G 118 3.85 15.22 4.61
CA ASP G 118 3.80 15.19 4.56
C ASP G 118 4.32 13.80 4.90
N LEU G 119 4.86 13.15 3.87
CA LEU G 119 5.37 11.78 4.00
C LEU G 119 6.81 11.73 4.45
N LYS G 120 7.39 12.86 4.87
CA LYS G 120 8.80 12.90 5.24
C LYS G 120 9.11 12.06 6.48
N ASN G 121 8.13 11.80 7.34
CA ASN G 121 8.37 11.06 8.57
CA ASN G 121 8.34 11.07 8.57
C ASN G 121 7.93 9.60 8.48
N VAL G 122 7.71 9.09 7.27
CA VAL G 122 7.36 7.68 7.08
C VAL G 122 8.66 6.87 7.02
N PHE G 123 8.75 5.85 7.87
CA PHE G 123 9.93 5.01 7.99
C PHE G 123 9.54 3.54 8.09
N PRO G 124 10.24 2.66 7.39
CA PRO G 124 10.05 1.22 7.62
C PRO G 124 10.78 0.79 8.88
N PRO G 125 10.48 -0.38 9.43
CA PRO G 125 11.15 -0.81 10.66
C PRO G 125 12.54 -1.37 10.39
N GLU G 126 13.37 -1.27 11.42
CA GLU G 126 14.65 -1.96 11.48
C GLU G 126 14.47 -3.19 12.37
N VAL G 127 14.77 -4.36 11.83
CA VAL G 127 14.45 -5.63 12.48
C VAL G 127 15.74 -6.34 12.86
N ALA G 128 15.83 -6.77 14.12
CA ALA G 128 16.97 -7.51 14.62
C ALA G 128 16.49 -8.64 15.52
N VAL G 129 17.22 -9.75 15.50
CA VAL G 129 16.94 -10.91 16.34
C VAL G 129 18.08 -11.07 17.33
N PHE G 130 17.73 -11.40 18.57
CA PHE G 130 18.70 -11.58 19.64
C PHE G 130 18.55 -12.98 20.22
N GLU G 131 19.64 -13.72 20.26
CA GLU G 131 19.64 -15.14 20.60
C GLU G 131 19.56 -15.34 22.11
N PRO G 132 19.10 -16.52 22.55
CA PRO G 132 18.79 -16.71 23.97
C PRO G 132 20.02 -16.63 24.87
N SER G 133 19.76 -16.24 26.12
CA SER G 133 20.80 -16.22 27.14
C SER G 133 21.19 -17.64 27.53
N GLU G 134 22.50 -17.90 27.58
CA GLU G 134 22.97 -19.19 28.07
C GLU G 134 22.60 -19.40 29.53
N ALA G 135 22.49 -18.31 30.30
CA ALA G 135 22.08 -18.43 31.69
C ALA G 135 20.63 -18.88 31.79
N GLU G 136 19.76 -18.40 30.91
CA GLU G 136 18.37 -18.86 30.91
C GLU G 136 18.28 -20.34 30.59
N ILE G 137 19.07 -20.80 29.61
CA ILE G 137 18.99 -22.19 29.16
C ILE G 137 19.34 -23.15 30.30
N SER G 138 20.44 -22.86 31.01
CA SER G 138 20.85 -23.75 32.09
C SER G 138 19.97 -23.63 33.32
N HIS G 139 19.32 -22.48 33.52
CA HIS G 139 18.51 -22.26 34.72
C HIS G 139 17.08 -22.75 34.55
N THR G 140 16.52 -22.65 33.35
CA THR G 140 15.12 -22.97 33.11
C THR G 140 14.88 -24.06 32.09
N GLN G 141 15.92 -24.51 31.37
CA GLN G 141 15.77 -25.49 30.30
C GLN G 141 14.88 -24.97 29.18
N LYS G 142 14.77 -23.65 29.07
CA LYS G 142 14.04 -23.00 28.00
C LYS G 142 14.92 -21.91 27.40
N ALA G 143 14.56 -21.49 26.18
CA ALA G 143 15.34 -20.51 25.44
C ALA G 143 14.39 -19.50 24.80
N THR G 144 14.60 -18.22 25.12
CA THR G 144 13.75 -17.13 24.63
C THR G 144 14.54 -16.30 23.63
N LEU G 145 14.05 -16.27 22.39
CA LEU G 145 14.55 -15.33 21.39
C LEU G 145 13.68 -14.08 21.39
N VAL G 146 14.30 -12.94 21.11
CA VAL G 146 13.59 -11.66 21.08
C VAL G 146 13.84 -10.99 19.73
N CYS G 147 12.77 -10.46 19.16
CA CYS G 147 12.81 -9.70 17.92
C CYS G 147 12.42 -8.26 18.21
N LEU G 148 13.23 -7.31 17.75
CA LEU G 148 12.97 -5.89 17.93
C LEU G 148 12.77 -5.24 16.57
N ALA G 149 11.62 -4.60 16.39
CA ALA G 149 11.33 -3.80 15.20
C ALA G 149 11.21 -2.36 15.66
N THR G 150 12.15 -1.52 15.24
CA THR G 150 12.31 -0.19 15.80
C THR G 150 12.37 0.88 14.70
N GLY G 151 11.89 2.07 15.05
CA GLY G 151 12.04 3.22 14.19
C GLY G 151 11.06 3.32 13.03
N PHE G 152 9.92 2.63 13.10
CA PHE G 152 8.97 2.65 12.01
C PHE G 152 7.85 3.65 12.27
N TYR G 153 7.26 4.13 11.19
CA TYR G 153 6.17 5.10 11.24
C TYR G 153 5.47 5.14 9.88
N PRO G 154 4.13 5.07 9.84
CA PRO G 154 3.26 4.91 11.01
C PRO G 154 3.15 3.47 11.50
N ASP G 155 2.33 3.25 12.52
CA ASP G 155 2.15 1.92 13.11
C ASP G 155 1.32 1.02 12.20
N HIS G 156 1.86 0.66 11.04
CA HIS G 156 1.22 -0.24 10.10
C HIS G 156 2.15 -1.42 9.86
N VAL G 157 2.30 -2.29 10.86
CA VAL G 157 3.21 -3.42 10.78
C VAL G 157 2.50 -4.71 11.19
N GLU G 158 3.00 -5.83 10.68
CA GLU G 158 2.56 -7.16 11.06
C GLU G 158 3.80 -8.02 11.29
N LEU G 159 3.98 -8.49 12.51
CA LEU G 159 5.15 -9.26 12.91
C LEU G 159 4.78 -10.73 13.02
N SER G 160 5.62 -11.60 12.46
CA SER G 160 5.40 -13.03 12.51
C SER G 160 6.74 -13.74 12.70
N TRP G 161 6.68 -14.88 13.40
CA TRP G 161 7.84 -15.74 13.59
C TRP G 161 7.75 -16.94 12.65
N TRP G 162 8.90 -17.38 12.15
CA TRP G 162 8.98 -18.51 11.24
C TRP G 162 10.05 -19.47 11.74
N VAL G 163 9.65 -20.71 12.00
CA VAL G 163 10.56 -21.75 12.46
C VAL G 163 10.62 -22.82 11.37
N ASN G 164 11.81 -23.01 10.80
CA ASN G 164 12.05 -24.00 9.75
C ASN G 164 11.09 -23.80 8.58
N GLY G 165 10.88 -22.54 8.20
CA GLY G 165 10.10 -22.21 7.03
C GLY G 165 8.61 -22.13 7.24
N LYS G 166 8.11 -22.45 8.43
CA LYS G 166 6.68 -22.41 8.72
C LYS G 166 6.40 -21.40 9.83
N GLU G 167 5.30 -20.68 9.70
CA GLU G 167 4.93 -19.71 10.72
C GLU G 167 4.42 -20.41 11.97
N VAL G 168 4.84 -19.93 13.13
CA VAL G 168 4.47 -20.50 14.41
C VAL G 168 3.76 -19.45 15.25
N HIS G 169 2.92 -19.91 16.17
CA HIS G 169 2.19 -19.03 17.07
C HIS G 169 2.35 -19.48 18.52
N SER G 170 2.55 -20.77 18.72
CA SER G 170 2.77 -21.29 20.07
C SER G 170 4.11 -20.80 20.62
N GLY G 171 4.08 -20.36 21.87
CA GLY G 171 5.26 -19.80 22.50
C GLY G 171 5.64 -18.42 22.03
N VAL G 172 4.73 -17.71 21.37
CA VAL G 172 4.99 -16.38 20.83
C VAL G 172 4.19 -15.35 21.62
N CYS G 173 4.83 -14.24 21.94
CA CYS G 173 4.17 -13.09 22.55
CA CYS G 173 4.14 -13.09 22.51
C CYS G 173 4.68 -11.83 21.85
N THR G 174 3.77 -11.01 21.34
CA THR G 174 4.11 -9.75 20.70
C THR G 174 3.38 -8.63 21.43
N ASP G 175 4.08 -7.52 21.65
CA ASP G 175 3.45 -6.38 22.31
C ASP G 175 2.15 -6.01 21.61
N PRO G 176 1.03 -5.96 22.32
CA PRO G 176 -0.22 -5.53 21.67
C PRO G 176 -0.18 -4.10 21.18
N GLN G 177 0.53 -3.22 21.88
CA GLN G 177 0.70 -1.84 21.47
C GLN G 177 2.18 -1.51 21.33
N PRO G 178 2.56 -0.77 20.29
CA PRO G 178 3.95 -0.35 20.16
C PRO G 178 4.28 0.79 21.11
N LEU G 179 5.57 0.95 21.37
CA LEU G 179 6.02 2.06 22.19
CA LEU G 179 6.08 2.04 22.19
C LEU G 179 6.49 3.22 21.32
N LYS G 180 6.24 4.43 21.80
CA LYS G 180 6.75 5.62 21.14
C LYS G 180 8.19 5.83 21.58
N GLU G 181 9.11 5.86 20.62
CA GLU G 181 10.51 6.06 20.95
C GLU G 181 10.77 7.44 21.55
N GLN G 182 9.90 8.41 21.27
CA GLN G 182 9.94 9.72 21.92
C GLN G 182 8.53 10.10 22.29
N PRO G 183 8.06 9.68 23.46
CA PRO G 183 6.63 9.81 23.79
C PRO G 183 6.13 11.25 23.85
N ALA G 184 7.03 12.23 23.95
CA ALA G 184 6.61 13.63 23.99
C ALA G 184 6.31 14.20 22.62
N LEU G 185 6.63 13.48 21.55
CA LEU G 185 6.43 13.95 20.19
C LEU G 185 5.13 13.41 19.61
N ASN G 186 4.46 14.23 18.81
CA ASN G 186 3.22 13.80 18.15
C ASN G 186 3.50 12.88 16.97
N ASP G 187 4.66 13.02 16.34
CA ASP G 187 5.04 12.21 15.18
C ASP G 187 6.14 11.20 15.52
N SER G 188 6.16 10.73 16.75
CA SER G 188 7.22 9.84 17.20
C SER G 188 7.19 8.51 16.46
N ARG G 189 8.37 8.04 16.07
CA ARG G 189 8.49 6.72 15.48
C ARG G 189 8.31 5.65 16.55
N TYR G 190 8.06 4.42 16.12
CA TYR G 190 7.58 3.37 17.00
C TYR G 190 8.59 2.24 17.13
N ALA G 191 8.43 1.46 18.20
CA ALA G 191 9.19 0.25 18.44
C ALA G 191 8.25 -0.85 18.88
N LEU G 192 8.58 -2.08 18.51
CA LEU G 192 7.76 -3.24 18.81
C LEU G 192 8.67 -4.42 19.14
N SER G 193 8.37 -5.14 20.21
CA SER G 193 9.15 -6.29 20.62
C SER G 193 8.29 -7.54 20.61
N SER G 194 8.92 -8.67 20.33
CA SER G 194 8.26 -9.97 20.34
C SER G 194 9.23 -11.01 20.88
N ARG G 195 8.68 -12.03 21.53
CA ARG G 195 9.48 -13.14 22.02
C ARG G 195 8.96 -14.46 21.46
N LEU G 196 9.89 -15.37 21.21
CA LEU G 196 9.58 -16.76 20.88
C LEU G 196 10.35 -17.64 21.87
N ARG G 197 9.64 -18.36 22.71
CA ARG G 197 10.25 -19.20 23.72
C ARG G 197 10.10 -20.66 23.32
N VAL G 198 11.21 -21.37 23.25
CA VAL G 198 11.24 -22.79 22.91
C VAL G 198 11.99 -23.53 24.01
N SER G 199 11.90 -24.86 23.96
CA SER G 199 12.66 -25.67 24.90
C SER G 199 14.15 -25.61 24.56
N ALA G 200 14.98 -25.88 25.57
CA ALA G 200 16.42 -25.88 25.36
C ALA G 200 16.83 -26.92 24.32
N THR G 201 16.14 -28.06 24.30
CA THR G 201 16.47 -29.10 23.33
C THR G 201 16.20 -28.64 21.90
N PHE G 202 15.10 -27.92 21.68
CA PHE G 202 14.80 -27.42 20.35
C PHE G 202 15.82 -26.38 19.90
N TRP G 203 16.24 -25.52 20.83
CA TRP G 203 17.22 -24.49 20.48
C TRP G 203 18.59 -25.09 20.22
N GLN G 204 18.92 -26.20 20.88
CA GLN G 204 20.26 -26.78 20.76
C GLN G 204 20.40 -27.71 19.57
N ASN G 205 19.37 -27.85 18.75
CA ASN G 205 19.51 -28.56 17.47
C ASN G 205 20.06 -27.59 16.43
N PRO G 206 21.25 -27.85 15.87
CA PRO G 206 21.88 -26.85 14.99
C PRO G 206 21.20 -26.65 13.65
N ARG G 207 20.28 -27.53 13.26
N ARG G 207 20.27 -27.53 13.26
CA ARG G 207 19.59 -27.39 11.97
CA ARG G 207 19.58 -27.41 11.98
C ARG G 207 18.29 -26.61 12.08
C ARG G 207 18.21 -26.76 12.10
N ASN G 208 17.83 -26.29 13.29
CA ASN G 208 16.60 -25.54 13.45
C ASN G 208 16.82 -24.09 13.08
N HIS G 209 15.90 -23.53 12.30
CA HIS G 209 16.04 -22.18 11.77
C HIS G 209 14.95 -21.28 12.35
N PHE G 210 15.34 -20.07 12.74
CA PHE G 210 14.44 -19.10 13.36
C PHE G 210 14.50 -17.80 12.58
N ARG G 211 13.33 -17.24 12.29
CA ARG G 211 13.26 -15.98 11.54
CA ARG G 211 13.26 -15.98 11.54
C ARG G 211 12.08 -15.18 12.02
N CYS G 212 12.31 -13.90 12.32
CA CYS G 212 11.26 -12.94 12.64
CA CYS G 212 11.22 -12.97 12.62
C CYS G 212 11.04 -12.02 11.44
N GLN G 213 9.79 -11.87 11.03
CA GLN G 213 9.43 -11.17 9.82
C GLN G 213 8.45 -10.05 10.16
N VAL G 214 8.68 -8.87 9.59
CA VAL G 214 7.81 -7.71 9.83
C VAL G 214 7.35 -7.17 8.49
N GLN G 215 6.06 -7.31 8.21
CA GLN G 215 5.47 -6.70 7.03
C GLN G 215 5.12 -5.26 7.34
N PHE G 216 5.71 -4.33 6.59
CA PHE G 216 5.45 -2.90 6.75
C PHE G 216 4.60 -2.41 5.59
N TYR G 217 3.56 -1.65 5.90
CA TYR G 217 2.68 -1.06 4.90
C TYR G 217 2.99 0.42 4.79
N GLY G 218 3.53 0.84 3.64
CA GLY G 218 3.94 2.22 3.46
C GLY G 218 3.50 2.79 2.13
N LEU G 219 4.44 3.38 1.40
CA LEU G 219 4.11 4.09 0.17
C LEU G 219 4.01 3.12 -1.01
N SER G 220 3.37 3.59 -2.07
CA SER G 220 3.26 2.87 -3.33
C SER G 220 3.90 3.70 -4.44
N GLU G 221 3.86 3.16 -5.66
CA GLU G 221 4.54 3.80 -6.78
C GLU G 221 3.98 5.19 -7.07
N ASN G 222 2.68 5.40 -6.86
CA ASN G 222 2.05 6.66 -7.18
C ASN G 222 2.37 7.77 -6.17
N ASP G 223 2.86 7.41 -4.99
CA ASP G 223 3.21 8.42 -4.00
C ASP G 223 4.48 9.16 -4.40
N GLU G 224 4.45 10.49 -4.28
CA GLU G 224 5.59 11.31 -4.64
C GLU G 224 6.62 11.30 -3.51
N TRP G 225 7.89 11.10 -3.87
CA TRP G 225 8.97 11.06 -2.90
C TRP G 225 10.08 12.01 -3.33
N THR G 226 10.52 12.86 -2.41
CA THR G 226 11.55 13.85 -2.70
C THR G 226 12.70 13.85 -1.71
N GLN G 227 12.70 12.95 -0.73
CA GLN G 227 13.75 12.94 0.27
C GLN G 227 15.01 12.26 -0.25
N ASP G 228 16.12 12.50 0.45
CA ASP G 228 17.39 11.92 0.04
C ASP G 228 17.49 10.44 0.40
N ARG G 229 16.76 10.00 1.43
CA ARG G 229 16.80 8.60 1.80
C ARG G 229 15.89 7.78 0.88
N ALA G 230 15.96 6.46 1.05
CA ALA G 230 15.20 5.56 0.20
C ALA G 230 13.70 5.71 0.44
N LYS G 231 12.92 5.59 -0.63
CA LYS G 231 11.47 5.70 -0.54
C LYS G 231 10.91 4.58 0.32
N PRO G 232 10.19 4.88 1.41
CA PRO G 232 9.70 3.85 2.36
C PRO G 232 8.46 3.12 1.85
N VAL G 233 8.66 2.29 0.83
CA VAL G 233 7.57 1.56 0.21
C VAL G 233 7.11 0.41 1.10
N THR G 234 5.97 -0.18 0.76
CA THR G 234 5.51 -1.39 1.42
C THR G 234 6.53 -2.50 1.21
N GLN G 235 6.96 -3.13 2.31
CA GLN G 235 8.06 -4.08 2.21
C GLN G 235 8.05 -5.01 3.42
N ILE G 236 8.81 -6.10 3.28
CA ILE G 236 9.02 -7.08 4.33
C ILE G 236 10.47 -6.96 4.79
N VAL G 237 10.67 -6.71 6.08
CA VAL G 237 12.00 -6.67 6.70
C VAL G 237 12.08 -7.83 7.68
N SER G 238 13.17 -8.58 7.62
CA SER G 238 13.29 -9.78 8.44
C SER G 238 14.71 -9.93 8.95
N ALA G 239 14.85 -10.79 9.96
CA ALA G 239 16.14 -11.16 10.53
C ALA G 239 16.02 -12.59 11.03
N GLU G 240 17.14 -13.32 10.98
CA GLU G 240 17.12 -14.75 11.22
C GLU G 240 18.15 -15.15 12.26
N ALA G 241 18.07 -16.41 12.68
CA ALA G 241 19.02 -17.00 13.63
C ALA G 241 18.93 -18.51 13.52
N TRP G 242 20.07 -19.16 13.76
CA TRP G 242 20.15 -20.61 13.78
C TRP G 242 20.36 -21.12 15.19
N GLY G 243 19.78 -22.27 15.50
CA GLY G 243 20.08 -22.92 16.76
C GLY G 243 21.53 -23.34 16.83
N ARG G 244 22.05 -23.43 18.05
CA ARG G 244 23.45 -23.76 18.26
C ARG G 244 23.58 -24.77 19.38
N ALA G 245 24.58 -25.63 19.26
CA ALA G 245 24.83 -26.67 20.25
C ALA G 245 26.16 -26.45 20.95
N MET H 1 -59.99 -17.01 -3.58
CA MET H 1 -59.83 -16.08 -2.47
C MET H 1 -61.14 -15.32 -2.23
N ILE H 2 -61.34 -14.85 -1.01
CA ILE H 2 -62.55 -14.14 -0.63
C ILE H 2 -62.40 -12.67 -0.99
N GLN H 3 -63.30 -12.18 -1.83
CA GLN H 3 -63.36 -10.77 -2.20
C GLN H 3 -64.65 -10.18 -1.63
N ARG H 4 -64.53 -9.00 -1.01
CA ARG H 4 -65.64 -8.37 -0.32
C ARG H 4 -66.10 -7.15 -1.11
N THR H 5 -67.41 -7.10 -1.39
CA THR H 5 -68.00 -6.02 -2.16
C THR H 5 -68.11 -4.75 -1.30
N PRO H 6 -68.01 -3.57 -1.91
CA PRO H 6 -68.08 -2.34 -1.12
C PRO H 6 -69.49 -1.99 -0.69
N LYS H 7 -69.59 -1.41 0.51
CA LYS H 7 -70.84 -0.84 0.99
C LYS H 7 -70.84 0.66 0.68
N ILE H 8 -71.92 1.12 0.04
CA ILE H 8 -72.00 2.47 -0.49
C ILE H 8 -73.10 3.22 0.25
N GLN H 9 -72.75 4.39 0.79
CA GLN H 9 -73.69 5.22 1.54
C GLN H 9 -73.53 6.66 1.08
N VAL H 10 -74.62 7.25 0.59
CA VAL H 10 -74.65 8.62 0.08
C VAL H 10 -75.45 9.47 1.05
N TYR H 11 -74.89 10.61 1.45
CA TYR H 11 -75.49 11.45 2.46
C TYR H 11 -74.86 12.82 2.40
N SER H 12 -75.51 13.79 3.05
CA SER H 12 -75.02 15.16 3.11
C SER H 12 -74.29 15.40 4.41
N ARG H 13 -73.37 16.37 4.39
CA ARG H 13 -72.62 16.71 5.59
C ARG H 13 -73.54 17.21 6.69
N HIS H 14 -74.39 18.17 6.38
CA HIS H 14 -75.39 18.71 7.28
C HIS H 14 -76.77 18.24 6.86
N PRO H 15 -77.77 18.38 7.73
CA PRO H 15 -79.16 18.15 7.30
C PRO H 15 -79.52 19.03 6.13
N ALA H 16 -79.88 18.40 5.01
CA ALA H 16 -80.07 19.13 3.76
C ALA H 16 -81.31 20.01 3.83
N GLU H 17 -81.18 21.23 3.33
CA GLU H 17 -82.29 22.15 3.18
C GLU H 17 -82.13 22.89 1.86
N ASN H 18 -83.20 22.95 1.07
CA ASN H 18 -83.13 23.50 -0.27
C ASN H 18 -82.62 24.94 -0.26
N GLY H 19 -81.68 25.22 -1.16
CA GLY H 19 -81.14 26.55 -1.32
C GLY H 19 -79.96 26.89 -0.42
N LYS H 20 -79.52 25.95 0.41
CA LYS H 20 -78.42 26.19 1.34
C LYS H 20 -77.25 25.29 0.99
N SER H 21 -76.07 25.90 0.82
CA SER H 21 -74.88 25.16 0.40
C SER H 21 -74.56 24.06 1.40
N ASN H 22 -74.13 22.91 0.88
CA ASN H 22 -73.87 21.74 1.70
C ASN H 22 -72.73 20.96 1.06
N PHE H 23 -72.53 19.72 1.52
CA PHE H 23 -71.54 18.81 0.96
C PHE H 23 -72.18 17.45 0.77
N LEU H 24 -72.02 16.88 -0.43
CA LEU H 24 -72.53 15.56 -0.76
C LEU H 24 -71.43 14.51 -0.55
N ASN H 25 -71.64 13.62 0.41
CA ASN H 25 -70.67 12.59 0.74
C ASN H 25 -71.06 11.25 0.12
N CYS H 26 -70.06 10.48 -0.31
CA CYS H 26 -70.23 9.08 -0.68
C CYS H 26 -69.16 8.29 0.06
N TYR H 27 -69.58 7.54 1.07
CA TYR H 27 -68.67 6.75 1.91
C TYR H 27 -68.68 5.32 1.41
N VAL H 28 -67.54 4.87 0.88
CA VAL H 28 -67.39 3.53 0.34
C VAL H 28 -66.48 2.76 1.28
N SER H 29 -66.96 1.62 1.79
CA SER H 29 -66.25 0.93 2.86
C SER H 29 -66.46 -0.58 2.74
N GLY H 30 -65.63 -1.31 3.49
CA GLY H 30 -65.77 -2.75 3.63
C GLY H 30 -65.33 -3.58 2.46
N PHE H 31 -64.65 -2.99 1.48
CA PHE H 31 -64.28 -3.70 0.26
C PHE H 31 -62.85 -4.22 0.33
N HIS H 32 -62.59 -5.21 -0.52
CA HIS H 32 -61.27 -5.83 -0.67
C HIS H 32 -61.25 -6.59 -1.99
N PRO H 33 -60.22 -6.41 -2.84
CA PRO H 33 -59.02 -5.59 -2.65
C PRO H 33 -59.25 -4.08 -2.78
N SER H 34 -58.15 -3.32 -2.91
CA SER H 34 -58.18 -1.87 -2.76
C SER H 34 -58.52 -1.10 -4.03
N ASP H 35 -58.32 -1.69 -5.20
CA ASP H 35 -58.64 -0.99 -6.44
C ASP H 35 -60.13 -0.76 -6.55
N ILE H 36 -60.52 0.49 -6.78
CA ILE H 36 -61.94 0.86 -6.81
C ILE H 36 -62.08 2.17 -7.57
N GLU H 37 -63.26 2.37 -8.16
CA GLU H 37 -63.55 3.56 -8.95
C GLU H 37 -64.85 4.17 -8.45
N VAL H 38 -64.81 5.46 -8.12
CA VAL H 38 -65.94 6.17 -7.53
C VAL H 38 -66.15 7.47 -8.29
N ASP H 39 -67.40 7.75 -8.65
CA ASP H 39 -67.77 9.00 -9.29
C ASP H 39 -69.09 9.49 -8.72
N LEU H 40 -69.17 10.79 -8.45
CA LEU H 40 -70.41 11.41 -8.00
C LEU H 40 -71.19 11.89 -9.22
N LEU H 41 -72.48 11.60 -9.23
CA LEU H 41 -73.34 11.91 -10.38
C LEU H 41 -74.35 12.99 -10.01
N LYS H 42 -74.56 13.91 -10.93
CA LYS H 42 -75.63 14.91 -10.84
C LYS H 42 -76.50 14.80 -12.08
N ASN H 43 -77.76 14.41 -11.88
CA ASN H 43 -78.70 14.20 -12.98
C ASN H 43 -78.18 13.19 -13.99
N GLY H 44 -77.42 12.20 -13.52
CA GLY H 44 -76.84 11.20 -14.39
C GLY H 44 -75.48 11.55 -14.96
N GLU H 45 -75.04 12.80 -14.83
CA GLU H 45 -73.74 13.23 -15.33
C GLU H 45 -72.73 13.30 -14.20
N ARG H 46 -71.47 13.02 -14.52
CA ARG H 46 -70.41 12.98 -13.52
C ARG H 46 -69.98 14.39 -13.14
N ILE H 47 -69.81 14.61 -11.83
CA ILE H 47 -69.31 15.87 -11.32
C ILE H 47 -67.79 15.87 -11.42
N GLU H 48 -67.22 17.01 -11.83
CA GLU H 48 -65.78 17.09 -12.07
C GLU H 48 -65.02 17.35 -10.76
N LYS H 49 -65.29 18.48 -10.11
CA LYS H 49 -64.55 18.88 -8.91
C LYS H 49 -65.05 18.04 -7.73
N VAL H 50 -64.56 16.80 -7.67
CA VAL H 50 -64.89 15.87 -6.60
C VAL H 50 -63.59 15.51 -5.87
N GLU H 51 -63.57 15.76 -4.57
CA GLU H 51 -62.41 15.44 -3.74
C GLU H 51 -62.63 14.12 -3.02
N HIS H 52 -61.53 13.54 -2.53
CA HIS H 52 -61.61 12.28 -1.82
C HIS H 52 -60.43 12.13 -0.89
N SER H 53 -60.66 11.45 0.23
CA SER H 53 -59.59 11.17 1.17
C SER H 53 -58.66 10.09 0.63
N ASP H 54 -57.52 9.93 1.31
CA ASP H 54 -56.61 8.85 0.97
C ASP H 54 -57.23 7.51 1.35
N LEU H 55 -56.72 6.45 0.72
CA LEU H 55 -57.15 5.10 1.06
C LEU H 55 -56.91 4.83 2.53
N SER H 56 -57.93 4.30 3.21
CA SER H 56 -57.87 4.08 4.64
C SER H 56 -58.07 2.60 4.95
N PHE H 57 -57.52 2.17 6.08
CA PHE H 57 -57.48 0.76 6.45
C PHE H 57 -58.31 0.51 7.70
N SER H 58 -59.03 -0.61 7.70
CA SER H 58 -59.84 -1.03 8.84
C SER H 58 -59.19 -2.23 9.53
N LYS H 59 -59.63 -2.48 10.77
CA LYS H 59 -59.05 -3.56 11.55
C LYS H 59 -59.32 -4.92 10.93
N ASP H 60 -60.44 -5.07 10.22
CA ASP H 60 -60.82 -6.34 9.61
C ASP H 60 -60.19 -6.55 8.24
N TRP H 61 -59.16 -5.76 7.90
CA TRP H 61 -58.35 -5.83 6.68
C TRP H 61 -59.05 -5.23 5.46
N SER H 62 -60.27 -4.72 5.59
CA SER H 62 -60.93 -4.05 4.48
C SER H 62 -60.51 -2.58 4.41
N PHE H 63 -60.95 -1.90 3.36
CA PHE H 63 -60.57 -0.52 3.11
C PHE H 63 -61.79 0.36 2.99
N TYR H 64 -61.60 1.66 3.21
CA TYR H 64 -62.70 2.60 3.06
C TYR H 64 -62.19 3.92 2.49
N LEU H 65 -63.10 4.65 1.86
CA LEU H 65 -62.82 5.92 1.20
C LEU H 65 -64.02 6.83 1.35
N LEU H 66 -63.76 8.14 1.38
CA LEU H 66 -64.80 9.16 1.42
C LEU H 66 -64.65 10.07 0.20
N TYR H 67 -65.64 10.05 -0.68
CA TYR H 67 -65.71 10.96 -1.81
C TYR H 67 -66.77 12.02 -1.52
N TYR H 68 -66.45 13.27 -1.86
CA TYR H 68 -67.34 14.37 -1.53
C TYR H 68 -67.18 15.51 -2.53
N THR H 69 -68.20 16.35 -2.59
CA THR H 69 -68.17 17.57 -3.39
C THR H 69 -69.16 18.56 -2.79
N GLU H 70 -68.82 19.85 -2.93
CA GLU H 70 -69.69 20.89 -2.44
C GLU H 70 -70.83 21.13 -3.41
N PHE H 71 -72.02 21.39 -2.88
CA PHE H 71 -73.21 21.56 -3.71
C PHE H 71 -74.26 22.34 -2.92
N THR H 72 -75.25 22.83 -3.64
CA THR H 72 -76.43 23.43 -3.05
C THR H 72 -77.65 22.63 -3.50
N PRO H 73 -78.30 21.88 -2.61
CA PRO H 73 -79.40 21.02 -3.06
C PRO H 73 -80.65 21.81 -3.41
N THR H 74 -81.26 21.43 -4.52
CA THR H 74 -82.54 21.96 -4.96
C THR H 74 -83.58 20.85 -4.90
N GLU H 75 -84.72 21.07 -5.55
CA GLU H 75 -85.77 20.06 -5.60
C GLU H 75 -85.80 19.28 -6.91
N LYS H 76 -85.23 19.83 -7.98
CA LYS H 76 -85.26 19.17 -9.28
C LYS H 76 -84.04 18.29 -9.54
N ASP H 77 -82.90 18.62 -8.96
CA ASP H 77 -81.65 17.92 -9.24
C ASP H 77 -81.52 16.69 -8.35
N GLU H 78 -81.22 15.55 -8.97
CA GLU H 78 -81.00 14.29 -8.27
C GLU H 78 -79.52 13.96 -8.26
N TYR H 79 -79.03 13.48 -7.12
CA TYR H 79 -77.62 13.15 -6.94
C TYR H 79 -77.47 11.67 -6.63
N ALA H 80 -76.33 11.11 -7.04
CA ALA H 80 -76.07 9.69 -6.86
C ALA H 80 -74.57 9.44 -6.85
N CYS H 81 -74.19 8.26 -6.39
CA CYS H 81 -72.80 7.83 -6.34
C CYS H 81 -72.65 6.55 -7.16
N ARG H 82 -71.66 6.53 -8.05
CA ARG H 82 -71.41 5.40 -8.94
C ARG H 82 -70.08 4.77 -8.58
N VAL H 83 -70.09 3.50 -8.22
CA VAL H 83 -68.91 2.78 -7.75
C VAL H 83 -68.73 1.53 -8.59
N ASN H 84 -67.49 1.28 -9.03
CA ASN H 84 -67.13 0.08 -9.76
C ASN H 84 -66.01 -0.65 -9.02
N HIS H 85 -66.12 -1.98 -8.95
CA HIS H 85 -65.20 -2.79 -8.18
C HIS H 85 -65.07 -4.14 -8.88
N VAL H 86 -64.01 -4.88 -8.52
CA VAL H 86 -63.79 -6.19 -9.12
C VAL H 86 -64.93 -7.14 -8.77
N THR H 87 -65.53 -6.98 -7.60
CA THR H 87 -66.66 -7.80 -7.18
C THR H 87 -67.96 -7.42 -7.87
N LEU H 88 -67.96 -6.41 -8.72
CA LEU H 88 -69.17 -5.91 -9.36
C LEU H 88 -69.12 -6.17 -10.86
N SER H 89 -70.19 -6.79 -11.38
CA SER H 89 -70.27 -7.04 -12.82
C SER H 89 -70.44 -5.73 -13.59
N GLN H 90 -71.41 -4.91 -13.18
CA GLN H 90 -71.66 -3.60 -13.74
C GLN H 90 -71.49 -2.55 -12.65
N PRO H 91 -71.22 -1.29 -13.02
CA PRO H 91 -71.13 -0.24 -12.00
C PRO H 91 -72.44 -0.11 -11.24
N LYS H 92 -72.32 0.04 -9.92
CA LYS H 92 -73.47 0.16 -9.03
C LYS H 92 -73.73 1.62 -8.71
N ILE H 93 -74.97 2.06 -8.87
CA ILE H 93 -75.37 3.43 -8.63
C ILE H 93 -76.31 3.48 -7.43
N VAL H 94 -75.98 4.31 -6.45
CA VAL H 94 -76.79 4.50 -5.26
C VAL H 94 -77.22 5.96 -5.23
N LYS H 95 -78.53 6.19 -5.20
CA LYS H 95 -79.08 7.54 -5.22
C LYS H 95 -79.13 8.12 -3.81
N TRP H 96 -78.96 9.45 -3.73
CA TRP H 96 -79.01 10.16 -2.47
C TRP H 96 -80.46 10.33 -2.05
N ASP H 97 -80.89 9.57 -1.04
CA ASP H 97 -82.26 9.65 -0.54
C ASP H 97 -82.34 10.63 0.62
N ARG H 98 -83.40 11.45 0.61
CA ARG H 98 -83.53 12.53 1.57
C ARG H 98 -84.94 12.58 2.16
N YC6 I . -43.85 2.68 12.45
N YC6 I . -43.91 2.65 12.40
C YC6 I . -43.78 5.58 10.08
C YC6 I . -43.79 5.56 10.04
C1 YC6 I . -43.97 4.25 10.64
C1 YC6 I . -44.00 4.23 10.59
C2 YC6 I . -43.66 3.94 11.93
C2 YC6 I . -43.70 3.92 11.88
C3 YC6 I . -43.54 2.39 13.87
C3 YC6 I . -43.62 2.38 13.83
C4 YC6 I . -44.06 3.44 14.84
C4 YC6 I . -42.15 2.16 14.14
C5 YC6 I . -42.83 4.02 15.55
C5 YC6 I . -41.71 3.49 14.72
C6 YC6 I . -41.66 3.51 14.72
C6 YC6 I . -42.97 4.01 15.39
C7 YC6 I . -40.44 3.16 15.53
C7 YC6 I . -43.08 5.51 15.47
C8 YC6 I . -44.36 1.64 11.68
C8 YC6 I . -44.43 1.63 11.63
C9 YC6 I . -44.52 3.21 9.78
C9 YC6 I . -44.56 3.20 9.73
N1 YC6 I . -44.67 1.98 10.39
N1 YC6 I . -44.71 1.98 10.33
O1 YC6 I . -42.88 5.44 15.53
O1 YC6 I . -40.67 3.32 15.69
O2 YC6 I . -40.73 2.11 16.45
O2 YC6 I . -42.89 6.10 14.19
O3 YC6 I . -42.13 2.35 14.01
O3 YC6 I . -44.06 3.49 14.59
O4 YC6 I . -44.54 0.52 12.13
O4 YC6 I . -44.60 0.50 12.06
O5 YC6 I . -44.85 3.35 8.60
O5 YC6 I . -44.89 3.36 8.55
C1 GOL J . -70.63 21.84 17.76
O1 GOL J . -69.71 21.68 18.79
C2 GOL J . -71.98 22.20 18.41
O2 GOL J . -72.86 22.78 17.50
C3 GOL J . -72.53 20.87 18.98
O3 GOL J . -71.44 20.18 19.51
C ACT K . -55.45 -17.06 3.78
O ACT K . -55.89 -18.21 4.08
OXT ACT K . -54.69 -16.30 4.43
CH3 ACT K . -55.92 -16.49 2.40
C ACT L . -42.66 -1.99 14.44
O ACT L . -43.48 -1.85 13.49
OXT ACT L . -42.15 -1.12 15.18
CH3 ACT L . -42.22 -3.47 14.75
C1 GOL M . -31.76 9.16 -0.44
O1 GOL M . -31.55 7.94 0.19
C2 GOL M . -31.95 10.21 0.67
O2 GOL M . -30.73 10.68 1.14
C3 GOL M . -32.81 11.32 0.03
O3 GOL M . -33.91 10.70 -0.53
CL CL N . -44.41 8.06 12.84
C ACT O . -40.33 7.68 22.16
O ACT O . -41.03 8.66 21.73
OXT ACT O . -40.55 6.45 22.06
CH3 ACT O . -39.03 8.07 22.94
C1 GOL P . -34.22 4.49 28.17
O1 GOL P . -35.52 4.65 27.69
C2 GOL P . -34.06 5.46 29.36
O2 GOL P . -34.28 6.78 28.99
C3 GOL P . -32.62 5.21 29.87
O3 GOL P . -32.72 4.75 31.17
O5' THM Q . 28.61 -11.57 -11.59
C5' THM Q . 27.37 -11.14 -11.05
C4' THM Q . 27.57 -10.05 -10.02
O4' THM Q . 28.29 -10.59 -8.89
C3' THM Q . 28.41 -8.87 -10.50
O3' THM Q . 27.57 -7.87 -11.07
C2' THM Q . 29.05 -8.36 -9.22
C1' THM Q . 29.17 -9.62 -8.36
N1 THM Q . 30.52 -10.20 -8.31
C2 THM Q . 31.27 -9.98 -7.18
O2 THM Q . 30.91 -9.28 -6.26
N3 THM Q . 32.49 -10.64 -7.15
C4 THM Q . 33.03 -11.46 -8.13
O4 THM Q . 34.12 -11.99 -7.95
C5 THM Q . 32.19 -11.62 -9.31
C5M THM Q . 32.67 -12.45 -10.40
C6 THM Q . 30.99 -10.99 -9.35
C1 GOL R . 32.50 2.27 17.56
O1 GOL R . 31.90 1.03 17.76
C2 GOL R . 31.99 3.22 18.67
O2 GOL R . 30.60 3.21 18.76
C3 GOL R . 32.54 4.61 18.29
O3 GOL R . 33.93 4.55 18.43
C ACT S . 28.99 -5.99 -5.77
O ACT S . 30.00 -6.64 -5.38
OXT ACT S . 28.19 -6.27 -6.71
CH3 ACT S . 28.66 -4.68 -4.99
C1 GOL T . 33.59 -37.20 11.56
O1 GOL T . 34.60 -37.75 12.36
C2 GOL T . 32.43 -38.22 11.54
O2 GOL T . 32.70 -39.31 10.73
C3 GOL T . 31.22 -37.43 11.04
O3 GOL T . 30.78 -36.64 12.10
C ACT U . 36.18 20.20 -29.37
O ACT U . 37.43 20.35 -29.49
OXT ACT U . 35.52 19.83 -28.35
CH3 ACT U . 35.32 20.52 -30.63
NA NA V . 42.05 -2.26 -32.04
C1 GOL W . 38.76 -38.24 13.67
O1 GOL W . 37.99 -37.80 14.74
C2 GOL W . 37.78 -38.85 12.64
O2 GOL W . 37.65 -38.05 11.52
C3 GOL W . 38.36 -40.24 12.33
O3 GOL W . 37.62 -40.76 11.27
C1 GOL X . 46.92 -25.43 -1.10
O1 GOL X . 47.96 -25.96 -0.34
C2 GOL X . 45.60 -25.82 -0.39
O2 GOL X . 45.39 -27.20 -0.42
C3 GOL X . 44.50 -25.04 -1.15
O3 GOL X . 44.64 -23.71 -0.79
NA NA Y . -20.47 13.86 3.43
#